data_8YK8
# 
_entry.id   8YK8 
# 
_audit_conform.dict_name       mmcif_pdbx.dic 
_audit_conform.dict_version    5.399 
_audit_conform.dict_location   http://mmcif.pdb.org/dictionaries/ascii/mmcif_pdbx.dic 
# 
loop_
_database_2.database_id 
_database_2.database_code 
_database_2.pdbx_database_accession 
_database_2.pdbx_DOI 
PDB   8YK8         pdb_00008yk8 10.2210/pdb8yk8/pdb 
WWPDB D_1300045352 ?            ?                   
# 
_pdbx_audit_revision_history.ordinal             1 
_pdbx_audit_revision_history.data_content_type   'Structure model' 
_pdbx_audit_revision_history.major_revision      1 
_pdbx_audit_revision_history.minor_revision      0 
_pdbx_audit_revision_history.revision_date       2025-01-01 
# 
_pdbx_audit_revision_details.ordinal             1 
_pdbx_audit_revision_details.revision_ordinal    1 
_pdbx_audit_revision_details.data_content_type   'Structure model' 
_pdbx_audit_revision_details.provider            repository 
_pdbx_audit_revision_details.type                'Initial release' 
_pdbx_audit_revision_details.description         ? 
_pdbx_audit_revision_details.details             ? 
# 
_pdbx_database_status.status_code                     REL 
_pdbx_database_status.status_code_sf                  REL 
_pdbx_database_status.status_code_mr                  ? 
_pdbx_database_status.entry_id                        8YK8 
_pdbx_database_status.recvd_initial_deposition_date   2024-03-04 
_pdbx_database_status.SG_entry                        N 
_pdbx_database_status.deposit_site                    PDBJ 
_pdbx_database_status.process_site                    PDBJ 
_pdbx_database_status.status_code_cs                  ? 
_pdbx_database_status.status_code_nmr_data            ? 
_pdbx_database_status.methods_development_category    ? 
_pdbx_database_status.pdb_format_compatible           Y 
# 
_pdbx_database_related.db_name        PDB 
_pdbx_database_related.details        '8YEP is the wildetype' 
_pdbx_database_related.db_id          8YEP 
_pdbx_database_related.content_type   unspecified 
# 
_pdbx_contact_author.id                 2 
_pdbx_contact_author.email              hackwondo@kopri.re.kr 
_pdbx_contact_author.name_first         Hackwon 
_pdbx_contact_author.name_last          Do 
_pdbx_contact_author.name_mi            ? 
_pdbx_contact_author.role               'principal investigator/group leader' 
_pdbx_contact_author.identifier_ORCID   0000-0001-7663-2010 
# 
loop_
_audit_author.name 
_audit_author.pdbx_ordinal 
_audit_author.identifier_ORCID 
'Do, H.'  1 ? 
'Nam, Y.' 2 ? 
# 
_citation.abstract                  ? 
_citation.abstract_id_CAS           ? 
_citation.book_id_ISBN              ? 
_citation.book_publisher            ? 
_citation.book_publisher_city       ? 
_citation.book_title                ? 
_citation.coordinate_linkage        ? 
_citation.country                   UK 
_citation.database_id_Medline       ? 
_citation.details                   ? 
_citation.id                        primary 
_citation.journal_abbrev            Int.J.Biol.Macromol. 
_citation.journal_id_ASTM           IJBMDR 
_citation.journal_id_CSD            0708 
_citation.journal_id_ISSN           0141-8130 
_citation.journal_full              ? 
_citation.journal_issue             ? 
_citation.journal_volume            280 
_citation.language                  ? 
_citation.page_first                136021 
_citation.page_last                 136021 
_citation.title                     
;A structure-based mechanism of adenosylcobinamide kinase/adenosylcobinamide phosphate guanylyltransferase (MpaCobU) from Methylocapsa palsarum.
;
_citation.year                      2024 
_citation.database_id_CSD           ? 
_citation.pdbx_database_id_DOI      10.1016/j.ijbiomac.2024.136021 
_citation.pdbx_database_id_PubMed   39326622 
_citation.pdbx_database_id_patent   ? 
_citation.unpublished_flag          ? 
# 
loop_
_citation_author.citation_id 
_citation_author.name 
_citation_author.ordinal 
_citation_author.identifier_ORCID 
primary 'Nam, Y.'   1 ? 
primary 'Ahn, Y.Y.' 2 ? 
primary 'Kim, B.M.' 3 ? 
primary 'Kim, K.'   4 ? 
primary 'Lee, J.H.' 5 ? 
primary 'Do, H.'    6 ? 
# 
loop_
_entity.id 
_entity.type 
_entity.src_method 
_entity.pdbx_description 
_entity.formula_weight 
_entity.pdbx_number_of_molecules 
_entity.pdbx_ec 
_entity.pdbx_mutation 
_entity.pdbx_fragment 
_entity.details 
1 polymer     man 'Bifunctional adenosylcobalamin biosynthesis protein' 20078.975 1  2.7.1.156,2.7.7.62 ? ? ? 
2 non-polymer syn 'PHOSPHATE ION'                                       94.971    3  ?                  ? ? ? 
3 water       nat water                                                 18.015    87 ?                  ? ? ? 
# 
_entity_poly.entity_id                      1 
_entity_poly.type                           'polypeptide(L)' 
_entity_poly.nstd_linkage                   no 
_entity_poly.nstd_monomer                   no 
_entity_poly.pdbx_seq_one_letter_code       
;GSHMPAGGDPIKSLLVVGGARSGKSRFAQRMAEASGRSLVLIATAQPLDAEMADRISRHAADRDARWTLIEAFFDLGQTL
RREAQPERLLVVDSVTLWLSNLLLRGDDLSPPIKDLARTAARLEGPVIFVSNEVGAGIVPDNALARAFRDAQGMCNQRLA
EACDAVTLVTAGIATQIKPGPEPVFRF
;
_entity_poly.pdbx_seq_one_letter_code_can   
;GSHMPAGGDPIKSLLVVGGARSGKSRFAQRMAEASGRSLVLIATAQPLDAEMADRISRHAADRDARWTLIEAFFDLGQTL
RREAQPERLLVVDSVTLWLSNLLLRGDDLSPPIKDLARTAARLEGPVIFVSNEVGAGIVPDNALARAFRDAQGMCNQRLA
EACDAVTLVTAGIATQIKPGPEPVFRF
;
_entity_poly.pdbx_strand_id                 A 
_entity_poly.pdbx_target_identifier         ? 
# 
loop_
_pdbx_entity_nonpoly.entity_id 
_pdbx_entity_nonpoly.name 
_pdbx_entity_nonpoly.comp_id 
2 'PHOSPHATE ION' PO4 
3 water           HOH 
# 
loop_
_entity_poly_seq.entity_id 
_entity_poly_seq.num 
_entity_poly_seq.mon_id 
_entity_poly_seq.hetero 
1 1   GLY n 
1 2   SER n 
1 3   HIS n 
1 4   MET n 
1 5   PRO n 
1 6   ALA n 
1 7   GLY n 
1 8   GLY n 
1 9   ASP n 
1 10  PRO n 
1 11  ILE n 
1 12  LYS n 
1 13  SER n 
1 14  LEU n 
1 15  LEU n 
1 16  VAL n 
1 17  VAL n 
1 18  GLY n 
1 19  GLY n 
1 20  ALA n 
1 21  ARG n 
1 22  SER n 
1 23  GLY n 
1 24  LYS n 
1 25  SER n 
1 26  ARG n 
1 27  PHE n 
1 28  ALA n 
1 29  GLN n 
1 30  ARG n 
1 31  MET n 
1 32  ALA n 
1 33  GLU n 
1 34  ALA n 
1 35  SER n 
1 36  GLY n 
1 37  ARG n 
1 38  SER n 
1 39  LEU n 
1 40  VAL n 
1 41  LEU n 
1 42  ILE n 
1 43  ALA n 
1 44  THR n 
1 45  ALA n 
1 46  GLN n 
1 47  PRO n 
1 48  LEU n 
1 49  ASP n 
1 50  ALA n 
1 51  GLU n 
1 52  MET n 
1 53  ALA n 
1 54  ASP n 
1 55  ARG n 
1 56  ILE n 
1 57  SER n 
1 58  ARG n 
1 59  HIS n 
1 60  ALA n 
1 61  ALA n 
1 62  ASP n 
1 63  ARG n 
1 64  ASP n 
1 65  ALA n 
1 66  ARG n 
1 67  TRP n 
1 68  THR n 
1 69  LEU n 
1 70  ILE n 
1 71  GLU n 
1 72  ALA n 
1 73  PHE n 
1 74  PHE n 
1 75  ASP n 
1 76  LEU n 
1 77  GLY n 
1 78  GLN n 
1 79  THR n 
1 80  LEU n 
1 81  ARG n 
1 82  ARG n 
1 83  GLU n 
1 84  ALA n 
1 85  GLN n 
1 86  PRO n 
1 87  GLU n 
1 88  ARG n 
1 89  LEU n 
1 90  LEU n 
1 91  VAL n 
1 92  VAL n 
1 93  ASP n 
1 94  SER n 
1 95  VAL n 
1 96  THR n 
1 97  LEU n 
1 98  TRP n 
1 99  LEU n 
1 100 SER n 
1 101 ASN n 
1 102 LEU n 
1 103 LEU n 
1 104 LEU n 
1 105 ARG n 
1 106 GLY n 
1 107 ASP n 
1 108 ASP n 
1 109 LEU n 
1 110 SER n 
1 111 PRO n 
1 112 PRO n 
1 113 ILE n 
1 114 LYS n 
1 115 ASP n 
1 116 LEU n 
1 117 ALA n 
1 118 ARG n 
1 119 THR n 
1 120 ALA n 
1 121 ALA n 
1 122 ARG n 
1 123 LEU n 
1 124 GLU n 
1 125 GLY n 
1 126 PRO n 
1 127 VAL n 
1 128 ILE n 
1 129 PHE n 
1 130 VAL n 
1 131 SER n 
1 132 ASN n 
1 133 GLU n 
1 134 VAL n 
1 135 GLY n 
1 136 ALA n 
1 137 GLY n 
1 138 ILE n 
1 139 VAL n 
1 140 PRO n 
1 141 ASP n 
1 142 ASN n 
1 143 ALA n 
1 144 LEU n 
1 145 ALA n 
1 146 ARG n 
1 147 ALA n 
1 148 PHE n 
1 149 ARG n 
1 150 ASP n 
1 151 ALA n 
1 152 GLN n 
1 153 GLY n 
1 154 MET n 
1 155 CYS n 
1 156 ASN n 
1 157 GLN n 
1 158 ARG n 
1 159 LEU n 
1 160 ALA n 
1 161 GLU n 
1 162 ALA n 
1 163 CYS n 
1 164 ASP n 
1 165 ALA n 
1 166 VAL n 
1 167 THR n 
1 168 LEU n 
1 169 VAL n 
1 170 THR n 
1 171 ALA n 
1 172 GLY n 
1 173 ILE n 
1 174 ALA n 
1 175 THR n 
1 176 GLN n 
1 177 ILE n 
1 178 LYS n 
1 179 PRO n 
1 180 GLY n 
1 181 PRO n 
1 182 GLU n 
1 183 PRO n 
1 184 VAL n 
1 185 PHE n 
1 186 ARG n 
1 187 PHE n 
# 
_entity_src_gen.entity_id                          1 
_entity_src_gen.pdbx_src_id                        1 
_entity_src_gen.pdbx_alt_source_flag               sample 
_entity_src_gen.pdbx_seq_type                      'Biological sequence' 
_entity_src_gen.pdbx_beg_seq_num                   1 
_entity_src_gen.pdbx_end_seq_num                   187 
_entity_src_gen.gene_src_common_name               ? 
_entity_src_gen.gene_src_genus                     ? 
_entity_src_gen.pdbx_gene_src_gene                 SAMN05444581_106172 
_entity_src_gen.gene_src_species                   ? 
_entity_src_gen.gene_src_strain                    ? 
_entity_src_gen.gene_src_tissue                    ? 
_entity_src_gen.gene_src_tissue_fraction           ? 
_entity_src_gen.gene_src_details                   ? 
_entity_src_gen.pdbx_gene_src_fragment             ? 
_entity_src_gen.pdbx_gene_src_scientific_name      'Methylocapsa palsarum' 
_entity_src_gen.pdbx_gene_src_ncbi_taxonomy_id     1612308 
_entity_src_gen.pdbx_gene_src_variant              ? 
_entity_src_gen.pdbx_gene_src_cell_line            ? 
_entity_src_gen.pdbx_gene_src_atcc                 ? 
_entity_src_gen.pdbx_gene_src_organ                ? 
_entity_src_gen.pdbx_gene_src_organelle            ? 
_entity_src_gen.pdbx_gene_src_cell                 ? 
_entity_src_gen.pdbx_gene_src_cellular_location    ? 
_entity_src_gen.host_org_common_name               ? 
_entity_src_gen.pdbx_host_org_scientific_name      'Escherichia coli BL21(DE3)' 
_entity_src_gen.pdbx_host_org_ncbi_taxonomy_id     469008 
_entity_src_gen.host_org_genus                     ? 
_entity_src_gen.pdbx_host_org_gene                 ? 
_entity_src_gen.pdbx_host_org_organ                ? 
_entity_src_gen.host_org_species                   ? 
_entity_src_gen.pdbx_host_org_tissue               ? 
_entity_src_gen.pdbx_host_org_tissue_fraction      ? 
_entity_src_gen.pdbx_host_org_strain               ? 
_entity_src_gen.pdbx_host_org_variant              ? 
_entity_src_gen.pdbx_host_org_cell_line            ? 
_entity_src_gen.pdbx_host_org_atcc                 ? 
_entity_src_gen.pdbx_host_org_culture_collection   ? 
_entity_src_gen.pdbx_host_org_cell                 ? 
_entity_src_gen.pdbx_host_org_organelle            ? 
_entity_src_gen.pdbx_host_org_cellular_location    ? 
_entity_src_gen.pdbx_host_org_vector_type          ? 
_entity_src_gen.pdbx_host_org_vector               ? 
_entity_src_gen.host_org_details                   ? 
_entity_src_gen.expression_system_id               ? 
_entity_src_gen.plasmid_name                       ? 
_entity_src_gen.plasmid_details                    ? 
_entity_src_gen.pdbx_description                   ? 
# 
loop_
_chem_comp.id 
_chem_comp.type 
_chem_comp.mon_nstd_flag 
_chem_comp.name 
_chem_comp.pdbx_synonyms 
_chem_comp.formula 
_chem_comp.formula_weight 
ALA 'L-peptide linking' y ALANINE         ? 'C3 H7 N O2'     89.093  
ARG 'L-peptide linking' y ARGININE        ? 'C6 H15 N4 O2 1' 175.209 
ASN 'L-peptide linking' y ASPARAGINE      ? 'C4 H8 N2 O3'    132.118 
ASP 'L-peptide linking' y 'ASPARTIC ACID' ? 'C4 H7 N O4'     133.103 
CYS 'L-peptide linking' y CYSTEINE        ? 'C3 H7 N O2 S'   121.158 
GLN 'L-peptide linking' y GLUTAMINE       ? 'C5 H10 N2 O3'   146.144 
GLU 'L-peptide linking' y 'GLUTAMIC ACID' ? 'C5 H9 N O4'     147.129 
GLY 'peptide linking'   y GLYCINE         ? 'C2 H5 N O2'     75.067  
HIS 'L-peptide linking' y HISTIDINE       ? 'C6 H10 N3 O2 1' 156.162 
HOH non-polymer         . WATER           ? 'H2 O'           18.015  
ILE 'L-peptide linking' y ISOLEUCINE      ? 'C6 H13 N O2'    131.173 
LEU 'L-peptide linking' y LEUCINE         ? 'C6 H13 N O2'    131.173 
LYS 'L-peptide linking' y LYSINE          ? 'C6 H15 N2 O2 1' 147.195 
MET 'L-peptide linking' y METHIONINE      ? 'C5 H11 N O2 S'  149.211 
PHE 'L-peptide linking' y PHENYLALANINE   ? 'C9 H11 N O2'    165.189 
PO4 non-polymer         . 'PHOSPHATE ION' ? 'O4 P -3'        94.971  
PRO 'L-peptide linking' y PROLINE         ? 'C5 H9 N O2'     115.130 
SER 'L-peptide linking' y SERINE          ? 'C3 H7 N O3'     105.093 
THR 'L-peptide linking' y THREONINE       ? 'C4 H9 N O3'     119.119 
TRP 'L-peptide linking' y TRYPTOPHAN      ? 'C11 H12 N2 O2'  204.225 
VAL 'L-peptide linking' y VALINE          ? 'C5 H11 N O2'    117.146 
# 
loop_
_pdbx_poly_seq_scheme.asym_id 
_pdbx_poly_seq_scheme.entity_id 
_pdbx_poly_seq_scheme.seq_id 
_pdbx_poly_seq_scheme.mon_id 
_pdbx_poly_seq_scheme.ndb_seq_num 
_pdbx_poly_seq_scheme.pdb_seq_num 
_pdbx_poly_seq_scheme.auth_seq_num 
_pdbx_poly_seq_scheme.pdb_mon_id 
_pdbx_poly_seq_scheme.auth_mon_id 
_pdbx_poly_seq_scheme.pdb_strand_id 
_pdbx_poly_seq_scheme.pdb_ins_code 
_pdbx_poly_seq_scheme.hetero 
A 1 1   GLY 1   -2  ?   ?   ?   A . n 
A 1 2   SER 2   -1  ?   ?   ?   A . n 
A 1 3   HIS 3   0   ?   ?   ?   A . n 
A 1 4   MET 4   1   ?   ?   ?   A . n 
A 1 5   PRO 5   2   ?   ?   ?   A . n 
A 1 6   ALA 6   3   ?   ?   ?   A . n 
A 1 7   GLY 7   4   ?   ?   ?   A . n 
A 1 8   GLY 8   5   5   GLY GLY A . n 
A 1 9   ASP 9   6   6   ASP ASP A . n 
A 1 10  PRO 10  7   7   PRO PRO A . n 
A 1 11  ILE 11  8   8   ILE ILE A . n 
A 1 12  LYS 12  9   9   LYS LYS A . n 
A 1 13  SER 13  10  10  SER SER A . n 
A 1 14  LEU 14  11  11  LEU LEU A . n 
A 1 15  LEU 15  12  12  LEU LEU A . n 
A 1 16  VAL 16  13  13  VAL VAL A . n 
A 1 17  VAL 17  14  14  VAL VAL A . n 
A 1 18  GLY 18  15  15  GLY GLY A . n 
A 1 19  GLY 19  16  16  GLY GLY A . n 
A 1 20  ALA 20  17  17  ALA ALA A . n 
A 1 21  ARG 21  18  18  ARG ARG A . n 
A 1 22  SER 22  19  19  SER SER A . n 
A 1 23  GLY 23  20  20  GLY GLY A . n 
A 1 24  LYS 24  21  21  LYS LYS A . n 
A 1 25  SER 25  22  22  SER SER A . n 
A 1 26  ARG 26  23  23  ARG ARG A . n 
A 1 27  PHE 27  24  24  PHE PHE A . n 
A 1 28  ALA 28  25  25  ALA ALA A . n 
A 1 29  GLN 29  26  26  GLN GLN A . n 
A 1 30  ARG 30  27  27  ARG ARG A . n 
A 1 31  MET 31  28  28  MET MET A . n 
A 1 32  ALA 32  29  29  ALA ALA A . n 
A 1 33  GLU 33  30  30  GLU GLU A . n 
A 1 34  ALA 34  31  31  ALA ALA A . n 
A 1 35  SER 35  32  32  SER SER A . n 
A 1 36  GLY 36  33  33  GLY GLY A . n 
A 1 37  ARG 37  34  34  ARG ARG A . n 
A 1 38  SER 38  35  35  SER SER A . n 
A 1 39  LEU 39  36  36  LEU LEU A . n 
A 1 40  VAL 40  37  37  VAL VAL A . n 
A 1 41  LEU 41  38  38  LEU LEU A . n 
A 1 42  ILE 42  39  39  ILE ILE A . n 
A 1 43  ALA 43  40  40  ALA ALA A . n 
A 1 44  THR 44  41  41  THR THR A . n 
A 1 45  ALA 45  42  42  ALA ALA A . n 
A 1 46  GLN 46  43  43  GLN GLN A . n 
A 1 47  PRO 47  44  44  PRO PRO A . n 
A 1 48  LEU 48  45  45  LEU LEU A . n 
A 1 49  ASP 49  46  46  ASP ASP A . n 
A 1 50  ALA 50  47  47  ALA ALA A . n 
A 1 51  GLU 51  48  48  GLU GLU A . n 
A 1 52  MET 52  49  49  MET MET A . n 
A 1 53  ALA 53  50  50  ALA ALA A . n 
A 1 54  ASP 54  51  51  ASP ASP A . n 
A 1 55  ARG 55  52  52  ARG ARG A . n 
A 1 56  ILE 56  53  53  ILE ILE A . n 
A 1 57  SER 57  54  54  SER SER A . n 
A 1 58  ARG 58  55  55  ARG ARG A . n 
A 1 59  HIS 59  56  56  HIS HIS A . n 
A 1 60  ALA 60  57  57  ALA ALA A . n 
A 1 61  ALA 61  58  ?   ?   ?   A . n 
A 1 62  ASP 62  59  ?   ?   ?   A . n 
A 1 63  ARG 63  60  ?   ?   ?   A . n 
A 1 64  ASP 64  61  ?   ?   ?   A . n 
A 1 65  ALA 65  62  ?   ?   ?   A . n 
A 1 66  ARG 66  63  ?   ?   ?   A . n 
A 1 67  TRP 67  64  64  TRP TRP A . n 
A 1 68  THR 68  65  65  THR THR A . n 
A 1 69  LEU 69  66  66  LEU LEU A . n 
A 1 70  ILE 70  67  67  ILE ILE A . n 
A 1 71  GLU 71  68  68  GLU GLU A . n 
A 1 72  ALA 72  69  69  ALA ALA A . n 
A 1 73  PHE 73  70  70  PHE PHE A . n 
A 1 74  PHE 74  71  71  PHE PHE A . n 
A 1 75  ASP 75  72  72  ASP ASP A . n 
A 1 76  LEU 76  73  73  LEU LEU A . n 
A 1 77  GLY 77  74  74  GLY GLY A . n 
A 1 78  GLN 78  75  75  GLN GLN A . n 
A 1 79  THR 79  76  76  THR THR A . n 
A 1 80  LEU 80  77  77  LEU LEU A . n 
A 1 81  ARG 81  78  78  ARG ARG A . n 
A 1 82  ARG 82  79  79  ARG ARG A . n 
A 1 83  GLU 83  80  80  GLU GLU A . n 
A 1 84  ALA 84  81  81  ALA ALA A . n 
A 1 85  GLN 85  82  82  GLN GLN A . n 
A 1 86  PRO 86  83  83  PRO PRO A . n 
A 1 87  GLU 87  84  84  GLU GLU A . n 
A 1 88  ARG 88  85  85  ARG ARG A . n 
A 1 89  LEU 89  86  86  LEU LEU A . n 
A 1 90  LEU 90  87  87  LEU LEU A . n 
A 1 91  VAL 91  88  88  VAL VAL A . n 
A 1 92  VAL 92  89  89  VAL VAL A . n 
A 1 93  ASP 93  90  90  ASP ASP A . n 
A 1 94  SER 94  91  91  SER SER A . n 
A 1 95  VAL 95  92  92  VAL VAL A . n 
A 1 96  THR 96  93  93  THR THR A . n 
A 1 97  LEU 97  94  94  LEU LEU A . n 
A 1 98  TRP 98  95  95  TRP TRP A . n 
A 1 99  LEU 99  96  96  LEU LEU A . n 
A 1 100 SER 100 97  97  SER SER A . n 
A 1 101 ASN 101 98  98  ASN ASN A . n 
A 1 102 LEU 102 99  99  LEU LEU A . n 
A 1 103 LEU 103 100 100 LEU LEU A . n 
A 1 104 LEU 104 101 101 LEU LEU A . n 
A 1 105 ARG 105 102 102 ARG ARG A . n 
A 1 106 GLY 106 103 103 GLY GLY A . n 
A 1 107 ASP 107 104 104 ASP ASP A . n 
A 1 108 ASP 108 105 105 ASP ASP A . n 
A 1 109 LEU 109 106 106 LEU LEU A . n 
A 1 110 SER 110 107 107 SER SER A . n 
A 1 111 PRO 111 108 108 PRO PRO A . n 
A 1 112 PRO 112 109 109 PRO PRO A . n 
A 1 113 ILE 113 110 110 ILE ILE A . n 
A 1 114 LYS 114 111 111 LYS LYS A . n 
A 1 115 ASP 115 112 112 ASP ASP A . n 
A 1 116 LEU 116 113 113 LEU LEU A . n 
A 1 117 ALA 117 114 114 ALA ALA A . n 
A 1 118 ARG 118 115 115 ARG ARG A . n 
A 1 119 THR 119 116 116 THR THR A . n 
A 1 120 ALA 120 117 117 ALA ALA A . n 
A 1 121 ALA 121 118 118 ALA ALA A . n 
A 1 122 ARG 122 119 119 ARG ARG A . n 
A 1 123 LEU 123 120 120 LEU LEU A . n 
A 1 124 GLU 124 121 121 GLU GLU A . n 
A 1 125 GLY 125 122 122 GLY GLY A . n 
A 1 126 PRO 126 123 123 PRO PRO A . n 
A 1 127 VAL 127 124 124 VAL VAL A . n 
A 1 128 ILE 128 125 125 ILE ILE A . n 
A 1 129 PHE 129 126 126 PHE PHE A . n 
A 1 130 VAL 130 127 127 VAL VAL A . n 
A 1 131 SER 131 128 128 SER SER A . n 
A 1 132 ASN 132 129 129 ASN ASN A . n 
A 1 133 GLU 133 130 130 GLU GLU A . n 
A 1 134 VAL 134 131 131 VAL VAL A . n 
A 1 135 GLY 135 132 132 GLY GLY A . n 
A 1 136 ALA 136 133 133 ALA ALA A . n 
A 1 137 GLY 137 134 134 GLY GLY A . n 
A 1 138 ILE 138 135 135 ILE ILE A . n 
A 1 139 VAL 139 136 136 VAL VAL A . n 
A 1 140 PRO 140 137 137 PRO PRO A . n 
A 1 141 ASP 141 138 138 ASP ASP A . n 
A 1 142 ASN 142 139 139 ASN ASN A . n 
A 1 143 ALA 143 140 140 ALA ALA A . n 
A 1 144 LEU 144 141 141 LEU LEU A . n 
A 1 145 ALA 145 142 142 ALA ALA A . n 
A 1 146 ARG 146 143 143 ARG ARG A . n 
A 1 147 ALA 147 144 144 ALA ALA A . n 
A 1 148 PHE 148 145 145 PHE PHE A . n 
A 1 149 ARG 149 146 146 ARG ARG A . n 
A 1 150 ASP 150 147 147 ASP ASP A . n 
A 1 151 ALA 151 148 148 ALA ALA A . n 
A 1 152 GLN 152 149 149 GLN GLN A . n 
A 1 153 GLY 153 150 150 GLY GLY A . n 
A 1 154 MET 154 151 151 MET MET A . n 
A 1 155 CYS 155 152 152 CYS CYS A . n 
A 1 156 ASN 156 153 153 ASN ASN A . n 
A 1 157 GLN 157 154 154 GLN GLN A . n 
A 1 158 ARG 158 155 155 ARG ARG A . n 
A 1 159 LEU 159 156 156 LEU LEU A . n 
A 1 160 ALA 160 157 157 ALA ALA A . n 
A 1 161 GLU 161 158 158 GLU GLU A . n 
A 1 162 ALA 162 159 159 ALA ALA A . n 
A 1 163 CYS 163 160 160 CYS CYS A . n 
A 1 164 ASP 164 161 161 ASP ASP A . n 
A 1 165 ALA 165 162 162 ALA ALA A . n 
A 1 166 VAL 166 163 163 VAL VAL A . n 
A 1 167 THR 167 164 164 THR THR A . n 
A 1 168 LEU 168 165 165 LEU LEU A . n 
A 1 169 VAL 169 166 166 VAL VAL A . n 
A 1 170 THR 170 167 167 THR THR A . n 
A 1 171 ALA 171 168 168 ALA ALA A . n 
A 1 172 GLY 172 169 169 GLY GLY A . n 
A 1 173 ILE 173 170 170 ILE ILE A . n 
A 1 174 ALA 174 171 171 ALA ALA A . n 
A 1 175 THR 175 172 172 THR THR A . n 
A 1 176 GLN 176 173 173 GLN GLN A . n 
A 1 177 ILE 177 174 174 ILE ILE A . n 
A 1 178 LYS 178 175 175 LYS LYS A . n 
A 1 179 PRO 179 176 176 PRO PRO A . n 
A 1 180 GLY 180 177 177 GLY GLY A . n 
A 1 181 PRO 181 178 178 PRO PRO A . n 
A 1 182 GLU 182 179 179 GLU GLU A . n 
A 1 183 PRO 183 180 180 PRO PRO A . n 
A 1 184 VAL 184 181 181 VAL VAL A . n 
A 1 185 PHE 185 182 182 PHE PHE A . n 
A 1 186 ARG 186 183 183 ARG ARG A . n 
A 1 187 PHE 187 184 184 PHE PHE A . n 
# 
_pdbx_entity_instance_feature.ordinal        1 
_pdbx_entity_instance_feature.comp_id        PO4 
_pdbx_entity_instance_feature.asym_id        ? 
_pdbx_entity_instance_feature.seq_num        ? 
_pdbx_entity_instance_feature.auth_comp_id   PO4 
_pdbx_entity_instance_feature.auth_asym_id   ? 
_pdbx_entity_instance_feature.auth_seq_num   ? 
_pdbx_entity_instance_feature.feature_type   'SUBJECT OF INVESTIGATION' 
_pdbx_entity_instance_feature.details        ? 
# 
loop_
_pdbx_nonpoly_scheme.asym_id 
_pdbx_nonpoly_scheme.entity_id 
_pdbx_nonpoly_scheme.mon_id 
_pdbx_nonpoly_scheme.ndb_seq_num 
_pdbx_nonpoly_scheme.pdb_seq_num 
_pdbx_nonpoly_scheme.auth_seq_num 
_pdbx_nonpoly_scheme.pdb_mon_id 
_pdbx_nonpoly_scheme.auth_mon_id 
_pdbx_nonpoly_scheme.pdb_strand_id 
_pdbx_nonpoly_scheme.pdb_ins_code 
B 2 PO4 1  201 1  PO4 PO4 A . 
C 2 PO4 1  202 2  PO4 PO4 A . 
D 2 PO4 1  203 3  PO4 PO4 A . 
E 3 HOH 1  301 93 HOH HOH A . 
E 3 HOH 2  302 94 HOH HOH A . 
E 3 HOH 3  303 50 HOH HOH A . 
E 3 HOH 4  304 95 HOH HOH A . 
E 3 HOH 5  305 58 HOH HOH A . 
E 3 HOH 6  306 56 HOH HOH A . 
E 3 HOH 7  307 55 HOH HOH A . 
E 3 HOH 8  308 43 HOH HOH A . 
E 3 HOH 9  309 19 HOH HOH A . 
E 3 HOH 10 310 96 HOH HOH A . 
E 3 HOH 11 311 31 HOH HOH A . 
E 3 HOH 12 312 59 HOH HOH A . 
E 3 HOH 13 313 41 HOH HOH A . 
E 3 HOH 14 314 71 HOH HOH A . 
E 3 HOH 15 315 22 HOH HOH A . 
E 3 HOH 16 316 33 HOH HOH A . 
E 3 HOH 17 317 8  HOH HOH A . 
E 3 HOH 18 318 27 HOH HOH A . 
E 3 HOH 19 319 21 HOH HOH A . 
E 3 HOH 20 320 44 HOH HOH A . 
E 3 HOH 21 321 24 HOH HOH A . 
E 3 HOH 22 322 28 HOH HOH A . 
E 3 HOH 23 323 34 HOH HOH A . 
E 3 HOH 24 324 38 HOH HOH A . 
E 3 HOH 25 325 53 HOH HOH A . 
E 3 HOH 26 326 4  HOH HOH A . 
E 3 HOH 27 327 52 HOH HOH A . 
E 3 HOH 28 328 12 HOH HOH A . 
E 3 HOH 29 329 62 HOH HOH A . 
E 3 HOH 30 330 6  HOH HOH A . 
E 3 HOH 31 331 67 HOH HOH A . 
E 3 HOH 32 332 46 HOH HOH A . 
E 3 HOH 33 333 18 HOH HOH A . 
E 3 HOH 34 334 10 HOH HOH A . 
E 3 HOH 35 335 35 HOH HOH A . 
E 3 HOH 36 336 14 HOH HOH A . 
E 3 HOH 37 337 3  HOH HOH A . 
E 3 HOH 38 338 9  HOH HOH A . 
E 3 HOH 39 339 29 HOH HOH A . 
E 3 HOH 40 340 86 HOH HOH A . 
E 3 HOH 41 341 32 HOH HOH A . 
E 3 HOH 42 342 72 HOH HOH A . 
E 3 HOH 43 343 7  HOH HOH A . 
E 3 HOH 44 344 82 HOH HOH A . 
E 3 HOH 45 345 66 HOH HOH A . 
E 3 HOH 46 346 26 HOH HOH A . 
E 3 HOH 47 347 45 HOH HOH A . 
E 3 HOH 48 348 76 HOH HOH A . 
E 3 HOH 49 349 15 HOH HOH A . 
E 3 HOH 50 350 37 HOH HOH A . 
E 3 HOH 51 351 5  HOH HOH A . 
E 3 HOH 52 352 42 HOH HOH A . 
E 3 HOH 53 353 70 HOH HOH A . 
E 3 HOH 54 354 2  HOH HOH A . 
E 3 HOH 55 355 83 HOH HOH A . 
E 3 HOH 56 356 23 HOH HOH A . 
E 3 HOH 57 357 48 HOH HOH A . 
E 3 HOH 58 358 36 HOH HOH A . 
E 3 HOH 59 359 92 HOH HOH A . 
E 3 HOH 60 360 16 HOH HOH A . 
E 3 HOH 61 361 61 HOH HOH A . 
E 3 HOH 62 362 64 HOH HOH A . 
E 3 HOH 63 363 63 HOH HOH A . 
E 3 HOH 64 364 11 HOH HOH A . 
E 3 HOH 65 365 85 HOH HOH A . 
E 3 HOH 66 366 40 HOH HOH A . 
E 3 HOH 67 367 74 HOH HOH A . 
E 3 HOH 68 368 17 HOH HOH A . 
E 3 HOH 69 369 20 HOH HOH A . 
E 3 HOH 70 370 39 HOH HOH A . 
E 3 HOH 71 371 57 HOH HOH A . 
E 3 HOH 72 372 25 HOH HOH A . 
E 3 HOH 73 373 49 HOH HOH A . 
E 3 HOH 74 374 84 HOH HOH A . 
E 3 HOH 75 375 54 HOH HOH A . 
E 3 HOH 76 376 81 HOH HOH A . 
E 3 HOH 77 377 30 HOH HOH A . 
E 3 HOH 78 378 75 HOH HOH A . 
E 3 HOH 79 379 91 HOH HOH A . 
E 3 HOH 80 380 60 HOH HOH A . 
E 3 HOH 81 381 47 HOH HOH A . 
E 3 HOH 82 382 77 HOH HOH A . 
E 3 HOH 83 383 51 HOH HOH A . 
E 3 HOH 84 384 69 HOH HOH A . 
E 3 HOH 85 385 79 HOH HOH A . 
E 3 HOH 86 386 80 HOH HOH A . 
E 3 HOH 87 387 78 HOH HOH A . 
# 
loop_
_software.citation_id 
_software.classification 
_software.compiler_name 
_software.compiler_version 
_software.contact_author 
_software.contact_author_email 
_software.date 
_software.description 
_software.dependencies 
_software.hardware 
_software.language 
_software.location 
_software.mods 
_software.name 
_software.os 
_software.os_version 
_software.type 
_software.version 
_software.pdbx_ordinal 
? refinement       ? ? ? ? ? ? ? ? ? ? ? REFMAC ? ? ? 5.8.0267 1 
? 'data reduction' ? ? ? ? ? ? ? ? ? ? ? XDS    ? ? ? .        2 
? 'data scaling'   ? ? ? ? ? ? ? ? ? ? ? XDS    ? ? ? .        3 
? phasing          ? ? ? ? ? ? ? ? ? ? ? MOLREP ? ? ? .        4 
# 
_cell.angle_alpha                  90.000 
_cell.angle_alpha_esd              ? 
_cell.angle_beta                   90.000 
_cell.angle_beta_esd               ? 
_cell.angle_gamma                  120.000 
_cell.angle_gamma_esd              ? 
_cell.entry_id                     8YK8 
_cell.details                      ? 
_cell.formula_units_Z              ? 
_cell.length_a                     60.970 
_cell.length_a_esd                 ? 
_cell.length_b                     60.970 
_cell.length_b_esd                 ? 
_cell.length_c                     73.392 
_cell.length_c_esd                 ? 
_cell.volume                       ? 
_cell.volume_esd                   ? 
_cell.Z_PDB                        6 
_cell.reciprocal_angle_alpha       ? 
_cell.reciprocal_angle_beta        ? 
_cell.reciprocal_angle_gamma       ? 
_cell.reciprocal_angle_alpha_esd   ? 
_cell.reciprocal_angle_beta_esd    ? 
_cell.reciprocal_angle_gamma_esd   ? 
_cell.reciprocal_length_a          ? 
_cell.reciprocal_length_b          ? 
_cell.reciprocal_length_c          ? 
_cell.reciprocal_length_a_esd      ? 
_cell.reciprocal_length_b_esd      ? 
_cell.reciprocal_length_c_esd      ? 
_cell.pdbx_unique_axis             ? 
_cell.pdbx_esd_method              ? 
# 
_symmetry.entry_id                         8YK8 
_symmetry.cell_setting                     ? 
_symmetry.Int_Tables_number                173 
_symmetry.space_group_name_Hall            ? 
_symmetry.space_group_name_H-M             'P 63' 
_symmetry.pdbx_full_space_group_name_H-M   ? 
# 
_exptl.absorpt_coefficient_mu     ? 
_exptl.absorpt_correction_T_max   ? 
_exptl.absorpt_correction_T_min   ? 
_exptl.absorpt_correction_type    ? 
_exptl.absorpt_process_details    ? 
_exptl.entry_id                   8YK8 
_exptl.crystals_number            1 
_exptl.details                    ? 
_exptl.method                     'X-RAY DIFFRACTION' 
_exptl.method_details             ? 
# 
_exptl_crystal.colour                       ? 
_exptl_crystal.density_diffrn               ? 
_exptl_crystal.density_Matthews             2.10 
_exptl_crystal.density_method               ? 
_exptl_crystal.density_percent_sol          37.28 
_exptl_crystal.description                  ? 
_exptl_crystal.F_000                        ? 
_exptl_crystal.id                           1 
_exptl_crystal.preparation                  ? 
_exptl_crystal.size_max                     ? 
_exptl_crystal.size_mid                     ? 
_exptl_crystal.size_min                     ? 
_exptl_crystal.size_rad                     ? 
_exptl_crystal.colour_lustre                ? 
_exptl_crystal.colour_modifier              ? 
_exptl_crystal.colour_primary               ? 
_exptl_crystal.density_meas                 ? 
_exptl_crystal.density_meas_esd             ? 
_exptl_crystal.density_meas_gt              ? 
_exptl_crystal.density_meas_lt              ? 
_exptl_crystal.density_meas_temp            ? 
_exptl_crystal.density_meas_temp_esd        ? 
_exptl_crystal.density_meas_temp_gt         ? 
_exptl_crystal.density_meas_temp_lt         ? 
_exptl_crystal.pdbx_crystal_image_url       ? 
_exptl_crystal.pdbx_crystal_image_format    ? 
_exptl_crystal.pdbx_mosaicity               ? 
_exptl_crystal.pdbx_mosaicity_esd           ? 
_exptl_crystal.pdbx_mosaic_method           ? 
_exptl_crystal.pdbx_mosaic_block_size       ? 
_exptl_crystal.pdbx_mosaic_block_size_esd   ? 
# 
_exptl_crystal_grow.apparatus       ? 
_exptl_crystal_grow.atmosphere      ? 
_exptl_crystal_grow.crystal_id      1 
_exptl_crystal_grow.details         ? 
_exptl_crystal_grow.method          'VAPOR DIFFUSION, HANGING DROP' 
_exptl_crystal_grow.method_ref      ? 
_exptl_crystal_grow.pH              ? 
_exptl_crystal_grow.pressure        ? 
_exptl_crystal_grow.pressure_esd    ? 
_exptl_crystal_grow.seeding         ? 
_exptl_crystal_grow.seeding_ref     ? 
_exptl_crystal_grow.temp_details    ? 
_exptl_crystal_grow.temp_esd        ? 
_exptl_crystal_grow.time            ? 
_exptl_crystal_grow.pdbx_details    '0.49M Sodium phosphate monobasic monohydrate, 0.91M Potassium phosphate dibasic' 
_exptl_crystal_grow.pdbx_pH_range   ? 
_exptl_crystal_grow.temp            294 
# 
_diffrn.ambient_environment              ? 
_diffrn.ambient_temp                     100 
_diffrn.ambient_temp_details             ? 
_diffrn.ambient_temp_esd                 ? 
_diffrn.crystal_id                       1 
_diffrn.crystal_support                  ? 
_diffrn.crystal_treatment                ? 
_diffrn.details                          ? 
_diffrn.id                               1 
_diffrn.ambient_pressure                 ? 
_diffrn.ambient_pressure_esd             ? 
_diffrn.ambient_pressure_gt              ? 
_diffrn.ambient_pressure_lt              ? 
_diffrn.ambient_temp_gt                  ? 
_diffrn.ambient_temp_lt                  ? 
_diffrn.pdbx_serial_crystal_experiment   N 
# 
_diffrn_detector.details                      ? 
_diffrn_detector.detector                     PIXEL 
_diffrn_detector.diffrn_id                    1 
_diffrn_detector.type                         'DECTRIS EIGER X 9M' 
_diffrn_detector.area_resol_mean              ? 
_diffrn_detector.dtime                        ? 
_diffrn_detector.pdbx_frames_total            ? 
_diffrn_detector.pdbx_collection_time_total   ? 
_diffrn_detector.pdbx_collection_date         2023-10-18 
_diffrn_detector.pdbx_frequency               ? 
_diffrn_detector.id                           ? 
_diffrn_detector.number_of_axes               ? 
# 
_diffrn_radiation.collimation                      ? 
_diffrn_radiation.diffrn_id                        1 
_diffrn_radiation.filter_edge                      ? 
_diffrn_radiation.inhomogeneity                    ? 
_diffrn_radiation.monochromator                    ? 
_diffrn_radiation.polarisn_norm                    ? 
_diffrn_radiation.polarisn_ratio                   ? 
_diffrn_radiation.probe                            ? 
_diffrn_radiation.type                             ? 
_diffrn_radiation.xray_symbol                      ? 
_diffrn_radiation.wavelength_id                    1 
_diffrn_radiation.pdbx_monochromatic_or_laue_m_l   M 
_diffrn_radiation.pdbx_wavelength_list             ? 
_diffrn_radiation.pdbx_wavelength                  ? 
_diffrn_radiation.pdbx_diffrn_protocol             'SINGLE WAVELENGTH' 
_diffrn_radiation.pdbx_analyzer                    ? 
_diffrn_radiation.pdbx_scattering_type             x-ray 
# 
_diffrn_radiation_wavelength.id           1 
_diffrn_radiation_wavelength.wavelength   0.97934 
_diffrn_radiation_wavelength.wt           1.0 
# 
_diffrn_source.current                     ? 
_diffrn_source.details                     ? 
_diffrn_source.diffrn_id                   1 
_diffrn_source.power                       ? 
_diffrn_source.size                        ? 
_diffrn_source.source                      SYNCHROTRON 
_diffrn_source.target                      ? 
_diffrn_source.type                        'PAL/PLS BEAMLINE 5C (4A)' 
_diffrn_source.voltage                     ? 
_diffrn_source.take-off_angle              ? 
_diffrn_source.pdbx_wavelength_list        0.97934 
_diffrn_source.pdbx_wavelength             ? 
_diffrn_source.pdbx_synchrotron_beamline   '5C (4A)' 
_diffrn_source.pdbx_synchrotron_site       PAL/PLS 
# 
_reflns.B_iso_Wilson_estimate                          ? 
_reflns.entry_id                                       8YK8 
_reflns.data_reduction_details                         ? 
_reflns.data_reduction_method                          ? 
_reflns.d_resolution_high                              1.5 
_reflns.d_resolution_low                               28.169 
_reflns.details                                        ? 
_reflns.limit_h_max                                    ? 
_reflns.limit_h_min                                    ? 
_reflns.limit_k_max                                    ? 
_reflns.limit_k_min                                    ? 
_reflns.limit_l_max                                    ? 
_reflns.limit_l_min                                    ? 
_reflns.number_all                                     ? 
_reflns.number_obs                                     24858 
_reflns.observed_criterion                             ? 
_reflns.observed_criterion_F_max                       ? 
_reflns.observed_criterion_F_min                       ? 
_reflns.observed_criterion_I_max                       ? 
_reflns.observed_criterion_I_min                       ? 
_reflns.observed_criterion_sigma_F                     ? 
_reflns.observed_criterion_sigma_I                     ? 
_reflns.percent_possible_obs                           100 
_reflns.R_free_details                                 ? 
_reflns.Rmerge_F_all                                   ? 
_reflns.Rmerge_F_obs                                   ? 
_reflns.Friedel_coverage                               ? 
_reflns.number_gt                                      ? 
_reflns.threshold_expression                           ? 
_reflns.pdbx_redundancy                                20.3 
_reflns.pdbx_netI_over_av_sigmaI                       ? 
_reflns.pdbx_netI_over_sigmaI                          33.6 
_reflns.pdbx_res_netI_over_av_sigmaI_2                 ? 
_reflns.pdbx_res_netI_over_sigmaI_2                    ? 
_reflns.pdbx_chi_squared                               ? 
_reflns.pdbx_scaling_rejects                           ? 
_reflns.pdbx_d_res_high_opt                            ? 
_reflns.pdbx_d_res_low_opt                             ? 
_reflns.pdbx_d_res_opt_method                          ? 
_reflns.phase_calculation_details                      ? 
_reflns.pdbx_Rrim_I_all                                ? 
_reflns.pdbx_Rpim_I_all                                ? 
_reflns.pdbx_d_opt                                     ? 
_reflns.pdbx_number_measured_all                       ? 
_reflns.pdbx_diffrn_id                                 1 
_reflns.pdbx_ordinal                                   1 
_reflns.pdbx_CC_half                                   1 
_reflns.pdbx_CC_star                                   ? 
_reflns.pdbx_R_split                                   ? 
_reflns.pdbx_Rmerge_I_obs                              0.05 
_reflns.pdbx_Rmerge_I_all                              ? 
_reflns.pdbx_Rsym_value                                ? 
_reflns.pdbx_CC_split_method                           ? 
_reflns.pdbx_aniso_diffraction_limit_axis_1_ortho[1]   ? 
_reflns.pdbx_aniso_diffraction_limit_axis_1_ortho[2]   ? 
_reflns.pdbx_aniso_diffraction_limit_axis_1_ortho[3]   ? 
_reflns.pdbx_aniso_diffraction_limit_axis_2_ortho[1]   ? 
_reflns.pdbx_aniso_diffraction_limit_axis_2_ortho[2]   ? 
_reflns.pdbx_aniso_diffraction_limit_axis_2_ortho[3]   ? 
_reflns.pdbx_aniso_diffraction_limit_axis_3_ortho[1]   ? 
_reflns.pdbx_aniso_diffraction_limit_axis_3_ortho[2]   ? 
_reflns.pdbx_aniso_diffraction_limit_axis_3_ortho[3]   ? 
_reflns.pdbx_aniso_diffraction_limit_1                 ? 
_reflns.pdbx_aniso_diffraction_limit_2                 ? 
_reflns.pdbx_aniso_diffraction_limit_3                 ? 
_reflns.pdbx_aniso_B_tensor_eigenvector_1_ortho[1]     ? 
_reflns.pdbx_aniso_B_tensor_eigenvector_1_ortho[2]     ? 
_reflns.pdbx_aniso_B_tensor_eigenvector_1_ortho[3]     ? 
_reflns.pdbx_aniso_B_tensor_eigenvector_2_ortho[1]     ? 
_reflns.pdbx_aniso_B_tensor_eigenvector_2_ortho[2]     ? 
_reflns.pdbx_aniso_B_tensor_eigenvector_2_ortho[3]     ? 
_reflns.pdbx_aniso_B_tensor_eigenvector_3_ortho[1]     ? 
_reflns.pdbx_aniso_B_tensor_eigenvector_3_ortho[2]     ? 
_reflns.pdbx_aniso_B_tensor_eigenvector_3_ortho[3]     ? 
_reflns.pdbx_aniso_B_tensor_eigenvalue_1               ? 
_reflns.pdbx_aniso_B_tensor_eigenvalue_2               ? 
_reflns.pdbx_aniso_B_tensor_eigenvalue_3               ? 
_reflns.pdbx_orthogonalization_convention              ? 
_reflns.pdbx_percent_possible_ellipsoidal              ? 
_reflns.pdbx_percent_possible_spherical                ? 
_reflns.pdbx_percent_possible_ellipsoidal_anomalous    ? 
_reflns.pdbx_percent_possible_spherical_anomalous      ? 
_reflns.pdbx_redundancy_anomalous                      ? 
_reflns.pdbx_CC_half_anomalous                         ? 
_reflns.pdbx_absDiff_over_sigma_anomalous              ? 
_reflns.pdbx_percent_possible_anomalous                ? 
_reflns.pdbx_observed_signal_threshold                 ? 
_reflns.pdbx_signal_type                               ? 
_reflns.pdbx_signal_details                            ? 
_reflns.pdbx_signal_software_id                        ? 
# 
_reflns_shell.d_res_high                                    1.5 
_reflns_shell.d_res_low                                     1.53 
_reflns_shell.meanI_over_sigI_all                           ? 
_reflns_shell.meanI_over_sigI_obs                           ? 
_reflns_shell.number_measured_all                           ? 
_reflns_shell.number_measured_obs                           ? 
_reflns_shell.number_possible                               ? 
_reflns_shell.number_unique_all                             ? 
_reflns_shell.number_unique_obs                             1253 
_reflns_shell.percent_possible_obs                          ? 
_reflns_shell.Rmerge_F_all                                  ? 
_reflns_shell.Rmerge_F_obs                                  ? 
_reflns_shell.meanI_over_sigI_gt                            ? 
_reflns_shell.meanI_over_uI_all                             ? 
_reflns_shell.meanI_over_uI_gt                              ? 
_reflns_shell.number_measured_gt                            ? 
_reflns_shell.number_unique_gt                              ? 
_reflns_shell.percent_possible_gt                           ? 
_reflns_shell.Rmerge_F_gt                                   ? 
_reflns_shell.Rmerge_I_gt                                   ? 
_reflns_shell.pdbx_redundancy                               ? 
_reflns_shell.pdbx_chi_squared                              ? 
_reflns_shell.pdbx_netI_over_sigmaI_all                     ? 
_reflns_shell.pdbx_netI_over_sigmaI_obs                     ? 
_reflns_shell.pdbx_Rrim_I_all                               ? 
_reflns_shell.pdbx_Rpim_I_all                               ? 
_reflns_shell.pdbx_rejects                                  ? 
_reflns_shell.pdbx_ordinal                                  1 
_reflns_shell.pdbx_diffrn_id                                1 
_reflns_shell.pdbx_CC_half                                  1 
_reflns_shell.pdbx_CC_star                                  ? 
_reflns_shell.pdbx_R_split                                  ? 
_reflns_shell.percent_possible_all                          ? 
_reflns_shell.Rmerge_I_all                                  ? 
_reflns_shell.Rmerge_I_obs                                  ? 
_reflns_shell.pdbx_Rsym_value                               ? 
_reflns_shell.pdbx_percent_possible_ellipsoidal             ? 
_reflns_shell.pdbx_percent_possible_spherical               ? 
_reflns_shell.pdbx_percent_possible_ellipsoidal_anomalous   ? 
_reflns_shell.pdbx_percent_possible_spherical_anomalous     ? 
_reflns_shell.pdbx_redundancy_anomalous                     ? 
_reflns_shell.pdbx_CC_half_anomalous                        ? 
_reflns_shell.pdbx_absDiff_over_sigma_anomalous             ? 
_reflns_shell.pdbx_percent_possible_anomalous               ? 
# 
_refine.aniso_B[1][1]                            0.000 
_refine.aniso_B[1][2]                            0.000 
_refine.aniso_B[1][3]                            0.000 
_refine.aniso_B[2][2]                            0.000 
_refine.aniso_B[2][3]                            -0.000 
_refine.aniso_B[3][3]                            -0.001 
_refine.B_iso_max                                ? 
_refine.B_iso_mean                               23.346 
_refine.B_iso_min                                ? 
_refine.correlation_coeff_Fo_to_Fc               0.957 
_refine.correlation_coeff_Fo_to_Fc_free          0.940 
_refine.details                                  'Hydrogens have been added in their riding positions' 
_refine.diff_density_max                         ? 
_refine.diff_density_max_esd                     ? 
_refine.diff_density_min                         ? 
_refine.diff_density_min_esd                     ? 
_refine.diff_density_rms                         ? 
_refine.diff_density_rms_esd                     ? 
_refine.entry_id                                 8YK8 
_refine.pdbx_refine_id                           'X-RAY DIFFRACTION' 
_refine.ls_abs_structure_details                 ? 
_refine.ls_abs_structure_Flack                   ? 
_refine.ls_abs_structure_Flack_esd               ? 
_refine.ls_abs_structure_Rogers                  ? 
_refine.ls_abs_structure_Rogers_esd              ? 
_refine.ls_d_res_high                            1.500 
_refine.ls_d_res_low                             28.169 
_refine.ls_extinction_coef                       ? 
_refine.ls_extinction_coef_esd                   ? 
_refine.ls_extinction_expression                 ? 
_refine.ls_extinction_method                     ? 
_refine.ls_goodness_of_fit_all                   ? 
_refine.ls_goodness_of_fit_all_esd               ? 
_refine.ls_goodness_of_fit_obs                   ? 
_refine.ls_goodness_of_fit_obs_esd               ? 
_refine.ls_hydrogen_treatment                    ? 
_refine.ls_matrix_type                           ? 
_refine.ls_number_constraints                    ? 
_refine.ls_number_parameters                     ? 
_refine.ls_number_reflns_all                     ? 
_refine.ls_number_reflns_obs                     24834 
_refine.ls_number_reflns_R_free                  1273 
_refine.ls_number_reflns_R_work                  23561 
_refine.ls_number_restraints                     ? 
_refine.ls_percent_reflns_obs                    99.968 
_refine.ls_percent_reflns_R_free                 5.126 
_refine.ls_R_factor_all                          0.207 
_refine.ls_R_factor_obs                          ? 
_refine.ls_R_factor_R_free                       0.2389 
_refine.ls_R_factor_R_free_error                 ? 
_refine.ls_R_factor_R_free_error_details         ? 
_refine.ls_R_factor_R_work                       0.2049 
_refine.ls_R_Fsqd_factor_obs                     ? 
_refine.ls_R_I_factor_obs                        ? 
_refine.ls_redundancy_reflns_all                 ? 
_refine.ls_redundancy_reflns_obs                 ? 
_refine.ls_restrained_S_all                      ? 
_refine.ls_restrained_S_obs                      ? 
_refine.ls_shift_over_esd_max                    ? 
_refine.ls_shift_over_esd_mean                   ? 
_refine.ls_structure_factor_coef                 ? 
_refine.ls_weighting_details                     ? 
_refine.ls_weighting_scheme                      ? 
_refine.ls_wR_factor_all                         ? 
_refine.ls_wR_factor_obs                         ? 
_refine.ls_wR_factor_R_free                      ? 
_refine.ls_wR_factor_R_work                      ? 
_refine.occupancy_max                            ? 
_refine.occupancy_min                            ? 
_refine.solvent_model_details                    'MASK BULK SOLVENT' 
_refine.solvent_model_param_bsol                 ? 
_refine.solvent_model_param_ksol                 ? 
_refine.pdbx_R_complete                          ? 
_refine.ls_R_factor_gt                           ? 
_refine.ls_goodness_of_fit_gt                    ? 
_refine.ls_goodness_of_fit_ref                   ? 
_refine.ls_shift_over_su_max                     ? 
_refine.ls_shift_over_su_max_lt                  ? 
_refine.ls_shift_over_su_mean                    ? 
_refine.ls_shift_over_su_mean_lt                 ? 
_refine.pdbx_ls_sigma_I                          ? 
_refine.pdbx_ls_sigma_F                          ? 
_refine.pdbx_ls_sigma_Fsqd                       ? 
_refine.pdbx_data_cutoff_high_absF               ? 
_refine.pdbx_data_cutoff_high_rms_absF           ? 
_refine.pdbx_data_cutoff_low_absF                ? 
_refine.pdbx_isotropic_thermal_model             ? 
_refine.pdbx_ls_cross_valid_method               'FREE R-VALUE' 
_refine.pdbx_method_to_determine_struct          'MOLECULAR REPLACEMENT' 
_refine.pdbx_starting_model                      ? 
_refine.pdbx_stereochemistry_target_values       ? 
_refine.pdbx_R_Free_selection_details            ? 
_refine.pdbx_stereochem_target_val_spec_case     ? 
_refine.pdbx_overall_ESU_R                       0.088 
_refine.pdbx_overall_ESU_R_Free                  0.089 
_refine.pdbx_solvent_vdw_probe_radii             1.200 
_refine.pdbx_solvent_ion_probe_radii             0.800 
_refine.pdbx_solvent_shrinkage_radii             0.800 
_refine.pdbx_real_space_R                        ? 
_refine.pdbx_density_correlation                 ? 
_refine.pdbx_pd_number_of_powder_patterns        ? 
_refine.pdbx_pd_number_of_points                 ? 
_refine.pdbx_pd_meas_number_of_points            ? 
_refine.pdbx_pd_proc_ls_prof_R_factor            ? 
_refine.pdbx_pd_proc_ls_prof_wR_factor           ? 
_refine.pdbx_pd_Marquardt_correlation_coeff      ? 
_refine.pdbx_pd_Fsqrd_R_factor                   ? 
_refine.pdbx_pd_ls_matrix_band_width             ? 
_refine.pdbx_overall_phase_error                 ? 
_refine.pdbx_overall_SU_R_free_Cruickshank_DPI   ? 
_refine.pdbx_overall_SU_R_free_Blow_DPI          ? 
_refine.pdbx_overall_SU_R_Blow_DPI               ? 
_refine.pdbx_TLS_residual_ADP_flag               ? 
_refine.pdbx_diffrn_id                           1 
_refine.overall_SU_B                             1.416 
_refine.overall_SU_ML                            0.055 
_refine.overall_SU_R_Cruickshank_DPI             ? 
_refine.overall_SU_R_free                        ? 
_refine.overall_FOM_free_R_set                   ? 
_refine.overall_FOM_work_R_set                   ? 
_refine.pdbx_average_fsc_overall                 ? 
_refine.pdbx_average_fsc_work                    ? 
_refine.pdbx_average_fsc_free                    ? 
# 
_refine_hist.pdbx_refine_id                   'X-RAY DIFFRACTION' 
_refine_hist.cycle_id                         LAST 
_refine_hist.details                          ? 
_refine_hist.d_res_high                       1.500 
_refine_hist.d_res_low                        28.169 
_refine_hist.number_atoms_solvent             87 
_refine_hist.number_atoms_total               1418 
_refine_hist.number_reflns_all                ? 
_refine_hist.number_reflns_obs                ? 
_refine_hist.number_reflns_R_free             ? 
_refine_hist.number_reflns_R_work             ? 
_refine_hist.R_factor_all                     ? 
_refine_hist.R_factor_obs                     ? 
_refine_hist.R_factor_R_free                  ? 
_refine_hist.R_factor_R_work                  ? 
_refine_hist.pdbx_number_residues_total       ? 
_refine_hist.pdbx_B_iso_mean_ligand           ? 
_refine_hist.pdbx_B_iso_mean_solvent          ? 
_refine_hist.pdbx_number_atoms_protein        1316 
_refine_hist.pdbx_number_atoms_nucleic_acid   0 
_refine_hist.pdbx_number_atoms_ligand         15 
_refine_hist.pdbx_number_atoms_lipid          ? 
_refine_hist.pdbx_number_atoms_carb           ? 
_refine_hist.pdbx_pseudo_atom_details         ? 
# 
loop_
_refine_ls_restr.pdbx_refine_id 
_refine_ls_restr.criterion 
_refine_ls_restr.dev_ideal 
_refine_ls_restr.dev_ideal_target 
_refine_ls_restr.number 
_refine_ls_restr.rejects 
_refine_ls_restr.type 
_refine_ls_restr.weight 
_refine_ls_restr.pdbx_restraint_function 
'X-RAY DIFFRACTION' ? 0.013  0.013  1348 ? r_bond_refined_d               ? ? 
'X-RAY DIFFRACTION' ? 0.001  0.014  1330 ? r_bond_other_d                 ? ? 
'X-RAY DIFFRACTION' ? 1.905  1.637  1829 ? r_angle_refined_deg            ? ? 
'X-RAY DIFFRACTION' ? 1.541  1.579  3041 ? r_angle_other_deg              ? ? 
'X-RAY DIFFRACTION' ? 6.365  5.000  172  ? r_dihedral_angle_1_deg         ? ? 
'X-RAY DIFFRACTION' ? 34.251 19.863 73   ? r_dihedral_angle_2_deg         ? ? 
'X-RAY DIFFRACTION' ? 12.342 15.000 223  ? r_dihedral_angle_3_deg         ? ? 
'X-RAY DIFFRACTION' ? 14.646 15.000 16   ? r_dihedral_angle_4_deg         ? ? 
'X-RAY DIFFRACTION' ? 0.100  0.200  178  ? r_chiral_restr                 ? ? 
'X-RAY DIFFRACTION' ? 0.009  0.020  1515 ? r_gen_planes_refined           ? ? 
'X-RAY DIFFRACTION' ? 0.002  0.020  313  ? r_gen_planes_other             ? ? 
'X-RAY DIFFRACTION' ? 0.225  0.200  255  ? r_nbd_refined                  ? ? 
'X-RAY DIFFRACTION' ? 0.201  0.200  1219 ? r_symmetry_nbd_other           ? ? 
'X-RAY DIFFRACTION' ? 0.164  0.200  676  ? r_nbtor_refined                ? ? 
'X-RAY DIFFRACTION' ? 0.085  0.200  674  ? r_symmetry_nbtor_other         ? ? 
'X-RAY DIFFRACTION' ? 0.115  0.200  64   ? r_xyhbond_nbd_refined          ? ? 
'X-RAY DIFFRACTION' ? 0.269  0.200  11   ? r_symmetry_nbd_refined         ? ? 
'X-RAY DIFFRACTION' ? 0.230  0.200  78   ? r_nbd_other                    ? ? 
'X-RAY DIFFRACTION' ? 0.216  0.200  12   ? r_symmetry_xyhbond_nbd_refined ? ? 
'X-RAY DIFFRACTION' ? 1.988  2.198  694  ? r_mcbond_it                    ? ? 
'X-RAY DIFFRACTION' ? 1.977  2.196  693  ? r_mcbond_other                 ? ? 
'X-RAY DIFFRACTION' ? 2.737  3.285  864  ? r_mcangle_it                   ? ? 
'X-RAY DIFFRACTION' ? 2.738  3.286  865  ? r_mcangle_other                ? ? 
'X-RAY DIFFRACTION' ? 3.228  2.664  654  ? r_scbond_it                    ? ? 
'X-RAY DIFFRACTION' ? 3.241  2.669  643  ? r_scbond_other                 ? ? 
'X-RAY DIFFRACTION' ? 4.541  3.851  965  ? r_scangle_it                   ? ? 
'X-RAY DIFFRACTION' ? 4.559  3.855  948  ? r_scangle_other                ? ? 
'X-RAY DIFFRACTION' ? 5.857  27.525 1452 ? r_lrange_it                    ? ? 
'X-RAY DIFFRACTION' ? 5.850  27.312 1436 ? r_lrange_other                 ? ? 
# 
loop_
_refine_ls_shell.pdbx_refine_id 
_refine_ls_shell.d_res_high 
_refine_ls_shell.d_res_low 
_refine_ls_shell.number_reflns_all 
_refine_ls_shell.number_reflns_obs 
_refine_ls_shell.number_reflns_R_free 
_refine_ls_shell.number_reflns_R_work 
_refine_ls_shell.percent_reflns_obs 
_refine_ls_shell.percent_reflns_R_free 
_refine_ls_shell.R_factor_all 
_refine_ls_shell.R_factor_obs 
_refine_ls_shell.R_factor_R_free_error 
_refine_ls_shell.R_factor_R_work 
_refine_ls_shell.redundancy_reflns_all 
_refine_ls_shell.redundancy_reflns_obs 
_refine_ls_shell.wR_factor_all 
_refine_ls_shell.wR_factor_obs 
_refine_ls_shell.wR_factor_R_free 
_refine_ls_shell.wR_factor_R_work 
_refine_ls_shell.pdbx_R_complete 
_refine_ls_shell.pdbx_total_number_of_bins_used 
_refine_ls_shell.pdbx_phase_error 
_refine_ls_shell.pdbx_fsc_work 
_refine_ls_shell.pdbx_fsc_free 
_refine_ls_shell.R_factor_R_free 
'X-RAY DIFFRACTION' 1.500 1.539  . . 75  1751 99.8906  . . . . 0.233 . . . . . . . . . . . 0.280 
'X-RAY DIFFRACTION' 1.539 1.581  . . 108 1681 100.0000 . . . . 0.222 . . . . . . . . . . . 0.284 
'X-RAY DIFFRACTION' 1.581 1.627  . . 94  1642 100.0000 . . . . 0.209 . . . . . . . . . . . 0.259 
'X-RAY DIFFRACTION' 1.627 1.677  . . 91  1593 100.0000 . . . . 0.191 . . . . . . . . . . . 0.212 
'X-RAY DIFFRACTION' 1.677 1.732  . . 53  1585 100.0000 . . . . 0.216 . . . . . . . . . . . 0.229 
'X-RAY DIFFRACTION' 1.732 1.793  . . 98  1484 100.0000 . . . . 0.209 . . . . . . . . . . . 0.266 
'X-RAY DIFFRACTION' 1.793 1.860  . . 75  1435 100.0000 . . . . 0.205 . . . . . . . . . . . 0.228 
'X-RAY DIFFRACTION' 1.860 1.936  . . 84  1380 100.0000 . . . . 0.210 . . . . . . . . . . . 0.254 
'X-RAY DIFFRACTION' 1.936 2.022  . . 66  1348 100.0000 . . . . 0.213 . . . . . . . . . . . 0.249 
'X-RAY DIFFRACTION' 2.022 2.120  . . 76  1278 100.0000 . . . . 0.209 . . . . . . . . . . . 0.229 
'X-RAY DIFFRACTION' 2.120 2.235  . . 62  1208 100.0000 . . . . 0.210 . . . . . . . . . . . 0.241 
'X-RAY DIFFRACTION' 2.235 2.370  . . 57  1170 100.0000 . . . . 0.203 . . . . . . . . . . . 0.231 
'X-RAY DIFFRACTION' 2.370 2.534  . . 49  1091 100.0000 . . . . 0.198 . . . . . . . . . . . 0.288 
'X-RAY DIFFRACTION' 2.534 2.736  . . 51  1015 100.0000 . . . . 0.209 . . . . . . . . . . . 0.261 
'X-RAY DIFFRACTION' 2.736 2.996  . . 53  919  100.0000 . . . . 0.222 . . . . . . . . . . . 0.220 
'X-RAY DIFFRACTION' 2.996 3.349  . . 42  849  100.0000 . . . . 0.202 . . . . . . . . . . . 0.263 
'X-RAY DIFFRACTION' 3.349 3.864  . . 40  743  100.0000 . . . . 0.196 . . . . . . . . . . . 0.186 
'X-RAY DIFFRACTION' 3.864 4.726  . . 52  619  100.0000 . . . . 0.185 . . . . . . . . . . . 0.236 
'X-RAY DIFFRACTION' 4.726 6.657  . . 31  493  100.0000 . . . . 0.209 . . . . . . . . . . . 0.243 
'X-RAY DIFFRACTION' 6.657 28.169 . . 16  277  97.9933  . . . . 0.197 . . . . . . . . . . . 0.234 
# 
_struct.entry_id                     8YK8 
_struct.title                        'adenosylcobinamide kinase/adenosylcobinamide phosphate guanylyltransferase -C91S' 
_struct.pdbx_model_details           ? 
_struct.pdbx_formula_weight          ? 
_struct.pdbx_formula_weight_method   ? 
_struct.pdbx_model_type_details      ? 
_struct.pdbx_CASP_flag               N 
# 
_struct_keywords.entry_id        8YK8 
_struct_keywords.text            
'C91S mutant, phosphorylation, guanylylation, ping-pong mechanism, ternary complex mechanism, TRANSFERASE' 
_struct_keywords.pdbx_keywords   TRANSFERASE 
# 
loop_
_struct_asym.id 
_struct_asym.pdbx_blank_PDB_chainid_flag 
_struct_asym.pdbx_modified 
_struct_asym.entity_id 
_struct_asym.details 
A N N 1 ? 
B N N 2 ? 
C N N 2 ? 
D N N 2 ? 
E N N 3 ? 
# 
_struct_ref.id                         1 
_struct_ref.db_name                    UNP 
_struct_ref.db_code                    A0A1I3YTB1_9HYPH 
_struct_ref.pdbx_db_accession          A0A1I3YTB1 
_struct_ref.pdbx_db_isoform            ? 
_struct_ref.entity_id                  1 
_struct_ref.pdbx_seq_one_letter_code   
;MPAGGDPIKSLLVVGGARSGKSRFAQRMAEASGRSLVLIATAQPLDAEMADRISRHAADRDARWTLIEAFFDLGQTLRRE
AQPERLLVVDCVTLWLSNLLLRGDDLSPPIKDLARTAARLEGPVIFVSNEVGAGIVPDNALARAFRDAQGMCNQRLAEAC
DAVTLVTAGIATQIKPGPEPVFRF
;
_struct_ref.pdbx_align_begin           1 
# 
_struct_ref_seq.align_id                      1 
_struct_ref_seq.ref_id                        1 
_struct_ref_seq.pdbx_PDB_id_code              8YK8 
_struct_ref_seq.pdbx_strand_id                A 
_struct_ref_seq.seq_align_beg                 4 
_struct_ref_seq.pdbx_seq_align_beg_ins_code   ? 
_struct_ref_seq.seq_align_end                 187 
_struct_ref_seq.pdbx_seq_align_end_ins_code   ? 
_struct_ref_seq.pdbx_db_accession             A0A1I3YTB1 
_struct_ref_seq.db_align_beg                  1 
_struct_ref_seq.pdbx_db_align_beg_ins_code    ? 
_struct_ref_seq.db_align_end                  184 
_struct_ref_seq.pdbx_db_align_end_ins_code    ? 
_struct_ref_seq.pdbx_auth_seq_align_beg       1 
_struct_ref_seq.pdbx_auth_seq_align_end       184 
# 
loop_
_struct_ref_seq_dif.align_id 
_struct_ref_seq_dif.pdbx_pdb_id_code 
_struct_ref_seq_dif.mon_id 
_struct_ref_seq_dif.pdbx_pdb_strand_id 
_struct_ref_seq_dif.seq_num 
_struct_ref_seq_dif.pdbx_pdb_ins_code 
_struct_ref_seq_dif.pdbx_seq_db_name 
_struct_ref_seq_dif.pdbx_seq_db_accession_code 
_struct_ref_seq_dif.db_mon_id 
_struct_ref_seq_dif.pdbx_seq_db_seq_num 
_struct_ref_seq_dif.details 
_struct_ref_seq_dif.pdbx_auth_seq_num 
_struct_ref_seq_dif.pdbx_ordinal 
1 8YK8 GLY A 1  ? UNP A0A1I3YTB1 ?   ?  'expression tag' -2 1 
1 8YK8 SER A 2  ? UNP A0A1I3YTB1 ?   ?  'expression tag' -1 2 
1 8YK8 HIS A 3  ? UNP A0A1I3YTB1 ?   ?  'expression tag' 0  3 
1 8YK8 SER A 94 ? UNP A0A1I3YTB1 CYS 91 conflict         91 4 
# 
_pdbx_struct_assembly.id                   1 
_pdbx_struct_assembly.details              author_defined_assembly 
_pdbx_struct_assembly.method_details       ? 
_pdbx_struct_assembly.oligomeric_details   monomeric 
_pdbx_struct_assembly.oligomeric_count     1 
# 
loop_
_pdbx_struct_assembly_gen.assembly_id 
_pdbx_struct_assembly_gen.oper_expression 
_pdbx_struct_assembly_gen.asym_id_list 
1 1 A,B,C,D,E 
1 2 A,B,C,D,E 
1 3 A,B,C,D,E 
# 
_pdbx_struct_assembly_auth_evidence.id                     1 
_pdbx_struct_assembly_auth_evidence.assembly_id            1 
_pdbx_struct_assembly_auth_evidence.experimental_support   'equilibrium centrifugation' 
_pdbx_struct_assembly_auth_evidence.details                ? 
# 
loop_
_pdbx_struct_oper_list.id 
_pdbx_struct_oper_list.type 
_pdbx_struct_oper_list.name 
_pdbx_struct_oper_list.symmetry_operation 
_pdbx_struct_oper_list.matrix[1][1] 
_pdbx_struct_oper_list.matrix[1][2] 
_pdbx_struct_oper_list.matrix[1][3] 
_pdbx_struct_oper_list.vector[1] 
_pdbx_struct_oper_list.matrix[2][1] 
_pdbx_struct_oper_list.matrix[2][2] 
_pdbx_struct_oper_list.matrix[2][3] 
_pdbx_struct_oper_list.vector[2] 
_pdbx_struct_oper_list.matrix[3][1] 
_pdbx_struct_oper_list.matrix[3][2] 
_pdbx_struct_oper_list.matrix[3][3] 
_pdbx_struct_oper_list.vector[3] 
1 'identity operation'       1_555 x,y,z 1.0        0.0         0.0        0.0      0.0         1.0         0.0         0.0       0.0        0.0         1.0         0.0       
2 'point symmetry operation' ?     ?     0.72352377 -0.32141625 0.61089839 1.21133  0.41952044  -0.49803346 -0.75889481 -28.71516 0.54818597 0.80536347  -0.22549031 -0.12692  
3 'point symmetry operation' ?     ?     0.72352377 0.41952044  0.54818597 11.24027 -0.32141625 -0.49803346 0.80536347  -13.80945 0.61089839 -0.75889481 -0.22549031 -22.56152 
# 
loop_
_struct_conf.conf_type_id 
_struct_conf.id 
_struct_conf.pdbx_PDB_helix_id 
_struct_conf.beg_label_comp_id 
_struct_conf.beg_label_asym_id 
_struct_conf.beg_label_seq_id 
_struct_conf.pdbx_beg_PDB_ins_code 
_struct_conf.end_label_comp_id 
_struct_conf.end_label_asym_id 
_struct_conf.end_label_seq_id 
_struct_conf.pdbx_end_PDB_ins_code 
_struct_conf.beg_auth_comp_id 
_struct_conf.beg_auth_asym_id 
_struct_conf.beg_auth_seq_id 
_struct_conf.end_auth_comp_id 
_struct_conf.end_auth_asym_id 
_struct_conf.end_auth_seq_id 
_struct_conf.pdbx_PDB_helix_class 
_struct_conf.details 
_struct_conf.pdbx_PDB_helix_length 
HELX_P HELX_P1 AA1 GLY A 23  ? ALA A 34  ? GLY A 20  ALA A 31  1 ? 12 
HELX_P HELX_P2 AA2 ASP A 49  ? ALA A 60  ? ASP A 46  ALA A 57  1 ? 12 
HELX_P HELX_P3 AA3 ASP A 75  ? ALA A 84  ? ASP A 72  ALA A 81  1 ? 10 
HELX_P HELX_P4 AA4 SER A 94  ? GLY A 106 ? SER A 91  GLY A 103 1 ? 13 
HELX_P HELX_P5 AA5 LEU A 109 ? ALA A 121 ? LEU A 106 ALA A 118 1 ? 13 
HELX_P HELX_P6 AA6 ASN A 142 ? CYS A 163 ? ASN A 139 CYS A 160 1 ? 22 
# 
_struct_conf_type.id          HELX_P 
_struct_conf_type.criteria    ? 
_struct_conf_type.reference   ? 
# 
_struct_mon_prot_cis.pdbx_id                1 
_struct_mon_prot_cis.label_comp_id          LYS 
_struct_mon_prot_cis.label_seq_id           178 
_struct_mon_prot_cis.label_asym_id          A 
_struct_mon_prot_cis.label_alt_id           . 
_struct_mon_prot_cis.pdbx_PDB_ins_code      ? 
_struct_mon_prot_cis.auth_comp_id           LYS 
_struct_mon_prot_cis.auth_seq_id            175 
_struct_mon_prot_cis.auth_asym_id           A 
_struct_mon_prot_cis.pdbx_label_comp_id_2   PRO 
_struct_mon_prot_cis.pdbx_label_seq_id_2    179 
_struct_mon_prot_cis.pdbx_label_asym_id_2   A 
_struct_mon_prot_cis.pdbx_PDB_ins_code_2    ? 
_struct_mon_prot_cis.pdbx_auth_comp_id_2    PRO 
_struct_mon_prot_cis.pdbx_auth_seq_id_2     176 
_struct_mon_prot_cis.pdbx_auth_asym_id_2    A 
_struct_mon_prot_cis.pdbx_PDB_model_num     1 
_struct_mon_prot_cis.pdbx_omega_angle       -5.89 
# 
_struct_sheet.id               AA1 
_struct_sheet.type             ? 
_struct_sheet.number_strands   7 
_struct_sheet.details          ? 
# 
loop_
_struct_sheet_order.sheet_id 
_struct_sheet_order.range_id_1 
_struct_sheet_order.range_id_2 
_struct_sheet_order.offset 
_struct_sheet_order.sense 
AA1 1 2 ? parallel      
AA1 2 3 ? parallel      
AA1 3 4 ? parallel      
AA1 4 5 ? parallel      
AA1 5 6 ? parallel      
AA1 6 7 ? anti-parallel 
# 
loop_
_struct_sheet_range.sheet_id 
_struct_sheet_range.id 
_struct_sheet_range.beg_label_comp_id 
_struct_sheet_range.beg_label_asym_id 
_struct_sheet_range.beg_label_seq_id 
_struct_sheet_range.pdbx_beg_PDB_ins_code 
_struct_sheet_range.end_label_comp_id 
_struct_sheet_range.end_label_asym_id 
_struct_sheet_range.end_label_seq_id 
_struct_sheet_range.pdbx_end_PDB_ins_code 
_struct_sheet_range.beg_auth_comp_id 
_struct_sheet_range.beg_auth_asym_id 
_struct_sheet_range.beg_auth_seq_id 
_struct_sheet_range.end_auth_comp_id 
_struct_sheet_range.end_auth_asym_id 
_struct_sheet_range.end_auth_seq_id 
AA1 1 THR A 68  ? GLU A 71  ? THR A 65  GLU A 68  
AA1 2 SER A 38  ? ALA A 43  ? SER A 35  ALA A 40  
AA1 3 ARG A 88  ? VAL A 92  ? ARG A 85  VAL A 89  
AA1 4 VAL A 127 ? ASN A 132 ? VAL A 124 ASN A 129 
AA1 5 SER A 13  ? GLY A 18  ? SER A 10  GLY A 15  
AA1 6 ALA A 165 ? THR A 170 ? ALA A 162 THR A 167 
AA1 7 ILE A 173 ? LYS A 178 ? ILE A 170 LYS A 175 
# 
loop_
_pdbx_struct_sheet_hbond.sheet_id 
_pdbx_struct_sheet_hbond.range_id_1 
_pdbx_struct_sheet_hbond.range_id_2 
_pdbx_struct_sheet_hbond.range_1_label_atom_id 
_pdbx_struct_sheet_hbond.range_1_label_comp_id 
_pdbx_struct_sheet_hbond.range_1_label_asym_id 
_pdbx_struct_sheet_hbond.range_1_label_seq_id 
_pdbx_struct_sheet_hbond.range_1_PDB_ins_code 
_pdbx_struct_sheet_hbond.range_1_auth_atom_id 
_pdbx_struct_sheet_hbond.range_1_auth_comp_id 
_pdbx_struct_sheet_hbond.range_1_auth_asym_id 
_pdbx_struct_sheet_hbond.range_1_auth_seq_id 
_pdbx_struct_sheet_hbond.range_2_label_atom_id 
_pdbx_struct_sheet_hbond.range_2_label_comp_id 
_pdbx_struct_sheet_hbond.range_2_label_asym_id 
_pdbx_struct_sheet_hbond.range_2_label_seq_id 
_pdbx_struct_sheet_hbond.range_2_PDB_ins_code 
_pdbx_struct_sheet_hbond.range_2_auth_atom_id 
_pdbx_struct_sheet_hbond.range_2_auth_comp_id 
_pdbx_struct_sheet_hbond.range_2_auth_asym_id 
_pdbx_struct_sheet_hbond.range_2_auth_seq_id 
AA1 1 2 O ILE A 70  ? O ILE A 67  N ALA A 43  ? N ALA A 40  
AA1 2 3 N ILE A 42  ? N ILE A 39  O VAL A 91  ? O VAL A 88  
AA1 3 4 N VAL A 92  ? N VAL A 89  O ILE A 128 ? O ILE A 125 
AA1 4 5 O PHE A 129 ? O PHE A 126 N LEU A 14  ? N LEU A 11  
AA1 5 6 N VAL A 17  ? N VAL A 14  O THR A 167 ? O THR A 164 
AA1 6 7 N LEU A 168 ? N LEU A 165 O THR A 175 ? O THR A 172 
# 
_pdbx_entry_details.entry_id                   8YK8 
_pdbx_entry_details.has_ligand_of_interest     Y 
_pdbx_entry_details.compound_details           ? 
_pdbx_entry_details.source_details             ? 
_pdbx_entry_details.nonpolymer_details         ? 
_pdbx_entry_details.sequence_details           ? 
_pdbx_entry_details.has_protein_modification   N 
# 
loop_
_pdbx_validate_rmsd_angle.id 
_pdbx_validate_rmsd_angle.PDB_model_num 
_pdbx_validate_rmsd_angle.auth_atom_id_1 
_pdbx_validate_rmsd_angle.auth_asym_id_1 
_pdbx_validate_rmsd_angle.auth_comp_id_1 
_pdbx_validate_rmsd_angle.auth_seq_id_1 
_pdbx_validate_rmsd_angle.PDB_ins_code_1 
_pdbx_validate_rmsd_angle.label_alt_id_1 
_pdbx_validate_rmsd_angle.auth_atom_id_2 
_pdbx_validate_rmsd_angle.auth_asym_id_2 
_pdbx_validate_rmsd_angle.auth_comp_id_2 
_pdbx_validate_rmsd_angle.auth_seq_id_2 
_pdbx_validate_rmsd_angle.PDB_ins_code_2 
_pdbx_validate_rmsd_angle.label_alt_id_2 
_pdbx_validate_rmsd_angle.auth_atom_id_3 
_pdbx_validate_rmsd_angle.auth_asym_id_3 
_pdbx_validate_rmsd_angle.auth_comp_id_3 
_pdbx_validate_rmsd_angle.auth_seq_id_3 
_pdbx_validate_rmsd_angle.PDB_ins_code_3 
_pdbx_validate_rmsd_angle.label_alt_id_3 
_pdbx_validate_rmsd_angle.angle_value 
_pdbx_validate_rmsd_angle.angle_target_value 
_pdbx_validate_rmsd_angle.angle_deviation 
_pdbx_validate_rmsd_angle.angle_standard_deviation 
_pdbx_validate_rmsd_angle.linker_flag 
1 1 NE A ARG 146 ? ? CZ A ARG 146 ? ? NH1 A ARG 146 ? ? 115.27 120.30 -5.03 0.50 N 
2 1 NE A ARG 146 ? ? CZ A ARG 146 ? ? NH2 A ARG 146 ? ? 125.19 120.30 4.89  0.50 N 
3 1 NE A ARG 155 ? ? CZ A ARG 155 ? ? NH2 A ARG 155 ? ? 116.05 120.30 -4.25 0.50 N 
# 
_pdbx_validate_torsion.id              1 
_pdbx_validate_torsion.PDB_model_num   1 
_pdbx_validate_torsion.auth_comp_id    ASP 
_pdbx_validate_torsion.auth_asym_id    A 
_pdbx_validate_torsion.auth_seq_id     72 
_pdbx_validate_torsion.PDB_ins_code    ? 
_pdbx_validate_torsion.label_alt_id    ? 
_pdbx_validate_torsion.phi             -90.09 
_pdbx_validate_torsion.psi             59.13 
# 
loop_
_pdbx_unobs_or_zero_occ_residues.id 
_pdbx_unobs_or_zero_occ_residues.PDB_model_num 
_pdbx_unobs_or_zero_occ_residues.polymer_flag 
_pdbx_unobs_or_zero_occ_residues.occupancy_flag 
_pdbx_unobs_or_zero_occ_residues.auth_asym_id 
_pdbx_unobs_or_zero_occ_residues.auth_comp_id 
_pdbx_unobs_or_zero_occ_residues.auth_seq_id 
_pdbx_unobs_or_zero_occ_residues.PDB_ins_code 
_pdbx_unobs_or_zero_occ_residues.label_asym_id 
_pdbx_unobs_or_zero_occ_residues.label_comp_id 
_pdbx_unobs_or_zero_occ_residues.label_seq_id 
1  1 Y 1 A GLY -2 ? A GLY 1  
2  1 Y 1 A SER -1 ? A SER 2  
3  1 Y 1 A HIS 0  ? A HIS 3  
4  1 Y 1 A MET 1  ? A MET 4  
5  1 Y 1 A PRO 2  ? A PRO 5  
6  1 Y 1 A ALA 3  ? A ALA 6  
7  1 Y 1 A GLY 4  ? A GLY 7  
8  1 Y 1 A ALA 58 ? A ALA 61 
9  1 Y 1 A ASP 59 ? A ASP 62 
10 1 Y 1 A ARG 60 ? A ARG 63 
11 1 Y 1 A ASP 61 ? A ASP 64 
12 1 Y 1 A ALA 62 ? A ALA 65 
13 1 Y 1 A ARG 63 ? A ARG 66 
# 
loop_
_chem_comp_atom.comp_id 
_chem_comp_atom.atom_id 
_chem_comp_atom.type_symbol 
_chem_comp_atom.pdbx_aromatic_flag 
_chem_comp_atom.pdbx_stereo_config 
_chem_comp_atom.pdbx_ordinal 
ALA N    N N N 1   
ALA CA   C N S 2   
ALA C    C N N 3   
ALA O    O N N 4   
ALA CB   C N N 5   
ALA OXT  O N N 6   
ALA H    H N N 7   
ALA H2   H N N 8   
ALA HA   H N N 9   
ALA HB1  H N N 10  
ALA HB2  H N N 11  
ALA HB3  H N N 12  
ALA HXT  H N N 13  
ARG N    N N N 14  
ARG CA   C N S 15  
ARG C    C N N 16  
ARG O    O N N 17  
ARG CB   C N N 18  
ARG CG   C N N 19  
ARG CD   C N N 20  
ARG NE   N N N 21  
ARG CZ   C N N 22  
ARG NH1  N N N 23  
ARG NH2  N N N 24  
ARG OXT  O N N 25  
ARG H    H N N 26  
ARG H2   H N N 27  
ARG HA   H N N 28  
ARG HB2  H N N 29  
ARG HB3  H N N 30  
ARG HG2  H N N 31  
ARG HG3  H N N 32  
ARG HD2  H N N 33  
ARG HD3  H N N 34  
ARG HE   H N N 35  
ARG HH11 H N N 36  
ARG HH12 H N N 37  
ARG HH21 H N N 38  
ARG HH22 H N N 39  
ARG HXT  H N N 40  
ASN N    N N N 41  
ASN CA   C N S 42  
ASN C    C N N 43  
ASN O    O N N 44  
ASN CB   C N N 45  
ASN CG   C N N 46  
ASN OD1  O N N 47  
ASN ND2  N N N 48  
ASN OXT  O N N 49  
ASN H    H N N 50  
ASN H2   H N N 51  
ASN HA   H N N 52  
ASN HB2  H N N 53  
ASN HB3  H N N 54  
ASN HD21 H N N 55  
ASN HD22 H N N 56  
ASN HXT  H N N 57  
ASP N    N N N 58  
ASP CA   C N S 59  
ASP C    C N N 60  
ASP O    O N N 61  
ASP CB   C N N 62  
ASP CG   C N N 63  
ASP OD1  O N N 64  
ASP OD2  O N N 65  
ASP OXT  O N N 66  
ASP H    H N N 67  
ASP H2   H N N 68  
ASP HA   H N N 69  
ASP HB2  H N N 70  
ASP HB3  H N N 71  
ASP HD2  H N N 72  
ASP HXT  H N N 73  
CYS N    N N N 74  
CYS CA   C N R 75  
CYS C    C N N 76  
CYS O    O N N 77  
CYS CB   C N N 78  
CYS SG   S N N 79  
CYS OXT  O N N 80  
CYS H    H N N 81  
CYS H2   H N N 82  
CYS HA   H N N 83  
CYS HB2  H N N 84  
CYS HB3  H N N 85  
CYS HG   H N N 86  
CYS HXT  H N N 87  
GLN N    N N N 88  
GLN CA   C N S 89  
GLN C    C N N 90  
GLN O    O N N 91  
GLN CB   C N N 92  
GLN CG   C N N 93  
GLN CD   C N N 94  
GLN OE1  O N N 95  
GLN NE2  N N N 96  
GLN OXT  O N N 97  
GLN H    H N N 98  
GLN H2   H N N 99  
GLN HA   H N N 100 
GLN HB2  H N N 101 
GLN HB3  H N N 102 
GLN HG2  H N N 103 
GLN HG3  H N N 104 
GLN HE21 H N N 105 
GLN HE22 H N N 106 
GLN HXT  H N N 107 
GLU N    N N N 108 
GLU CA   C N S 109 
GLU C    C N N 110 
GLU O    O N N 111 
GLU CB   C N N 112 
GLU CG   C N N 113 
GLU CD   C N N 114 
GLU OE1  O N N 115 
GLU OE2  O N N 116 
GLU OXT  O N N 117 
GLU H    H N N 118 
GLU H2   H N N 119 
GLU HA   H N N 120 
GLU HB2  H N N 121 
GLU HB3  H N N 122 
GLU HG2  H N N 123 
GLU HG3  H N N 124 
GLU HE2  H N N 125 
GLU HXT  H N N 126 
GLY N    N N N 127 
GLY CA   C N N 128 
GLY C    C N N 129 
GLY O    O N N 130 
GLY OXT  O N N 131 
GLY H    H N N 132 
GLY H2   H N N 133 
GLY HA2  H N N 134 
GLY HA3  H N N 135 
GLY HXT  H N N 136 
HIS N    N N N 137 
HIS CA   C N S 138 
HIS C    C N N 139 
HIS O    O N N 140 
HIS CB   C N N 141 
HIS CG   C Y N 142 
HIS ND1  N Y N 143 
HIS CD2  C Y N 144 
HIS CE1  C Y N 145 
HIS NE2  N Y N 146 
HIS OXT  O N N 147 
HIS H    H N N 148 
HIS H2   H N N 149 
HIS HA   H N N 150 
HIS HB2  H N N 151 
HIS HB3  H N N 152 
HIS HD1  H N N 153 
HIS HD2  H N N 154 
HIS HE1  H N N 155 
HIS HE2  H N N 156 
HIS HXT  H N N 157 
HOH O    O N N 158 
HOH H1   H N N 159 
HOH H2   H N N 160 
ILE N    N N N 161 
ILE CA   C N S 162 
ILE C    C N N 163 
ILE O    O N N 164 
ILE CB   C N S 165 
ILE CG1  C N N 166 
ILE CG2  C N N 167 
ILE CD1  C N N 168 
ILE OXT  O N N 169 
ILE H    H N N 170 
ILE H2   H N N 171 
ILE HA   H N N 172 
ILE HB   H N N 173 
ILE HG12 H N N 174 
ILE HG13 H N N 175 
ILE HG21 H N N 176 
ILE HG22 H N N 177 
ILE HG23 H N N 178 
ILE HD11 H N N 179 
ILE HD12 H N N 180 
ILE HD13 H N N 181 
ILE HXT  H N N 182 
LEU N    N N N 183 
LEU CA   C N S 184 
LEU C    C N N 185 
LEU O    O N N 186 
LEU CB   C N N 187 
LEU CG   C N N 188 
LEU CD1  C N N 189 
LEU CD2  C N N 190 
LEU OXT  O N N 191 
LEU H    H N N 192 
LEU H2   H N N 193 
LEU HA   H N N 194 
LEU HB2  H N N 195 
LEU HB3  H N N 196 
LEU HG   H N N 197 
LEU HD11 H N N 198 
LEU HD12 H N N 199 
LEU HD13 H N N 200 
LEU HD21 H N N 201 
LEU HD22 H N N 202 
LEU HD23 H N N 203 
LEU HXT  H N N 204 
LYS N    N N N 205 
LYS CA   C N S 206 
LYS C    C N N 207 
LYS O    O N N 208 
LYS CB   C N N 209 
LYS CG   C N N 210 
LYS CD   C N N 211 
LYS CE   C N N 212 
LYS NZ   N N N 213 
LYS OXT  O N N 214 
LYS H    H N N 215 
LYS H2   H N N 216 
LYS HA   H N N 217 
LYS HB2  H N N 218 
LYS HB3  H N N 219 
LYS HG2  H N N 220 
LYS HG3  H N N 221 
LYS HD2  H N N 222 
LYS HD3  H N N 223 
LYS HE2  H N N 224 
LYS HE3  H N N 225 
LYS HZ1  H N N 226 
LYS HZ2  H N N 227 
LYS HZ3  H N N 228 
LYS HXT  H N N 229 
MET N    N N N 230 
MET CA   C N S 231 
MET C    C N N 232 
MET O    O N N 233 
MET CB   C N N 234 
MET CG   C N N 235 
MET SD   S N N 236 
MET CE   C N N 237 
MET OXT  O N N 238 
MET H    H N N 239 
MET H2   H N N 240 
MET HA   H N N 241 
MET HB2  H N N 242 
MET HB3  H N N 243 
MET HG2  H N N 244 
MET HG3  H N N 245 
MET HE1  H N N 246 
MET HE2  H N N 247 
MET HE3  H N N 248 
MET HXT  H N N 249 
PHE N    N N N 250 
PHE CA   C N S 251 
PHE C    C N N 252 
PHE O    O N N 253 
PHE CB   C N N 254 
PHE CG   C Y N 255 
PHE CD1  C Y N 256 
PHE CD2  C Y N 257 
PHE CE1  C Y N 258 
PHE CE2  C Y N 259 
PHE CZ   C Y N 260 
PHE OXT  O N N 261 
PHE H    H N N 262 
PHE H2   H N N 263 
PHE HA   H N N 264 
PHE HB2  H N N 265 
PHE HB3  H N N 266 
PHE HD1  H N N 267 
PHE HD2  H N N 268 
PHE HE1  H N N 269 
PHE HE2  H N N 270 
PHE HZ   H N N 271 
PHE HXT  H N N 272 
PO4 P    P N N 273 
PO4 O1   O N N 274 
PO4 O2   O N N 275 
PO4 O3   O N N 276 
PO4 O4   O N N 277 
PRO N    N N N 278 
PRO CA   C N S 279 
PRO C    C N N 280 
PRO O    O N N 281 
PRO CB   C N N 282 
PRO CG   C N N 283 
PRO CD   C N N 284 
PRO OXT  O N N 285 
PRO H    H N N 286 
PRO HA   H N N 287 
PRO HB2  H N N 288 
PRO HB3  H N N 289 
PRO HG2  H N N 290 
PRO HG3  H N N 291 
PRO HD2  H N N 292 
PRO HD3  H N N 293 
PRO HXT  H N N 294 
SER N    N N N 295 
SER CA   C N S 296 
SER C    C N N 297 
SER O    O N N 298 
SER CB   C N N 299 
SER OG   O N N 300 
SER OXT  O N N 301 
SER H    H N N 302 
SER H2   H N N 303 
SER HA   H N N 304 
SER HB2  H N N 305 
SER HB3  H N N 306 
SER HG   H N N 307 
SER HXT  H N N 308 
THR N    N N N 309 
THR CA   C N S 310 
THR C    C N N 311 
THR O    O N N 312 
THR CB   C N R 313 
THR OG1  O N N 314 
THR CG2  C N N 315 
THR OXT  O N N 316 
THR H    H N N 317 
THR H2   H N N 318 
THR HA   H N N 319 
THR HB   H N N 320 
THR HG1  H N N 321 
THR HG21 H N N 322 
THR HG22 H N N 323 
THR HG23 H N N 324 
THR HXT  H N N 325 
TRP N    N N N 326 
TRP CA   C N S 327 
TRP C    C N N 328 
TRP O    O N N 329 
TRP CB   C N N 330 
TRP CG   C Y N 331 
TRP CD1  C Y N 332 
TRP CD2  C Y N 333 
TRP NE1  N Y N 334 
TRP CE2  C Y N 335 
TRP CE3  C Y N 336 
TRP CZ2  C Y N 337 
TRP CZ3  C Y N 338 
TRP CH2  C Y N 339 
TRP OXT  O N N 340 
TRP H    H N N 341 
TRP H2   H N N 342 
TRP HA   H N N 343 
TRP HB2  H N N 344 
TRP HB3  H N N 345 
TRP HD1  H N N 346 
TRP HE1  H N N 347 
TRP HE3  H N N 348 
TRP HZ2  H N N 349 
TRP HZ3  H N N 350 
TRP HH2  H N N 351 
TRP HXT  H N N 352 
VAL N    N N N 353 
VAL CA   C N S 354 
VAL C    C N N 355 
VAL O    O N N 356 
VAL CB   C N N 357 
VAL CG1  C N N 358 
VAL CG2  C N N 359 
VAL OXT  O N N 360 
VAL H    H N N 361 
VAL H2   H N N 362 
VAL HA   H N N 363 
VAL HB   H N N 364 
VAL HG11 H N N 365 
VAL HG12 H N N 366 
VAL HG13 H N N 367 
VAL HG21 H N N 368 
VAL HG22 H N N 369 
VAL HG23 H N N 370 
VAL HXT  H N N 371 
# 
loop_
_chem_comp_bond.comp_id 
_chem_comp_bond.atom_id_1 
_chem_comp_bond.atom_id_2 
_chem_comp_bond.value_order 
_chem_comp_bond.pdbx_aromatic_flag 
_chem_comp_bond.pdbx_stereo_config 
_chem_comp_bond.pdbx_ordinal 
ALA N   CA   sing N N 1   
ALA N   H    sing N N 2   
ALA N   H2   sing N N 3   
ALA CA  C    sing N N 4   
ALA CA  CB   sing N N 5   
ALA CA  HA   sing N N 6   
ALA C   O    doub N N 7   
ALA C   OXT  sing N N 8   
ALA CB  HB1  sing N N 9   
ALA CB  HB2  sing N N 10  
ALA CB  HB3  sing N N 11  
ALA OXT HXT  sing N N 12  
ARG N   CA   sing N N 13  
ARG N   H    sing N N 14  
ARG N   H2   sing N N 15  
ARG CA  C    sing N N 16  
ARG CA  CB   sing N N 17  
ARG CA  HA   sing N N 18  
ARG C   O    doub N N 19  
ARG C   OXT  sing N N 20  
ARG CB  CG   sing N N 21  
ARG CB  HB2  sing N N 22  
ARG CB  HB3  sing N N 23  
ARG CG  CD   sing N N 24  
ARG CG  HG2  sing N N 25  
ARG CG  HG3  sing N N 26  
ARG CD  NE   sing N N 27  
ARG CD  HD2  sing N N 28  
ARG CD  HD3  sing N N 29  
ARG NE  CZ   sing N N 30  
ARG NE  HE   sing N N 31  
ARG CZ  NH1  sing N N 32  
ARG CZ  NH2  doub N N 33  
ARG NH1 HH11 sing N N 34  
ARG NH1 HH12 sing N N 35  
ARG NH2 HH21 sing N N 36  
ARG NH2 HH22 sing N N 37  
ARG OXT HXT  sing N N 38  
ASN N   CA   sing N N 39  
ASN N   H    sing N N 40  
ASN N   H2   sing N N 41  
ASN CA  C    sing N N 42  
ASN CA  CB   sing N N 43  
ASN CA  HA   sing N N 44  
ASN C   O    doub N N 45  
ASN C   OXT  sing N N 46  
ASN CB  CG   sing N N 47  
ASN CB  HB2  sing N N 48  
ASN CB  HB3  sing N N 49  
ASN CG  OD1  doub N N 50  
ASN CG  ND2  sing N N 51  
ASN ND2 HD21 sing N N 52  
ASN ND2 HD22 sing N N 53  
ASN OXT HXT  sing N N 54  
ASP N   CA   sing N N 55  
ASP N   H    sing N N 56  
ASP N   H2   sing N N 57  
ASP CA  C    sing N N 58  
ASP CA  CB   sing N N 59  
ASP CA  HA   sing N N 60  
ASP C   O    doub N N 61  
ASP C   OXT  sing N N 62  
ASP CB  CG   sing N N 63  
ASP CB  HB2  sing N N 64  
ASP CB  HB3  sing N N 65  
ASP CG  OD1  doub N N 66  
ASP CG  OD2  sing N N 67  
ASP OD2 HD2  sing N N 68  
ASP OXT HXT  sing N N 69  
CYS N   CA   sing N N 70  
CYS N   H    sing N N 71  
CYS N   H2   sing N N 72  
CYS CA  C    sing N N 73  
CYS CA  CB   sing N N 74  
CYS CA  HA   sing N N 75  
CYS C   O    doub N N 76  
CYS C   OXT  sing N N 77  
CYS CB  SG   sing N N 78  
CYS CB  HB2  sing N N 79  
CYS CB  HB3  sing N N 80  
CYS SG  HG   sing N N 81  
CYS OXT HXT  sing N N 82  
GLN N   CA   sing N N 83  
GLN N   H    sing N N 84  
GLN N   H2   sing N N 85  
GLN CA  C    sing N N 86  
GLN CA  CB   sing N N 87  
GLN CA  HA   sing N N 88  
GLN C   O    doub N N 89  
GLN C   OXT  sing N N 90  
GLN CB  CG   sing N N 91  
GLN CB  HB2  sing N N 92  
GLN CB  HB3  sing N N 93  
GLN CG  CD   sing N N 94  
GLN CG  HG2  sing N N 95  
GLN CG  HG3  sing N N 96  
GLN CD  OE1  doub N N 97  
GLN CD  NE2  sing N N 98  
GLN NE2 HE21 sing N N 99  
GLN NE2 HE22 sing N N 100 
GLN OXT HXT  sing N N 101 
GLU N   CA   sing N N 102 
GLU N   H    sing N N 103 
GLU N   H2   sing N N 104 
GLU CA  C    sing N N 105 
GLU CA  CB   sing N N 106 
GLU CA  HA   sing N N 107 
GLU C   O    doub N N 108 
GLU C   OXT  sing N N 109 
GLU CB  CG   sing N N 110 
GLU CB  HB2  sing N N 111 
GLU CB  HB3  sing N N 112 
GLU CG  CD   sing N N 113 
GLU CG  HG2  sing N N 114 
GLU CG  HG3  sing N N 115 
GLU CD  OE1  doub N N 116 
GLU CD  OE2  sing N N 117 
GLU OE2 HE2  sing N N 118 
GLU OXT HXT  sing N N 119 
GLY N   CA   sing N N 120 
GLY N   H    sing N N 121 
GLY N   H2   sing N N 122 
GLY CA  C    sing N N 123 
GLY CA  HA2  sing N N 124 
GLY CA  HA3  sing N N 125 
GLY C   O    doub N N 126 
GLY C   OXT  sing N N 127 
GLY OXT HXT  sing N N 128 
HIS N   CA   sing N N 129 
HIS N   H    sing N N 130 
HIS N   H2   sing N N 131 
HIS CA  C    sing N N 132 
HIS CA  CB   sing N N 133 
HIS CA  HA   sing N N 134 
HIS C   O    doub N N 135 
HIS C   OXT  sing N N 136 
HIS CB  CG   sing N N 137 
HIS CB  HB2  sing N N 138 
HIS CB  HB3  sing N N 139 
HIS CG  ND1  sing Y N 140 
HIS CG  CD2  doub Y N 141 
HIS ND1 CE1  doub Y N 142 
HIS ND1 HD1  sing N N 143 
HIS CD2 NE2  sing Y N 144 
HIS CD2 HD2  sing N N 145 
HIS CE1 NE2  sing Y N 146 
HIS CE1 HE1  sing N N 147 
HIS NE2 HE2  sing N N 148 
HIS OXT HXT  sing N N 149 
HOH O   H1   sing N N 150 
HOH O   H2   sing N N 151 
ILE N   CA   sing N N 152 
ILE N   H    sing N N 153 
ILE N   H2   sing N N 154 
ILE CA  C    sing N N 155 
ILE CA  CB   sing N N 156 
ILE CA  HA   sing N N 157 
ILE C   O    doub N N 158 
ILE C   OXT  sing N N 159 
ILE CB  CG1  sing N N 160 
ILE CB  CG2  sing N N 161 
ILE CB  HB   sing N N 162 
ILE CG1 CD1  sing N N 163 
ILE CG1 HG12 sing N N 164 
ILE CG1 HG13 sing N N 165 
ILE CG2 HG21 sing N N 166 
ILE CG2 HG22 sing N N 167 
ILE CG2 HG23 sing N N 168 
ILE CD1 HD11 sing N N 169 
ILE CD1 HD12 sing N N 170 
ILE CD1 HD13 sing N N 171 
ILE OXT HXT  sing N N 172 
LEU N   CA   sing N N 173 
LEU N   H    sing N N 174 
LEU N   H2   sing N N 175 
LEU CA  C    sing N N 176 
LEU CA  CB   sing N N 177 
LEU CA  HA   sing N N 178 
LEU C   O    doub N N 179 
LEU C   OXT  sing N N 180 
LEU CB  CG   sing N N 181 
LEU CB  HB2  sing N N 182 
LEU CB  HB3  sing N N 183 
LEU CG  CD1  sing N N 184 
LEU CG  CD2  sing N N 185 
LEU CG  HG   sing N N 186 
LEU CD1 HD11 sing N N 187 
LEU CD1 HD12 sing N N 188 
LEU CD1 HD13 sing N N 189 
LEU CD2 HD21 sing N N 190 
LEU CD2 HD22 sing N N 191 
LEU CD2 HD23 sing N N 192 
LEU OXT HXT  sing N N 193 
LYS N   CA   sing N N 194 
LYS N   H    sing N N 195 
LYS N   H2   sing N N 196 
LYS CA  C    sing N N 197 
LYS CA  CB   sing N N 198 
LYS CA  HA   sing N N 199 
LYS C   O    doub N N 200 
LYS C   OXT  sing N N 201 
LYS CB  CG   sing N N 202 
LYS CB  HB2  sing N N 203 
LYS CB  HB3  sing N N 204 
LYS CG  CD   sing N N 205 
LYS CG  HG2  sing N N 206 
LYS CG  HG3  sing N N 207 
LYS CD  CE   sing N N 208 
LYS CD  HD2  sing N N 209 
LYS CD  HD3  sing N N 210 
LYS CE  NZ   sing N N 211 
LYS CE  HE2  sing N N 212 
LYS CE  HE3  sing N N 213 
LYS NZ  HZ1  sing N N 214 
LYS NZ  HZ2  sing N N 215 
LYS NZ  HZ3  sing N N 216 
LYS OXT HXT  sing N N 217 
MET N   CA   sing N N 218 
MET N   H    sing N N 219 
MET N   H2   sing N N 220 
MET CA  C    sing N N 221 
MET CA  CB   sing N N 222 
MET CA  HA   sing N N 223 
MET C   O    doub N N 224 
MET C   OXT  sing N N 225 
MET CB  CG   sing N N 226 
MET CB  HB2  sing N N 227 
MET CB  HB3  sing N N 228 
MET CG  SD   sing N N 229 
MET CG  HG2  sing N N 230 
MET CG  HG3  sing N N 231 
MET SD  CE   sing N N 232 
MET CE  HE1  sing N N 233 
MET CE  HE2  sing N N 234 
MET CE  HE3  sing N N 235 
MET OXT HXT  sing N N 236 
PHE N   CA   sing N N 237 
PHE N   H    sing N N 238 
PHE N   H2   sing N N 239 
PHE CA  C    sing N N 240 
PHE CA  CB   sing N N 241 
PHE CA  HA   sing N N 242 
PHE C   O    doub N N 243 
PHE C   OXT  sing N N 244 
PHE CB  CG   sing N N 245 
PHE CB  HB2  sing N N 246 
PHE CB  HB3  sing N N 247 
PHE CG  CD1  doub Y N 248 
PHE CG  CD2  sing Y N 249 
PHE CD1 CE1  sing Y N 250 
PHE CD1 HD1  sing N N 251 
PHE CD2 CE2  doub Y N 252 
PHE CD2 HD2  sing N N 253 
PHE CE1 CZ   doub Y N 254 
PHE CE1 HE1  sing N N 255 
PHE CE2 CZ   sing Y N 256 
PHE CE2 HE2  sing N N 257 
PHE CZ  HZ   sing N N 258 
PHE OXT HXT  sing N N 259 
PO4 P   O1   doub N N 260 
PO4 P   O2   sing N N 261 
PO4 P   O3   sing N N 262 
PO4 P   O4   sing N N 263 
PRO N   CA   sing N N 264 
PRO N   CD   sing N N 265 
PRO N   H    sing N N 266 
PRO CA  C    sing N N 267 
PRO CA  CB   sing N N 268 
PRO CA  HA   sing N N 269 
PRO C   O    doub N N 270 
PRO C   OXT  sing N N 271 
PRO CB  CG   sing N N 272 
PRO CB  HB2  sing N N 273 
PRO CB  HB3  sing N N 274 
PRO CG  CD   sing N N 275 
PRO CG  HG2  sing N N 276 
PRO CG  HG3  sing N N 277 
PRO CD  HD2  sing N N 278 
PRO CD  HD3  sing N N 279 
PRO OXT HXT  sing N N 280 
SER N   CA   sing N N 281 
SER N   H    sing N N 282 
SER N   H2   sing N N 283 
SER CA  C    sing N N 284 
SER CA  CB   sing N N 285 
SER CA  HA   sing N N 286 
SER C   O    doub N N 287 
SER C   OXT  sing N N 288 
SER CB  OG   sing N N 289 
SER CB  HB2  sing N N 290 
SER CB  HB3  sing N N 291 
SER OG  HG   sing N N 292 
SER OXT HXT  sing N N 293 
THR N   CA   sing N N 294 
THR N   H    sing N N 295 
THR N   H2   sing N N 296 
THR CA  C    sing N N 297 
THR CA  CB   sing N N 298 
THR CA  HA   sing N N 299 
THR C   O    doub N N 300 
THR C   OXT  sing N N 301 
THR CB  OG1  sing N N 302 
THR CB  CG2  sing N N 303 
THR CB  HB   sing N N 304 
THR OG1 HG1  sing N N 305 
THR CG2 HG21 sing N N 306 
THR CG2 HG22 sing N N 307 
THR CG2 HG23 sing N N 308 
THR OXT HXT  sing N N 309 
TRP N   CA   sing N N 310 
TRP N   H    sing N N 311 
TRP N   H2   sing N N 312 
TRP CA  C    sing N N 313 
TRP CA  CB   sing N N 314 
TRP CA  HA   sing N N 315 
TRP C   O    doub N N 316 
TRP C   OXT  sing N N 317 
TRP CB  CG   sing N N 318 
TRP CB  HB2  sing N N 319 
TRP CB  HB3  sing N N 320 
TRP CG  CD1  doub Y N 321 
TRP CG  CD2  sing Y N 322 
TRP CD1 NE1  sing Y N 323 
TRP CD1 HD1  sing N N 324 
TRP CD2 CE2  doub Y N 325 
TRP CD2 CE3  sing Y N 326 
TRP NE1 CE2  sing Y N 327 
TRP NE1 HE1  sing N N 328 
TRP CE2 CZ2  sing Y N 329 
TRP CE3 CZ3  doub Y N 330 
TRP CE3 HE3  sing N N 331 
TRP CZ2 CH2  doub Y N 332 
TRP CZ2 HZ2  sing N N 333 
TRP CZ3 CH2  sing Y N 334 
TRP CZ3 HZ3  sing N N 335 
TRP CH2 HH2  sing N N 336 
TRP OXT HXT  sing N N 337 
VAL N   CA   sing N N 338 
VAL N   H    sing N N 339 
VAL N   H2   sing N N 340 
VAL CA  C    sing N N 341 
VAL CA  CB   sing N N 342 
VAL CA  HA   sing N N 343 
VAL C   O    doub N N 344 
VAL C   OXT  sing N N 345 
VAL CB  CG1  sing N N 346 
VAL CB  CG2  sing N N 347 
VAL CB  HB   sing N N 348 
VAL CG1 HG11 sing N N 349 
VAL CG1 HG12 sing N N 350 
VAL CG1 HG13 sing N N 351 
VAL CG2 HG21 sing N N 352 
VAL CG2 HG22 sing N N 353 
VAL CG2 HG23 sing N N 354 
VAL OXT HXT  sing N N 355 
# 
_pdbx_audit_support.funding_organization   'Other private' 
_pdbx_audit_support.country                'Korea, Republic Of' 
_pdbx_audit_support.grant_number           'KIMST 20200610' 
_pdbx_audit_support.ordinal                1 
# 
_pdbx_initial_refinement_model.id               1 
_pdbx_initial_refinement_model.entity_id_list   ? 
_pdbx_initial_refinement_model.type             'experimental model' 
_pdbx_initial_refinement_model.source_name      PDB 
_pdbx_initial_refinement_model.accession_code   8YEP 
_pdbx_initial_refinement_model.details          ? 
# 
_atom_sites.entry_id                    8YK8 
_atom_sites.Cartn_transf_matrix[1][1]   ? 
_atom_sites.Cartn_transf_matrix[1][2]   ? 
_atom_sites.Cartn_transf_matrix[1][3]   ? 
_atom_sites.Cartn_transf_matrix[2][1]   ? 
_atom_sites.Cartn_transf_matrix[2][2]   ? 
_atom_sites.Cartn_transf_matrix[2][3]   ? 
_atom_sites.Cartn_transf_matrix[3][1]   ? 
_atom_sites.Cartn_transf_matrix[3][2]   ? 
_atom_sites.Cartn_transf_matrix[3][3]   ? 
_atom_sites.Cartn_transf_vector[1]      ? 
_atom_sites.Cartn_transf_vector[2]      ? 
_atom_sites.Cartn_transf_vector[3]      ? 
_atom_sites.Cartn_transform_axes        ? 
_atom_sites.fract_transf_matrix[1][1]   -0.00578691 
_atom_sites.fract_transf_matrix[1][2]   -0.01223001 
_atom_sites.fract_transf_matrix[1][3]   0.01325240 
_atom_sites.fract_transf_matrix[2][1]   0.00205332 
_atom_sites.fract_transf_matrix[2][2]   -0.01862417 
_atom_sites.fract_transf_matrix[2][3]   -0.00275860 
_atom_sites.fract_transf_matrix[3][1]   0.01230544 
_atom_sites.fract_transf_matrix[3][2]   0.00049334 
_atom_sites.fract_transf_matrix[3][3]   0.00582867 
_atom_sites.fract_transf_vector[1]      0.284207 
_atom_sites.fract_transf_vector[2]      0.373298 
_atom_sites.fract_transf_vector[3]      -0.001437 
_atom_sites.solution_primary            ? 
_atom_sites.solution_secondary          ? 
_atom_sites.solution_hydrogens          ? 
_atom_sites.special_details             ? 
# 
loop_
_atom_type.symbol 
_atom_type.pdbx_scat_Z 
_atom_type.pdbx_N_electrons 
_atom_type.scat_Cromer_Mann_a1 
_atom_type.scat_Cromer_Mann_b1 
_atom_type.scat_Cromer_Mann_a2 
_atom_type.scat_Cromer_Mann_b2 
_atom_type.scat_Cromer_Mann_a3 
_atom_type.scat_Cromer_Mann_b3 
_atom_type.scat_Cromer_Mann_a4 
_atom_type.scat_Cromer_Mann_b4 
_atom_type.scat_Cromer_Mann_c 
C 6  6  2.310  20.844 1.020 10.208 1.589 0.569  0.865 51.651 0.216   
H 1  1  0.493  10.511 0.323 26.126 0.140 3.142  0.041 57.800 0.003   
N 7  7  12.222 0.006  3.135 9.893  2.014 28.997 1.167 0.583  -11.538 
O 8  8  3.049  13.277 2.287 5.701  1.546 0.324  0.867 32.909 0.251   
P 15 15 6.435  1.907  4.179 27.157 1.780 0.526  1.491 68.164 1.273   
S 16 16 6.905  1.468  5.203 22.215 1.438 0.254  1.586 56.172 1.056   
# 
loop_
_atom_site.group_PDB 
_atom_site.id 
_atom_site.type_symbol 
_atom_site.label_atom_id 
_atom_site.label_alt_id 
_atom_site.label_comp_id 
_atom_site.label_asym_id 
_atom_site.label_entity_id 
_atom_site.label_seq_id 
_atom_site.pdbx_PDB_ins_code 
_atom_site.Cartn_x 
_atom_site.Cartn_y 
_atom_site.Cartn_z 
_atom_site.occupancy 
_atom_site.B_iso_or_equiv 
_atom_site.pdbx_formal_charge 
_atom_site.auth_seq_id 
_atom_site.auth_comp_id 
_atom_site.auth_asym_id 
_atom_site.auth_atom_id 
_atom_site.pdbx_PDB_model_num 
_atom_site.calc_flag 
ATOM   1    N N   . GLY A 1 8   ? 15.491  -2.273  15.218  1.000 46.205 0 5   GLY A N   1 ? 
ATOM   2    C CA  . GLY A 1 8   ? 15.492  -2.545  13.742  1.000 47.037 0 5   GLY A CA  1 ? 
ATOM   3    C C   . GLY A 1 8   ? 15.935  -1.335  12.937  1.000 45.345 0 5   GLY A C   1 ? 
ATOM   4    O O   . GLY A 1 8   ? 16.234  -0.280  13.541  1.000 44.770 0 5   GLY A O   1 ? 
ATOM   5    N N   . ASP A 1 9   ? 15.992  -1.470  11.609  1.000 44.399 0 6   ASP A N   1 ? 
ATOM   6    C CA  . ASP A 1 9   ? 16.543  -0.426  10.703  1.000 43.794 0 6   ASP A CA  1 ? 
ATOM   7    C C   . ASP A 1 9   ? 15.599  0.765   10.729  1.000 39.959 0 6   ASP A C   1 ? 
ATOM   8    O O   . ASP A 1 9   ? 14.414  0.584   10.461  1.000 35.230 0 6   ASP A O   1 ? 
ATOM   9    C CB  . ASP A 1 9   ? 16.718  -0.946  9.275   1.000 45.985 0 6   ASP A CB  1 ? 
ATOM   10   C CG  . ASP A 1 9   ? 17.548  -2.215  9.229   1.000 48.235 0 6   ASP A CG  1 ? 
ATOM   11   O OD1 . ASP A 1 9   ? 18.781  -2.114  9.410   1.000 52.244 0 6   ASP A OD1 1 ? 
ATOM   12   O OD2 . ASP A 1 9   ? 16.943  -3.295  9.068   1.000 54.978 0 6   ASP A OD2 1 ? 
ATOM   13   N N   . PRO A 1 10  ? 16.077  1.990   11.077  1.000 41.435 0 7   PRO A N   1 ? 
ATOM   14   C CA  . PRO A 1 10  ? 15.236  3.186   11.049  1.000 38.775 0 7   PRO A CA  1 ? 
ATOM   15   C C   . PRO A 1 10  ? 14.952  3.724   9.637   1.000 36.392 0 7   PRO A C   1 ? 
ATOM   16   O O   . PRO A 1 10  ? 15.888  4.083   8.932   1.000 39.803 0 7   PRO A O   1 ? 
ATOM   17   C CB  . PRO A 1 10  ? 15.998  4.270   11.832  1.000 37.764 0 7   PRO A CB  1 ? 
ATOM   18   C CG  . PRO A 1 10  ? 17.375  3.695   12.100  1.000 41.049 0 7   PRO A CG  1 ? 
ATOM   19   C CD  . PRO A 1 10  ? 17.425  2.270   11.584  1.000 40.848 0 7   PRO A CD  1 ? 
ATOM   20   N N   . ILE A 1 11  ? 13.665  3.863   9.302   1.000 29.523 0 8   ILE A N   1 ? 
ATOM   21   C CA  . ILE A 1 11  ? 13.220  4.329   7.958   1.000 26.131 0 8   ILE A CA  1 ? 
ATOM   22   C C   . ILE A 1 11  ? 12.026  5.268   8.081   1.000 22.448 0 8   ILE A C   1 ? 
ATOM   23   O O   . ILE A 1 11  ? 11.448  5.393   9.187   1.000 25.517 0 8   ILE A O   1 ? 
ATOM   24   C CB  . ILE A 1 11  ? 12.894  3.108   7.073   1.000 22.687 0 8   ILE A CB  1 ? 
ATOM   25   C CG1 . ILE A 1 11  ? 11.811  2.231   7.699   1.000 24.284 0 8   ILE A CG1 1 ? 
ATOM   26   C CG2 . ILE A 1 11  ? 14.148  2.300   6.782   1.000 26.759 0 8   ILE A CG2 1 ? 
ATOM   27   C CD1 . ILE A 1 11  ? 11.282  1.186   6.734   1.000 23.285 0 8   ILE A CD1 1 ? 
ATOM   28   N N   . LYS A 1 12  ? 11.679  5.930   6.970   1.000 22.327 0 9   LYS A N   1 ? 
ATOM   29   C CA  . LYS A 1 12  ? 10.518  6.828   6.834   1.000 25.257 0 9   LYS A CA  1 ? 
ATOM   30   C C   . LYS A 1 12  ? 9.359   6.107   6.147   1.000 22.594 0 9   LYS A C   1 ? 
ATOM   31   O O   . LYS A 1 12  ? 8.243   6.554   6.302   1.000 24.205 0 9   LYS A O   1 ? 
ATOM   32   C CB  . LYS A 1 12  ? 10.846  8.057   5.982   1.000 31.205 0 9   LYS A CB  1 ? 
ATOM   33   C CG  . LYS A 1 12  ? 11.434  9.236   6.747   1.000 40.020 0 9   LYS A CG  1 ? 
ATOM   34   C CD  . LYS A 1 12  ? 12.931  9.191   6.894   1.000 44.831 0 9   LYS A CD  1 ? 
ATOM   35   C CE  . LYS A 1 12  ? 13.449  10.300  7.789   1.000 48.966 0 9   LYS A CE  1 ? 
ATOM   36   N NZ  . LYS A 1 12  ? 14.729  9.920   8.424   1.000 49.090 0 9   LYS A NZ  1 ? 
ATOM   37   N N   . SER A 1 13  ? 9.655   5.127   5.308   1.000 19.256 0 10  SER A N   1 ? 
ATOM   38   C CA  . SER A 1 13  ? 8.634   4.625   4.360   1.000 18.400 0 10  SER A CA  1 ? 
ATOM   39   C C   . SER A 1 13  ? 8.888   3.179   3.980   1.000 16.795 0 10  SER A C   1 ? 
ATOM   40   O O   . SER A 1 13  ? 10.009  2.844   3.651   1.000 16.715 0 10  SER A O   1 ? 
ATOM   41   C CB  . SER A 1 13  ? 8.540   5.510   3.140   1.000 16.768 0 10  SER A CB  1 ? 
ATOM   42   O OG  . SER A 1 13  ? 9.790   5.639   2.491   1.000 17.974 0 10  SER A OG  1 ? 
ATOM   43   N N   . LEU A 1 14  ? 7.838   2.365   4.081   1.000 15.922 0 11  LEU A N   1 ? 
ATOM   44   C CA  . LEU A 1 14  ? 7.936   0.923   3.759   1.000 14.707 0 11  LEU A CA  1 ? 
ATOM   45   C C   . LEU A 1 14  ? 6.773   0.586   2.857   1.000 13.364 0 11  LEU A C   1 ? 
ATOM   46   O O   . LEU A 1 14  ? 5.634   0.913   3.175   1.000 13.855 0 11  LEU A O   1 ? 
ATOM   47   C CB  . LEU A 1 14  ? 7.900   0.083   5.043   1.000 15.260 0 11  LEU A CB  1 ? 
ATOM   48   C CG  . LEU A 1 14  ? 7.726   -1.434  4.906   1.000 15.523 0 11  LEU A CG  1 ? 
ATOM   49   C CD1 . LEU A 1 14  ? 8.893   -2.035  4.198   1.000 16.703 0 11  LEU A CD1 1 ? 
ATOM   50   C CD2 . LEU A 1 14  ? 7.541   -2.079  6.277   1.000 15.948 0 11  LEU A CD2 1 ? 
ATOM   51   N N   . LEU A 1 15  ? 7.097   -0.146  1.798   1.000 12.478 0 12  LEU A N   1 ? 
ATOM   52   C CA  . LEU A 1 15  ? 6.085   -0.774  0.933   1.000 12.582 0 12  LEU A CA  1 ? 
ATOM   53   C C   . LEU A 1 15  ? 6.110   -2.271  1.215   1.000 11.077 0 12  LEU A C   1 ? 
ATOM   54   O O   . LEU A 1 15  ? 7.154   -2.909  1.136   1.000 12.711 0 12  LEU A O   1 ? 
ATOM   55   C CB  . LEU A 1 15  ? 6.413   -0.501  -0.523  1.000 12.127 0 12  LEU A CB  1 ? 
ATOM   56   C CG  . LEU A 1 15  ? 5.508   -1.249  -1.529  1.000 12.782 0 12  LEU A CG  1 ? 
ATOM   57   C CD1 . LEU A 1 15  ? 4.101   -0.732  -1.468  1.000 12.664 0 12  LEU A CD1 1 ? 
ATOM   58   C CD2 . LEU A 1 15  ? 6.063   -1.087  -2.938  1.000 12.020 0 12  LEU A CD2 1 ? 
ATOM   59   N N   . VAL A 1 16  ? 4.939   -2.797  1.541   1.000 11.383 0 13  VAL A N   1 ? 
ATOM   60   C CA  . VAL A 1 16  ? 4.699   -4.241  1.760   1.000 10.370 0 13  VAL A CA  1 ? 
ATOM   61   C C   . VAL A 1 16  ? 3.829   -4.746  0.615   1.000 11.878 0 13  VAL A C   1 ? 
ATOM   62   O O   . VAL A 1 16  ? 2.678   -4.295  0.511   1.000 12.616 0 13  VAL A O   1 ? 
ATOM   63   C CB  . VAL A 1 16  ? 4.007   -4.510  3.107   1.000 11.462 0 13  VAL A CB  1 ? 
ATOM   64   C CG1 . VAL A 1 16  ? 3.858   -5.985  3.364   1.000 11.835 0 13  VAL A CG1 1 ? 
ATOM   65   C CG2 . VAL A 1 16  ? 4.787   -3.895  4.270   1.000 12.718 0 13  VAL A CG2 1 ? 
ATOM   66   N N   . VAL A 1 17  ? 4.385   -5.633  -0.222  1.000 11.623 0 14  VAL A N   1 ? 
ATOM   67   C CA  . VAL A 1 17  ? 3.629   -6.192  -1.362  1.000 11.617 0 14  VAL A CA  1 ? 
ATOM   68   C C   . VAL A 1 17  ? 3.409   -7.675  -1.177  1.000 12.309 0 14  VAL A C   1 ? 
ATOM   69   O O   . VAL A 1 17  ? 4.285   -8.382  -0.764  1.000 14.874 0 14  VAL A O   1 ? 
ATOM   70   C CB  . VAL A 1 17  ? 4.351   -5.943  -2.670  1.000 13.107 0 14  VAL A CB  1 ? 
ATOM   71   C CG1 . VAL A 1 17  ? 3.649   -6.609  -3.835  1.000 14.593 0 14  VAL A CG1 1 ? 
ATOM   72   C CG2 . VAL A 1 17  ? 4.535   -4.484  -2.914  1.000 14.215 0 14  VAL A CG2 1 ? 
ATOM   73   N N   . GLY A 1 18  ? 2.193   -8.121  -1.437  1.000 12.386 0 15  GLY A N   1 ? 
ATOM   74   C CA  . GLY A 1 18  ? 1.853   -9.548  -1.356  1.000 13.098 0 15  GLY A CA  1 ? 
ATOM   75   C C   . GLY A 1 18  ? 0.575   -9.838  -2.082  1.000 12.983 0 15  GLY A C   1 ? 
ATOM   76   O O   . GLY A 1 18  ? -0.203  -8.916  -2.380  1.000 12.833 0 15  GLY A O   1 ? 
ATOM   77   N N   . GLY A 1 19  ? 0.366   -11.120 -2.328  1.000 12.879 0 16  GLY A N   1 ? 
ATOM   78   C CA  . GLY A 1 19  ? -0.931  -11.525 -2.893  1.000 11.535 0 16  GLY A CA  1 ? 
ATOM   79   C C   . GLY A 1 19  ? -2.067  -11.474 -1.900  1.000 13.127 0 16  GLY A C   1 ? 
ATOM   80   O O   . GLY A 1 19  ? -1.939  -10.991 -0.724  1.000 14.388 0 16  GLY A O   1 ? 
ATOM   81   N N   . ALA A 1 20  ? -3.210  -11.964 -2.354  1.000 12.507 0 17  ALA A N   1 ? 
ATOM   82   C CA  . ALA A 1 20  ? -4.398  -12.048 -1.490  1.000 12.627 0 17  ALA A CA  1 ? 
ATOM   83   C C   . ALA A 1 20  ? -4.195  -13.044 -0.377  1.000 13.402 0 17  ALA A C   1 ? 
ATOM   84   O O   . ALA A 1 20  ? -3.630  -14.132 -0.615  1.000 13.424 0 17  ALA A O   1 ? 
ATOM   85   C CB  . ALA A 1 20  ? -5.616  -12.424 -2.283  1.000 13.854 0 17  ALA A CB  1 ? 
ATOM   86   N N   . ARG A 1 21  ? -4.629  -12.673 0.816   1.000 12.825 0 18  ARG A N   1 ? 
ATOM   87   C CA  . ARG A 1 21  ? -4.470  -13.511 2.014   1.000 13.790 0 18  ARG A CA  1 ? 
ATOM   88   C C   . ARG A 1 21  ? -3.028  -14.032 2.083   1.000 13.907 0 18  ARG A C   1 ? 
ATOM   89   O O   . ARG A 1 21  ? -2.806  -15.249 2.279   1.000 14.080 0 18  ARG A O   1 ? 
ATOM   90   C CB  . ARG A 1 21  ? -5.540  -14.609 2.073   1.000 15.654 0 18  ARG A CB  1 ? 
ATOM   91   C CG  . ARG A 1 21  ? -5.897  -15.065 3.480   1.000 20.251 0 18  ARG A CG  1 ? 
ATOM   92   C CD  . ARG A 1 21  ? -6.666  -14.071 4.344   1.000 21.184 0 18  ARG A CD  1 ? 
ATOM   93   N NE  . ARG A 1 21  ? -6.604  -14.418 5.778   1.000 24.815 0 18  ARG A NE  1 ? 
ATOM   94   C CZ  . ARG A 1 21  ? -7.577  -15.049 6.456   1.000 24.929 0 18  ARG A CZ  1 ? 
ATOM   95   N NH1 . ARG A 1 21  ? -8.676  -15.462 5.847   1.000 32.522 0 18  ARG A NH1 1 ? 
ATOM   96   N NH2 . ARG A 1 21  ? -7.433  -15.299 7.742   1.000 26.281 0 18  ARG A NH2 1 ? 
ATOM   97   N N   . SER A 1 22  ? -2.055  -13.152 1.952   1.000 13.672 0 19  SER A N   1 ? 
ATOM   98   C CA  . SER A 1 22  ? -0.618  -13.471 2.001   1.000 13.453 0 19  SER A CA  1 ? 
ATOM   99   C C   . SER A 1 22  ? -0.050  -13.212 3.391   1.000 13.122 0 19  SER A C   1 ? 
ATOM   100  O O   . SER A 1 22  ? 1.112   -13.572 3.581   1.000 13.130 0 19  SER A O   1 ? 
ATOM   101  C CB  . SER A 1 22  ? 0.168   -12.696 0.998   1.000 15.313 0 19  SER A CB  1 ? 
ATOM   102  O OG  . SER A 1 22  ? -0.036  -11.295 1.239   1.000 14.821 0 19  SER A OG  1 ? 
ATOM   103  N N   . GLY A 1 23  ? -0.767  -12.547 4.269   1.000 12.910 0 20  GLY A N   1 ? 
ATOM   104  C CA  . GLY A 1 23  ? -0.206  -12.106 5.558   1.000 14.498 0 20  GLY A CA  1 ? 
ATOM   105  C C   . GLY A 1 23  ? 0.393   -10.734 5.497   1.000 15.256 0 20  GLY A C   1 ? 
ATOM   106  O O   . GLY A 1 23  ? 1.084   -10.330 6.464   1.000 15.757 0 20  GLY A O   1 ? 
ATOM   107  N N   . LYS A 1 24  ? 0.300   -10.030 4.384   1.000 12.958 0 21  LYS A N   1 ? 
ATOM   108  C CA  . LYS A 1 24  ? 0.951   -8.704  4.314   1.000 13.075 0 21  LYS A CA  1 ? 
ATOM   109  C C   . LYS A 1 24  ? 0.343   -7.774  5.349   1.000 14.058 0 21  LYS A C   1 ? 
ATOM   110  O O   . LYS A 1 24  ? 1.091   -6.964  5.903   1.000 13.033 0 21  LYS A O   1 ? 
ATOM   111  C CB  . LYS A 1 24  ? 0.888   -8.151  2.883   1.000 14.532 0 21  LYS A CB  1 ? 
ATOM   112  C CG  . LYS A 1 24  ? -0.502  -7.940  2.319   1.000 13.447 0 21  LYS A CG  1 ? 
ATOM   113  C CD  . LYS A 1 24  ? -0.476  -7.488  0.902   1.000 14.075 0 21  LYS A CD  1 ? 
ATOM   114  C CE  . LYS A 1 24  ? -1.816  -7.151  0.327   1.000 15.902 0 21  LYS A CE  1 ? 
ATOM   115  N NZ  . LYS A 1 24  ? -2.693  -8.322  0.255   1.000 17.237 0 21  LYS A NZ  1 ? 
ATOM   116  N N   . SER A 1 25  ? -0.948  -7.784  5.567   1.000 13.823 0 22  SER A N   1 ? 
ATOM   117  C CA  . SER A 1 25  ? -1.589  -6.870  6.553   1.000 14.576 0 22  SER A CA  1 ? 
ATOM   118  C C   . SER A 1 25  ? -1.125  -7.229  7.960   1.000 15.069 0 22  SER A C   1 ? 
ATOM   119  O O   . SER A 1 25  ? -0.817  -6.277  8.737   1.000 15.547 0 22  SER A O   1 ? 
ATOM   120  C CB  . SER A 1 25  ? -3.069  -6.955  6.440   1.000 16.001 0 22  SER A CB  1 ? 
ATOM   121  O OG  . SER A 1 25  ? -3.527  -6.341  5.258   1.000 22.045 0 22  SER A OG  1 ? 
ATOM   122  N N   . ARG A 1 26  ? -1.038  -8.503  8.270   1.000 14.608 0 23  ARG A N   1 ? 
ATOM   123  C CA  . ARG A 1 26  ? -0.568  -8.876  9.640   1.000 16.050 0 23  ARG A CA  1 ? 
ATOM   124  C C   . ARG A 1 26  ? 0.880   -8.435  9.782   1.000 16.471 0 23  ARG A C   1 ? 
ATOM   125  O O   . ARG A 1 26  ? 1.228   -7.928  10.852  1.000 17.156 0 23  ARG A O   1 ? 
ATOM   126  C CB  . ARG A 1 26  ? -0.720  -10.385 9.811   1.000 21.070 0 23  ARG A CB  1 ? 
ATOM   127  C CG  . ARG A 1 26  ? 0.018   -10.947 11.018  1.000 22.347 0 23  ARG A CG  1 ? 
ATOM   128  C CD  . ARG A 1 26  ? -0.041  -12.461 11.105  1.000 28.555 0 23  ARG A CD  1 ? 
ATOM   129  N NE  . ARG A 1 26  ? 0.616   -13.061 9.954   1.000 31.790 0 23  ARG A NE  1 ? 
ATOM   130  C CZ  . ARG A 1 26  ? 0.937   -14.339 9.831   1.000 33.650 0 23  ARG A CZ  1 ? 
ATOM   131  N NH1 . ARG A 1 26  ? 0.682   -15.201 10.807  1.000 35.002 0 23  ARG A NH1 1 ? 
ATOM   132  N NH2 . ARG A 1 26  ? 1.473   -14.757 8.707   1.000 27.476 0 23  ARG A NH2 1 ? 
ATOM   133  N N   . PHE A 1 27  ? 1.718   -8.579  8.770   1.000 14.883 0 24  PHE A N   1 ? 
ATOM   134  C CA  . PHE A 1 27  ? 3.121   -8.165  8.853   1.000 14.436 0 24  PHE A CA  1 ? 
ATOM   135  C C   . PHE A 1 27  ? 3.197   -6.670  9.136   1.000 15.263 0 24  PHE A C   1 ? 
ATOM   136  O O   . PHE A 1 27  ? 3.881   -6.241  10.073  1.000 17.166 0 24  PHE A O   1 ? 
ATOM   137  C CB  . PHE A 1 27  ? 3.879   -8.527  7.578   1.000 16.082 0 24  PHE A CB  1 ? 
ATOM   138  C CG  . PHE A 1 27  ? 5.300   -8.030  7.545   1.000 16.928 0 24  PHE A CG  1 ? 
ATOM   139  C CD1 . PHE A 1 27  ? 6.289   -8.637  8.325   1.000 17.060 0 24  PHE A CD1 1 ? 
ATOM   140  C CD2 . PHE A 1 27  ? 5.639   -6.930  6.796   1.000 18.671 0 24  PHE A CD2 1 ? 
ATOM   141  C CE1 . PHE A 1 27  ? 7.582   -8.147  8.326   1.000 17.513 0 24  PHE A CE1 1 ? 
ATOM   142  C CE2 . PHE A 1 27  ? 6.941   -6.464  6.769   1.000 18.797 0 24  PHE A CE2 1 ? 
ATOM   143  C CZ  . PHE A 1 27  ? 7.905   -7.035  7.561   1.000 18.302 0 24  PHE A CZ  1 ? 
ATOM   144  N N   . ALA A 1 28  ? 2.420   -5.863  8.421   1.000 14.110 0 25  ALA A N   1 ? 
ATOM   145  C CA  . ALA A 1 28  ? 2.447   -4.406  8.617   1.000 14.862 0 25  ALA A CA  1 ? 
ATOM   146  C C   . ALA A 1 28  ? 1.892   -4.089  10.001  1.000 15.821 0 25  ALA A C   1 ? 
ATOM   147  O O   . ALA A 1 28  ? 2.460   -3.232  10.682  1.000 15.314 0 25  ALA A O   1 ? 
ATOM   148  C CB  . ALA A 1 28  ? 1.670   -3.728  7.549   1.000 14.473 0 25  ALA A CB  1 ? 
ATOM   149  N N   . GLN A 1 29  ? 0.824   -4.732  10.413  1.000 15.184 0 26  GLN A N   1 ? 
ATOM   150  C CA  . GLN A 1 29  ? 0.145   -4.371  11.682  1.000 18.828 0 26  GLN A CA  1 ? 
ATOM   151  C C   . GLN A 1 29  ? 1.081   -4.765  12.802  1.000 19.278 0 26  GLN A C   1 ? 
ATOM   152  O O   . GLN A 1 29  ? 1.212   -3.919  13.751  1.000 19.110 0 26  GLN A O   1 ? 
ATOM   153  C CB  . GLN A 1 29  ? -1.232  -5.031  11.755  1.000 22.582 0 26  GLN A CB  1 ? 
ATOM   154  C CG  . GLN A 1 29  ? -2.240  -4.332  10.834  1.000 27.806 0 26  GLN A CG  1 ? 
ATOM   155  C CD  . GLN A 1 29  ? -3.724  -4.511  11.125  1.000 31.149 0 26  GLN A CD  1 ? 
ATOM   156  O OE1 . GLN A 1 29  ? -4.550  -3.669  10.742  1.000 32.688 0 26  GLN A OE1 1 ? 
ATOM   157  N NE2 . GLN A 1 29  ? -4.094  -5.613  11.774  1.000 35.629 0 26  GLN A NE2 1 ? 
ATOM   158  N N   . ARG A 1 30  ? 1.766   -5.885  12.732  1.000 19.458 0 27  ARG A N   1 ? 
ATOM   159  C CA  . ARG A 1 30  ? 2.561   -6.248  13.929  1.000 23.831 0 27  ARG A CA  1 ? 
ATOM   160  C C   . ARG A 1 30  ? 3.822   -5.386  13.849  1.000 19.919 0 27  ARG A C   1 ? 
ATOM   161  O O   . ARG A 1 30  ? 4.222   -4.954  14.976  1.000 23.327 0 27  ARG A O   1 ? 
ATOM   162  C CB  . ARG A 1 30  ? 2.614   -7.735  14.307  1.000 33.603 0 27  ARG A CB  1 ? 
ATOM   163  C CG  . ARG A 1 30  ? 3.679   -8.647  13.740  1.000 40.256 0 27  ARG A CG  1 ? 
ATOM   164  C CD  . ARG A 1 30  ? 3.306   -9.238  12.415  1.000 42.475 0 27  ARG A CD  1 ? 
ATOM   165  N NE  . ARG A 1 30  ? 4.217   -10.345 12.189  1.000 44.065 0 27  ARG A NE  1 ? 
ATOM   166  C CZ  . ARG A 1 30  ? 5.459   -10.208 11.732  1.000 50.194 0 27  ARG A CZ  1 ? 
ATOM   167  N NH1 . ARG A 1 30  ? 5.938   -9.007  11.432  1.000 57.367 0 27  ARG A NH1 1 ? 
ATOM   168  N NH2 . ARG A 1 30  ? 6.210   -11.278 11.546  1.000 52.153 0 27  ARG A NH2 1 ? 
ATOM   169  N N   . MET A 1 31  ? 4.346   -4.965  12.696  1.000 17.772 0 28  MET A N   1 ? 
ATOM   170  C CA  . MET A 1 31  ? 5.526   -4.068  12.688  1.000 17.975 0 28  MET A CA  1 ? 
ATOM   171  C C   . MET A 1 31  ? 5.109   -2.759  13.334  1.000 18.700 0 28  MET A C   1 ? 
ATOM   172  O O   . MET A 1 31  ? 5.892   -2.159  14.106  1.000 19.524 0 28  MET A O   1 ? 
ATOM   173  C CB  . MET A 1 31  ? 6.098   -3.752  11.309  1.000 22.022 0 28  MET A CB  1 ? 
ATOM   174  C CG  . MET A 1 31  ? 7.469   -3.150  11.440  1.000 27.948 0 28  MET A CG  1 ? 
ATOM   175  S SD  . MET A 1 31  ? 8.647   -4.363  12.012  1.000 41.601 0 28  MET A SD  1 ? 
ATOM   176  C CE  . MET A 1 31  ? 8.456   -5.592  10.736  1.000 31.387 0 28  MET A CE  1 ? 
ATOM   177  N N   . ALA A 1 32  ? 3.949   -2.242  12.987  1.000 16.540 0 29  ALA A N   1 ? 
ATOM   178  C CA  . ALA A 1 32  ? 3.470   -0.936  13.504  1.000 15.368 0 29  ALA A CA  1 ? 
ATOM   179  C C   . ALA A 1 32  ? 3.261   -1.074  15.021  1.000 16.868 0 29  ALA A C   1 ? 
ATOM   180  O O   . ALA A 1 32  ? 3.707   -0.154  15.774  1.000 17.695 0 29  ALA A O   1 ? 
ATOM   181  C CB  . ALA A 1 32  ? 2.184   -0.536  12.806  1.000 16.112 0 29  ALA A CB  1 ? 
ATOM   182  N N   . GLU A 1 33  ? 2.658   -2.157  15.477  1.000 18.626 0 30  GLU A N   1 ? 
ATOM   183  C CA  . GLU A 1 33  ? 2.373   -2.324  16.932  1.000 19.580 0 30  GLU A CA  1 ? 
ATOM   184  C C   . GLU A 1 33  ? 3.682   -2.442  17.710  1.000 20.831 0 30  GLU A C   1 ? 
ATOM   185  O O   . GLU A 1 33  ? 3.718   -2.004  18.880  1.000 25.278 0 30  GLU A O   1 ? 
ATOM   186  C CB  . GLU A 1 33  ? 1.417   -3.465  17.171  1.000 19.737 0 30  GLU A CB  1 ? 
ATOM   187  C CG  . GLU A 1 33  ? 0.037   -3.086  16.734  1.000 20.880 0 30  GLU A CG  1 ? 
ATOM   188  C CD  . GLU A 1 33  ? -0.942  -4.228  16.775  1.000 25.244 0 30  GLU A CD  1 ? 
ATOM   189  O OE1 . GLU A 1 33  ? -2.114  -3.932  16.574  1.000 27.061 0 30  GLU A OE1 1 ? 
ATOM   190  O OE2 . GLU A 1 33  ? -0.539  -5.392  16.991  1.000 25.717 0 30  GLU A OE2 1 ? 
ATOM   191  N N   . ALA A 1 34  ? 4.718   -2.950  17.104  1.000 18.682 0 31  ALA A N   1 ? 
ATOM   192  C CA  . ALA A 1 34  ? 6.034   -3.133  17.771  1.000 20.326 0 31  ALA A CA  1 ? 
ATOM   193  C C   . ALA A 1 34  ? 6.806   -1.813  17.776  1.000 21.225 0 31  ALA A C   1 ? 
ATOM   194  O O   . ALA A 1 34  ? 7.846   -1.779  18.426  1.000 21.432 0 31  ALA A O   1 ? 
ATOM   195  C CB  . ALA A 1 34  ? 6.858   -4.190  17.113  1.000 22.517 0 31  ALA A CB  1 ? 
ATOM   196  N N   . SER A 1 35  ? 6.365   -0.786  17.069  1.000 19.820 0 32  SER A N   1 ? 
ATOM   197  C CA  . SER A 1 35  ? 7.196   0.395   16.752  1.000 18.731 0 32  SER A CA  1 ? 
ATOM   198  C C   . SER A 1 35  ? 7.251   1.334   17.965  1.000 19.607 0 32  SER A C   1 ? 
ATOM   199  O O   . SER A 1 35  ? 8.237   2.075   18.067  1.000 21.974 0 32  SER A O   1 ? 
ATOM   200  C CB  . SER A 1 35  ? 6.709   1.141   15.549  1.000 20.121 0 32  SER A CB  1 ? 
ATOM   201  O OG  . SER A 1 35  ? 5.509   1.841   15.786  1.000 19.647 0 32  SER A OG  1 ? 
ATOM   202  N N   . GLY A 1 36  ? 6.177   1.394   18.721  1.000 20.940 0 33  GLY A N   1 ? 
ATOM   203  C CA  . GLY A 1 36  ? 6.028   2.364   19.824  1.000 23.481 0 33  GLY A CA  1 ? 
ATOM   204  C C   . GLY A 1 36  ? 5.573   3.728   19.364  1.000 27.190 0 33  GLY A C   1 ? 
ATOM   205  O O   . GLY A 1 36  ? 5.495   4.644   20.197  1.000 27.204 0 33  GLY A O   1 ? 
ATOM   206  N N   . ARG A 1 37  ? 5.228   3.907   18.081  1.000 23.350 0 34  ARG A N   1 ? 
ATOM   207  C CA  . ARG A 1 37  ? 4.654   5.168   17.583  1.000 24.802 0 34  ARG A CA  1 ? 
ATOM   208  C C   . ARG A 1 37  ? 3.145   5.178   17.803  1.000 22.346 0 34  ARG A C   1 ? 
ATOM   209  O O   . ARG A 1 37  ? 2.507   4.125   18.036  1.000 22.347 0 34  ARG A O   1 ? 
ATOM   210  C CB  . ARG A 1 37  ? 5.001   5.374   16.099  1.000 22.417 0 34  ARG A CB  1 ? 
ATOM   211  C CG  . ARG A 1 37  ? 6.481   5.568   15.817  1.000 25.456 0 34  ARG A CG  1 ? 
ATOM   212  C CD  . ARG A 1 37  ? 7.060   6.824   16.464  1.000 26.588 0 34  ARG A CD  1 ? 
ATOM   213  N NE  . ARG A 1 37  ? 8.453   7.059   16.141  1.000 28.276 0 34  ARG A NE  1 ? 
ATOM   214  C CZ  . ARG A 1 37  ? 9.155   8.136   16.488  1.000 30.475 0 34  ARG A CZ  1 ? 
ATOM   215  N NH1 . ARG A 1 37  ? 8.604   9.054   17.273  1.000 28.853 0 34  ARG A NH1 1 ? 
ATOM   216  N NH2 . ARG A 1 37  ? 10.418  8.255   16.114  1.000 32.527 0 34  ARG A NH2 1 ? 
ATOM   217  N N   . SER A 1 38  ? 2.545   6.363   17.676  1.000 25.045 0 35  SER A N   1 ? 
ATOM   218  C CA  . SER A 1 38  ? 1.084   6.523   17.701  1.000 26.003 0 35  SER A CA  1 ? 
ATOM   219  C C   . SER A 1 38  ? 0.567   5.945   16.387  1.000 26.090 0 35  SER A C   1 ? 
ATOM   220  O O   . SER A 1 38  ? 1.054   6.438   15.366  1.000 24.956 0 35  SER A O   1 ? 
ATOM   221  C CB  . SER A 1 38  ? 0.681   7.962   17.874  1.000 30.282 0 35  SER A CB  1 ? 
ATOM   222  O OG  . SER A 1 38  ? -0.729  8.098   17.707  1.000 38.382 0 35  SER A OG  1 ? 
ATOM   223  N N   . LEU A 1 39  ? -0.324  4.965   16.442  1.000 24.487 0 36  LEU A N   1 ? 
ATOM   224  C CA  . LEU A 1 39  ? -0.740  4.209   15.234  1.000 24.459 0 36  LEU A CA  1 ? 
ATOM   225  C C   . LEU A 1 39  ? -1.978  4.836   14.627  1.000 24.400 0 36  LEU A C   1 ? 
ATOM   226  O O   . LEU A 1 39  ? -2.932  5.104   15.353  1.000 27.642 0 36  LEU A O   1 ? 
ATOM   227  C CB  . LEU A 1 39  ? -0.970  2.760   15.641  1.000 22.621 0 36  LEU A CB  1 ? 
ATOM   228  C CG  . LEU A 1 39  ? 0.296   2.075   16.130  1.000 26.818 0 36  LEU A CG  1 ? 
ATOM   229  C CD1 . LEU A 1 39  ? 0.103   0.571   16.185  1.000 30.141 0 36  LEU A CD1 1 ? 
ATOM   230  C CD2 . LEU A 1 39  ? 1.445   2.447   15.224  1.000 24.390 0 36  LEU A CD2 1 ? 
ATOM   231  N N   . VAL A 1 40  ? -1.995  4.950   13.293  1.000 21.855 0 37  VAL A N   1 ? 
ATOM   232  C CA  . VAL A 1 40  ? -3.122  5.455   12.500  1.000 22.400 0 37  VAL A CA  1 ? 
ATOM   233  C C   . VAL A 1 40  ? -3.328  4.491   11.348  1.000 19.631 0 37  VAL A C   1 ? 
ATOM   234  O O   . VAL A 1 40  ? -2.363  4.299   10.584  1.000 23.909 0 37  VAL A O   1 ? 
ATOM   235  C CB  . VAL A 1 40  ? -2.842  6.871   11.986  1.000 22.366 0 37  VAL A CB  1 ? 
ATOM   236  C CG1 . VAL A 1 40  ? -4.040  7.445   11.237  1.000 25.315 0 37  VAL A CG1 1 ? 
ATOM   237  C CG2 . VAL A 1 40  ? -2.414  7.798   13.109  1.000 24.102 0 37  VAL A CG2 1 ? 
ATOM   238  N N   . LEU A 1 41  ? -4.472  3.891   11.276  1.000 19.535 0 38  LEU A N   1 ? 
ATOM   239  C CA  . LEU A 1 41  ? -4.878  3.072   10.118  1.000 19.249 0 38  LEU A CA  1 ? 
ATOM   240  C C   . LEU A 1 41  ? -5.502  4.030   9.126   1.000 21.154 0 38  LEU A C   1 ? 
ATOM   241  O O   . LEU A 1 41  ? -6.581  4.584   9.403   1.000 21.564 0 38  LEU A O   1 ? 
ATOM   242  C CB  . LEU A 1 41  ? -5.847  1.953   10.461  1.000 23.820 0 38  LEU A CB  1 ? 
ATOM   243  C CG  . LEU A 1 41  ? -6.122  0.986   9.311   1.000 25.431 0 38  LEU A CG  1 ? 
ATOM   244  C CD1 . LEU A 1 41  ? -4.865  0.174   9.010   1.000 26.348 0 38  LEU A CD1 1 ? 
ATOM   245  C CD2 . LEU A 1 41  ? -7.298  0.078   9.619   1.000 30.567 0 38  LEU A CD2 1 ? 
ATOM   246  N N   . ILE A 1 42  ? -4.948  4.093   7.926   1.000 19.030 0 39  ILE A N   1 ? 
ATOM   247  C CA  . ILE A 1 42  ? -5.578  4.825   6.800   1.000 21.361 0 39  ILE A CA  1 ? 
ATOM   248  C C   . ILE A 1 42  ? -6.424  3.837   5.996   1.000 21.116 0 39  ILE A C   1 ? 
ATOM   249  O O   . ILE A 1 42  ? -5.908  2.943   5.305   1.000 21.243 0 39  ILE A O   1 ? 
ATOM   250  C CB  . ILE A 1 42  ? -4.518  5.560   5.976   1.000 20.281 0 39  ILE A CB  1 ? 
ATOM   251  C CG1 . ILE A 1 42  ? -3.602  6.458   6.811   1.000 21.993 0 39  ILE A CG1 1 ? 
ATOM   252  C CG2 . ILE A 1 42  ? -5.260  6.276   4.862   1.000 21.633 0 39  ILE A CG2 1 ? 
ATOM   253  C CD1 . ILE A 1 42  ? -4.301  7.585   7.547   1.000 22.603 0 39  ILE A CD1 1 ? 
ATOM   254  N N   . ALA A 1 43  ? -7.724  3.838   6.221   1.000 22.291 0 40  ALA A N   1 ? 
ATOM   255  C CA  . ALA A 1 43  ? -8.638  2.798   5.735   1.000 20.446 0 40  ALA A CA  1 ? 
ATOM   256  C C   . ALA A 1 43  ? -9.218  3.218   4.385   1.000 23.812 0 40  ALA A C   1 ? 
ATOM   257  O O   . ALA A 1 43  ? -9.892  4.242   4.329   1.000 24.518 0 40  ALA A O   1 ? 
ATOM   258  C CB  . ALA A 1 43  ? -9.735  2.581   6.750   1.000 25.351 0 40  ALA A CB  1 ? 
ATOM   259  N N   . THR A 1 44  ? -8.956  2.458   3.329   1.000 21.129 0 41  THR A N   1 ? 
ATOM   260  C CA  . THR A 1 44  ? -9.381  2.794   1.956   1.000 21.960 0 41  THR A CA  1 ? 
ATOM   261  C C   . THR A 1 44  ? -10.593 1.973   1.515   1.000 21.741 0 41  THR A C   1 ? 
ATOM   262  O O   . THR A 1 44  ? -11.128 2.280   0.472   1.000 24.956 0 41  THR A O   1 ? 
ATOM   263  C CB  . THR A 1 44  ? -8.221  2.607   0.970   1.000 20.013 0 41  THR A CB  1 ? 
ATOM   264  O OG1 . THR A 1 44  ? -7.946  1.205   0.975   1.000 21.432 0 41  THR A OG1 1 ? 
ATOM   265  C CG2 . THR A 1 44  ? -7.021  3.452   1.332   1.000 20.425 0 41  THR A CG2 1 ? 
ATOM   266  N N   . ALA A 1 45  ? -10.967 0.935   2.274   1.000 25.706 0 42  ALA A N   1 ? 
ATOM   267  C CA  . ALA A 1 45  ? -12.023 -0.008  1.881   1.000 28.507 0 42  ALA A CA  1 ? 
ATOM   268  C C   . ALA A 1 45  ? -13.386 0.645   2.123   1.000 27.511 0 42  ALA A C   1 ? 
ATOM   269  O O   . ALA A 1 45  ? -13.591 1.035   3.276   1.000 32.009 0 42  ALA A O   1 ? 
ATOM   270  C CB  . ALA A 1 45  ? -11.876 -1.280  2.654   1.000 29.097 0 42  ALA A CB  1 ? 
ATOM   271  N N   . GLN A 1 46  ? -14.220 0.784   1.086   1.000 30.737 0 43  GLN A N   1 ? 
ATOM   272  C CA  . GLN A 1 46  ? -15.618 1.292   1.188   1.000 32.468 0 43  GLN A CA  1 ? 
ATOM   273  C C   . GLN A 1 46  ? -16.509 0.154   1.689   1.000 31.917 0 43  GLN A C   1 ? 
ATOM   274  O O   . GLN A 1 46  ? -16.714 -0.819  0.966   1.000 31.066 0 43  GLN A O   1 ? 
ATOM   275  C CB  . GLN A 1 46  ? -16.126 1.755   -0.178  1.000 33.443 0 43  GLN A CB  1 ? 
ATOM   276  C CG  . GLN A 1 46  ? -15.442 2.995   -0.745  1.000 34.076 0 43  GLN A CG  1 ? 
ATOM   277  C CD  . GLN A 1 46  ? -16.104 3.440   -2.027  1.000 36.983 0 43  GLN A CD  1 ? 
ATOM   278  O OE1 . GLN A 1 46  ? -16.956 4.324   -2.038  1.000 38.577 0 43  GLN A OE1 1 ? 
ATOM   279  N NE2 . GLN A 1 46  ? -15.743 2.819   -3.136  1.000 38.212 0 43  GLN A NE2 1 ? 
ATOM   280  N N   . PRO A 1 47  ? -17.020 0.181   2.944   1.000 32.207 0 44  PRO A N   1 ? 
ATOM   281  C CA  . PRO A 1 47  ? -17.775 -0.957  3.477   1.000 32.809 0 44  PRO A CA  1 ? 
ATOM   282  C C   . PRO A 1 47  ? -19.182 -1.026  2.858   1.000 33.743 0 44  PRO A C   1 ? 
ATOM   283  O O   . PRO A 1 47  ? -20.183 -0.945  3.586   1.000 32.100 0 44  PRO A O   1 ? 
ATOM   284  C CB  . PRO A 1 47  ? -17.780 -0.662  4.986   1.000 32.141 0 44  PRO A CB  1 ? 
ATOM   285  C CG  . PRO A 1 47  ? -17.825 0.827   5.036   1.000 30.703 0 44  PRO A CG  1 ? 
ATOM   286  C CD  . PRO A 1 47  ? -16.869 1.259   3.938   1.000 32.780 0 44  PRO A CD  1 ? 
ATOM   287  N N   . LEU A 1 48  ? -19.237 -1.223  1.543   1.000 35.994 0 45  LEU A N   1 ? 
ATOM   288  C CA  . LEU A 1 48  ? -20.515 -1.275  0.778   1.000 35.331 0 45  LEU A CA  1 ? 
ATOM   289  C C   . LEU A 1 48  ? -21.253 -2.568  1.115   1.000 34.700 0 45  LEU A C   1 ? 
ATOM   290  O O   . LEU A 1 48  ? -22.517 -2.565  1.139   1.000 33.231 0 45  LEU A O   1 ? 
ATOM   291  C CB  . LEU A 1 48  ? -20.215 -1.173  -0.715  1.000 36.829 0 45  LEU A CB  1 ? 
ATOM   292  C CG  . LEU A 1 48  ? -19.654 0.181   -1.149  1.000 38.549 0 45  LEU A CG  1 ? 
ATOM   293  C CD1 . LEU A 1 48  ? -19.325 0.196   -2.633  1.000 40.590 0 45  LEU A CD1 1 ? 
ATOM   294  C CD2 . LEU A 1 48  ? -20.624 1.304   -0.800  1.000 38.165 0 45  LEU A CD2 1 ? 
ATOM   295  N N   . ASP A 1 49  ? -20.529 -3.646  1.374   1.000 30.215 0 46  ASP A N   1 ? 
ATOM   296  C CA  . ASP A 1 49  ? -21.200 -4.922  1.702   1.000 30.110 0 46  ASP A CA  1 ? 
ATOM   297  C C   . ASP A 1 49  ? -20.514 -5.546  2.914   1.000 34.552 0 46  ASP A C   1 ? 
ATOM   298  O O   . ASP A 1 49  ? -19.494 -4.992  3.380   1.000 31.512 0 46  ASP A O   1 ? 
ATOM   299  C CB  . ASP A 1 49  ? -21.301 -5.805  0.456   1.000 34.554 0 46  ASP A CB  1 ? 
ATOM   300  C CG  . ASP A 1 49  ? -20.004 -6.439  -0.007  1.000 34.061 0 46  ASP A CG  1 ? 
ATOM   301  O OD1 . ASP A 1 49  ? -19.062 -6.500  0.791   1.000 34.709 0 46  ASP A OD1 1 ? 
ATOM   302  O OD2 . ASP A 1 49  ? -19.982 -6.911  -1.154  1.000 39.117 0 46  ASP A OD2 1 ? 
ATOM   303  N N   . ALA A 1 50  ? -21.094 -6.636  3.397   1.000 33.332 0 47  ALA A N   1 ? 
ATOM   304  C CA  . ALA A 1 50  ? -20.706 -7.339  4.636   1.000 35.991 0 47  ALA A CA  1 ? 
ATOM   305  C C   . ALA A 1 50  ? -19.407 -8.118  4.413   1.000 34.558 0 47  ALA A C   1 ? 
ATOM   306  O O   . ALA A 1 50  ? -18.705 -8.301  5.392   1.000 38.362 0 47  ALA A O   1 ? 
ATOM   307  C CB  . ALA A 1 50  ? -21.809 -8.259  5.091   1.000 38.755 0 47  ALA A CB  1 ? 
ATOM   308  N N   . GLU A 1 51  ? -19.118 -8.574  3.191   1.000 32.892 0 48  GLU A N   1 ? 
ATOM   309  C CA  . GLU A 1 51  ? -17.838 -9.267  2.893   1.000 36.047 0 48  GLU A CA  1 ? 
ATOM   310  C C   . GLU A 1 51  ? -16.710 -8.275  3.171   1.000 34.736 0 48  GLU A C   1 ? 
ATOM   311  O O   . GLU A 1 51  ? -15.684 -8.691  3.772   1.000 35.802 0 48  GLU A O   1 ? 
ATOM   312  C CB  . GLU A 1 51  ? -17.761 -9.768  1.454   1.000 37.538 0 48  GLU A CB  1 ? 
ATOM   313  C CG  . GLU A 1 51  ? -16.546 -10.649 1.193   1.000 42.705 0 48  GLU A CG  1 ? 
ATOM   314  C CD  . GLU A 1 51  ? -16.509 -11.325 -0.168  1.000 50.024 0 48  GLU A CD  1 ? 
ATOM   315  O OE1 . GLU A 1 51  ? -15.417 -11.769 -0.569  1.000 52.971 0 48  GLU A OE1 1 ? 
ATOM   316  O OE2 . GLU A 1 51  ? -17.576 -11.420 -0.823  1.000 52.869 0 48  GLU A OE2 1 ? 
ATOM   317  N N   . MET A 1 52  ? -16.897 -7.015  2.773   1.000 36.228 0 49  MET A N   1 ? 
ATOM   318  C CA  . MET A 1 52  ? -15.855 -5.969  2.922   1.000 33.808 0 49  MET A CA  1 ? 
ATOM   319  C C   . MET A 1 52  ? -15.789 -5.489  4.373   1.000 38.495 0 49  MET A C   1 ? 
ATOM   320  O O   . MET A 1 52  ? -14.674 -5.324  4.878   1.000 32.368 0 49  MET A O   1 ? 
ATOM   321  C CB  . MET A 1 52  ? -16.096 -4.767  2.010   1.000 36.981 0 49  MET A CB  1 ? 
ATOM   322  C CG  . MET A 1 52  ? -14.935 -3.805  2.007   1.000 40.872 0 49  MET A CG  1 ? 
ATOM   323  S SD  . MET A 1 52  ? -13.396 -4.594  1.416   1.000 44.433 0 49  MET A SD  1 ? 
ATOM   324  C CE  . MET A 1 52  ? -12.414 -4.537  2.909   1.000 40.151 0 49  MET A CE  1 ? 
ATOM   325  N N   . ALA A 1 53  ? -16.932 -5.254  5.023   1.000 35.542 0 50  ALA A N   1 ? 
ATOM   326  C CA  . ALA A 1 53  ? -16.992 -4.946  6.469   1.000 35.072 0 50  ALA A CA  1 ? 
ATOM   327  C C   . ALA A 1 53  ? -16.349 -6.096  7.263   1.000 35.816 0 50  ALA A C   1 ? 
ATOM   328  O O   . ALA A 1 53  ? -15.722 -5.807  8.276   1.000 34.468 0 50  ALA A O   1 ? 
ATOM   329  C CB  . ALA A 1 53  ? -18.427 -4.712  6.892   1.000 38.221 0 50  ALA A CB  1 ? 
ATOM   330  N N   . ASP A 1 54  ? -16.544 -7.343  6.815   1.000 37.709 0 51  ASP A N   1 ? 
ATOM   331  C CA  . ASP A 1 54  ? -16.007 -8.591  7.426   1.000 41.454 0 51  ASP A CA  1 ? 
ATOM   332  C C   . ASP A 1 54  ? -14.478 -8.546  7.443   1.000 40.765 0 51  ASP A C   1 ? 
ATOM   333  O O   . ASP A 1 54  ? -13.878 -8.956  8.466   1.000 38.499 0 51  ASP A O   1 ? 
ATOM   334  C CB  . ASP A 1 54  ? -16.439 -9.847  6.652   1.000 48.546 0 51  ASP A CB  1 ? 
ATOM   335  C CG  . ASP A 1 54  ? -16.420 -11.136 7.462   1.000 53.402 0 51  ASP A CG  1 ? 
ATOM   336  O OD1 . ASP A 1 54  ? -16.878 -11.095 8.633   1.000 55.417 0 51  ASP A OD1 1 ? 
ATOM   337  O OD2 . ASP A 1 54  ? -15.953 -12.176 6.910   1.000 52.620 0 51  ASP A OD2 1 ? 
ATOM   338  N N   . ARG A 1 55  ? -13.878 -8.152  6.320   1.000 38.461 0 52  ARG A N   1 ? 
ATOM   339  C CA  . ARG A 1 55  ? -12.403 -8.067  6.161   1.000 39.112 0 52  ARG A CA  1 ? 
ATOM   340  C C   . ARG A 1 55  ? -11.887 -6.882  7.000   1.000 37.154 0 52  ARG A C   1 ? 
ATOM   341  O O   . ARG A 1 55  ? -10.845 -7.036  7.641   1.000 31.097 0 52  ARG A O   1 ? 
ATOM   342  C CB  . ARG A 1 55  ? -12.066 -8.044  4.666   1.000 44.358 0 52  ARG A CB  1 ? 
ATOM   343  C CG  . ARG A 1 55  ? -10.577 -8.015  4.350   1.000 46.640 0 52  ARG A CG  1 ? 
ATOM   344  C CD  . ARG A 1 55  ? -10.194 -6.575  4.124   1.000 55.246 0 52  ARG A CD  1 ? 
ATOM   345  N NE  . ARG A 1 55  ? -8.868  -6.292  3.594   1.000 57.151 0 52  ARG A NE  1 ? 
ATOM   346  C CZ  . ARG A 1 55  ? -8.380  -5.062  3.479   1.000 56.533 0 52  ARG A CZ  1 ? 
ATOM   347  N NH1 . ARG A 1 55  ? -9.108  -4.021  3.853   1.000 61.043 0 52  ARG A NH1 1 ? 
ATOM   348  N NH2 . ARG A 1 55  ? -7.168  -4.872  3.009   1.000 61.759 0 52  ARG A NH2 1 ? 
ATOM   349  N N   . ILE A 1 56  ? -12.625 -5.773  7.083   1.000 35.281 0 53  ILE A N   1 ? 
ATOM   350  C CA  . ILE A 1 56  ? -12.260 -4.610  7.960   1.000 33.387 0 53  ILE A CA  1 ? 
ATOM   351  C C   . ILE A 1 56  ? -12.311 -5.085  9.425   1.000 34.559 0 53  ILE A C   1 ? 
ATOM   352  O O   . ILE A 1 56  ? -11.365 -4.768  10.225  1.000 32.214 0 53  ILE A O   1 ? 
ATOM   353  C CB  . ILE A 1 56  ? -13.200 -3.416  7.702   1.000 35.225 0 53  ILE A CB  1 ? 
ATOM   354  C CG1 . ILE A 1 56  ? -13.062 -2.876  6.273   1.000 34.315 0 53  ILE A CG1 1 ? 
ATOM   355  C CG2 . ILE A 1 56  ? -13.007 -2.319  8.738   1.000 35.078 0 53  ILE A CG2 1 ? 
ATOM   356  C CD1 . ILE A 1 56  ? -14.304 -2.159  5.774   1.000 37.343 0 53  ILE A CD1 1 ? 
ATOM   357  N N   . SER A 1 57  ? -13.359 -5.840  9.776   1.000 32.542 0 54  SER A N   1 ? 
ATOM   358  C CA  . SER A 1 57  ? -13.573 -6.355  11.154  1.000 34.287 0 54  SER A CA  1 ? 
ATOM   359  C C   . SER A 1 57  ? -12.459 -7.349  11.524  1.000 34.701 0 54  SER A C   1 ? 
ATOM   360  O O   . SER A 1 57  ? -11.971 -7.311  12.662  1.000 33.130 0 54  SER A O   1 ? 
ATOM   361  C CB  . SER A 1 57  ? -14.936 -6.981  11.288  1.000 35.336 0 54  SER A CB  1 ? 
ATOM   362  O OG  . SER A 1 57  ? -14.990 -7.860  12.407  1.000 44.333 0 54  SER A OG  1 ? 
ATOM   363  N N   . ARG A 1 58  ? -12.093 -8.235  10.601  1.000 35.299 0 55  ARG A N   1 ? 
ATOM   364  C CA  . ARG A 1 58  ? -11.035 -9.248  10.849  1.000 34.002 0 55  ARG A CA  1 ? 
ATOM   365  C C   . ARG A 1 58  ? -9.713  -8.529  11.155  1.000 36.445 0 55  ARG A C   1 ? 
ATOM   366  O O   . ARG A 1 58  ? -9.087  -8.888  12.180  1.000 35.030 0 55  ARG A O   1 ? 
ATOM   367  C CB  . ARG A 1 58  ? -10.876 -10.211 9.672   1.000 37.924 0 55  ARG A CB  1 ? 
ATOM   368  C CG  . ARG A 1 58  ? -9.676  -11.138 9.826   1.000 36.540 0 55  ARG A CG  1 ? 
ATOM   369  C CD  . ARG A 1 58  ? -9.676  -12.267 8.825   1.000 38.000 0 55  ARG A CD  1 ? 
ATOM   370  N NE  . ARG A 1 58  ? -9.692  -11.813 7.438   1.000 34.793 0 55  ARG A NE  1 ? 
ATOM   371  C CZ  . ARG A 1 58  ? -8.625  -11.437 6.722   1.000 32.571 0 55  ARG A CZ  1 ? 
ATOM   372  N NH1 . ARG A 1 58  ? -7.418  -11.379 7.260   1.000 29.992 0 55  ARG A NH1 1 ? 
ATOM   373  N NH2 . ARG A 1 58  ? -8.792  -11.036 5.482   1.000 31.331 0 55  ARG A NH2 1 ? 
ATOM   374  N N   . HIS A 1 59  ? -9.307  -7.561  10.321  1.000 32.602 0 56  HIS A N   1 ? 
ATOM   375  C CA  . HIS A 1 59  ? -8.071  -6.761  10.543  1.000 31.864 0 56  HIS A CA  1 ? 
ATOM   376  C C   . HIS A 1 59  ? -8.193  -6.013  11.875  1.000 32.893 0 56  HIS A C   1 ? 
ATOM   377  O O   . HIS A 1 59  ? -7.165  -5.916  12.597  1.000 34.093 0 56  HIS A O   1 ? 
ATOM   378  C CB  . HIS A 1 59  ? -7.750  -5.822  9.357   1.000 30.912 0 56  HIS A CB  1 ? 
ATOM   379  C CG  . HIS A 1 59  ? -7.260  -6.540  8.143   1.000 28.220 0 56  HIS A CG  1 ? 
ATOM   380  N ND1 . HIS A 1 59  ? -7.404  -6.046  6.865   1.000 36.725 0 56  HIS A ND1 1 ? 
ATOM   381  C CD2 . HIS A 1 59  ? -6.648  -7.725  8.009   1.000 28.541 0 56  HIS A CD2 1 ? 
ATOM   382  C CE1 . HIS A 1 59  ? -6.891  -6.909  5.999   1.000 33.109 0 56  HIS A CE1 1 ? 
ATOM   383  N NE2 . HIS A 1 59  ? -6.442  -7.945  6.675   1.000 29.562 0 56  HIS A NE2 1 ? 
ATOM   384  N N   . ALA A 1 60  ? -9.382  -5.507  12.205  1.000 31.882 0 57  ALA A N   1 ? 
ATOM   385  C CA  . ALA A 1 60  ? -9.602  -4.740  13.456  1.000 36.677 0 57  ALA A CA  1 ? 
ATOM   386  C C   . ALA A 1 60  ? -9.435  -5.672  14.664  1.000 36.876 0 57  ALA A C   1 ? 
ATOM   387  O O   . ALA A 1 60  ? -8.668  -5.256  15.554  1.000 36.211 0 57  ALA A O   1 ? 
ATOM   388  C CB  . ALA A 1 60  ? -10.958 -4.095  13.435  1.000 36.542 0 57  ALA A CB  1 ? 
ATOM   389  N N   . TRP A 1 67  ? -5.000  2.156   18.053  1.000 34.715 0 64  TRP A N   1 ? 
ATOM   390  C CA  . TRP A 1 67  ? -5.065  2.625   16.631  1.000 32.077 0 64  TRP A CA  1 ? 
ATOM   391  C C   . TRP A 1 67  ? -6.113  3.725   16.439  1.000 32.851 0 64  TRP A C   1 ? 
ATOM   392  O O   . TRP A 1 67  ? -7.271  3.508   16.825  1.000 37.413 0 64  TRP A O   1 ? 
ATOM   393  C CB  . TRP A 1 67  ? -5.404  1.491   15.670  1.000 31.544 0 64  TRP A CB  1 ? 
ATOM   394  C CG  . TRP A 1 67  ? -4.327  0.469   15.460  1.000 27.553 0 64  TRP A CG  1 ? 
ATOM   395  C CD1 . TRP A 1 67  ? -4.055  -0.617  16.235  1.000 25.284 0 64  TRP A CD1 1 ? 
ATOM   396  C CD2 . TRP A 1 67  ? -3.439  0.383   14.333  1.000 23.547 0 64  TRP A CD2 1 ? 
ATOM   397  N NE1 . TRP A 1 67  ? -3.037  -1.356  15.696  1.000 26.373 0 64  TRP A NE1 1 ? 
ATOM   398  C CE2 . TRP A 1 67  ? -2.619  -0.750  14.533  1.000 21.467 0 64  TRP A CE2 1 ? 
ATOM   399  C CE3 . TRP A 1 67  ? -3.214  1.203   13.221  1.000 22.942 0 64  TRP A CE3 1 ? 
ATOM   400  C CZ2 . TRP A 1 67  ? -1.648  -1.134  13.621  1.000 22.301 0 64  TRP A CZ2 1 ? 
ATOM   401  C CZ3 . TRP A 1 67  ? -2.236  0.839   12.328  1.000 22.750 0 64  TRP A CZ3 1 ? 
ATOM   402  C CH2 . TRP A 1 67  ? -1.455  -0.305  12.543  1.000 21.154 0 64  TRP A CH2 1 ? 
ATOM   403  N N   . THR A 1 68  ? -5.723  4.829   15.807  1.000 30.336 0 65  THR A N   1 ? 
ATOM   404  C CA  . THR A 1 68  ? -6.651  5.859   15.281  1.000 31.692 0 65  THR A CA  1 ? 
ATOM   405  C C   . THR A 1 68  ? -7.061  5.451   13.863  1.000 33.777 0 65  THR A C   1 ? 
ATOM   406  O O   . THR A 1 68  ? -6.162  5.268   13.024  1.000 30.723 0 65  THR A O   1 ? 
ATOM   407  C CB  . THR A 1 68  ? -6.014  7.253   15.294  1.000 31.989 0 65  THR A CB  1 ? 
ATOM   408  O OG1 . THR A 1 68  ? -5.473  7.518   16.592  1.000 32.484 0 65  THR A OG1 1 ? 
ATOM   409  C CG2 . THR A 1 68  ? -7.006  8.329   14.920  1.000 33.834 0 65  THR A CG2 1 ? 
ATOM   410  N N   . LEU A 1 69  ? -8.358  5.357   13.587  1.000 28.908 0 66  LEU A N   1 ? 
ATOM   411  C CA  . LEU A 1 69  ? -8.856  4.924   12.264  1.000 29.852 0 66  LEU A CA  1 ? 
ATOM   412  C C   . LEU A 1 69  ? -9.283  6.150   11.466  1.000 29.965 0 66  LEU A C   1 ? 
ATOM   413  O O   . LEU A 1 69  ? -10.153 6.959   11.942  1.000 30.301 0 66  LEU A O   1 ? 
ATOM   414  C CB  . LEU A 1 69  ? -9.994  3.931   12.465  1.000 31.655 0 66  LEU A CB  1 ? 
ATOM   415  C CG  . LEU A 1 69  ? -10.849 3.604   11.242  1.000 38.172 0 66  LEU A CG  1 ? 
ATOM   416  C CD1 . LEU A 1 69  ? -10.089 2.752   10.245  1.000 40.304 0 66  LEU A CD1 1 ? 
ATOM   417  C CD2 . LEU A 1 69  ? -12.119 2.901   11.672  1.000 38.171 0 66  LEU A CD2 1 ? 
ATOM   418  N N   . ILE A 1 70  ? -8.707  6.327   10.282  1.000 27.073 0 67  ILE A N   1 ? 
ATOM   419  C CA  . ILE A 1 70  ? -9.063  7.457   9.378   1.000 26.506 0 67  ILE A CA  1 ? 
ATOM   420  C C   . ILE A 1 70  ? -9.494  6.879   8.027   1.000 27.949 0 67  ILE A C   1 ? 
ATOM   421  O O   . ILE A 1 70  ? -8.680  6.195   7.369   1.000 26.950 0 67  ILE A O   1 ? 
ATOM   422  C CB  . ILE A 1 70  ? -7.906  8.465   9.295   1.000 28.710 0 67  ILE A CB  1 ? 
ATOM   423  C CG1 . ILE A 1 70  ? -7.583  9.019   10.682  1.000 33.000 0 67  ILE A CG1 1 ? 
ATOM   424  C CG2 . ILE A 1 70  ? -8.264  9.573   8.311   1.000 33.145 0 67  ILE A CG2 1 ? 
ATOM   425  C CD1 . ILE A 1 70  ? -6.390  9.882   10.770  1.000 32.965 0 67  ILE A CD1 1 ? 
ATOM   426  N N   . GLU A 1 71  ? -10.707 7.167   7.581   1.000 26.703 0 68  GLU A N   1 ? 
ATOM   427  C CA  . GLU A 1 71  ? -11.196 6.759   6.240   1.000 28.828 0 68  GLU A CA  1 ? 
ATOM   428  C C   . GLU A 1 71  ? -10.578 7.657   5.165   1.000 26.099 0 68  GLU A C   1 ? 
ATOM   429  O O   . GLU A 1 71  ? -10.497 8.890   5.344   1.000 30.538 0 68  GLU A O   1 ? 
ATOM   430  C CB  . GLU A 1 71  ? -12.717 6.775   6.201   1.000 31.094 0 68  GLU A CB  1 ? 
ATOM   431  C CG  . GLU A 1 71  ? -13.299 5.759   7.150   1.000 34.116 0 68  GLU A CG  1 ? 
ATOM   432  C CD  . GLU A 1 71  ? -14.787 5.591   6.934   1.000 44.774 0 68  GLU A CD  1 ? 
ATOM   433  O OE1 . GLU A 1 71  ? -15.261 4.451   7.034   1.000 49.663 0 68  GLU A OE1 1 ? 
ATOM   434  O OE2 . GLU A 1 71  ? -15.444 6.603   6.603   1.000 43.445 0 68  GLU A OE2 1 ? 
ATOM   435  N N   . ALA A 1 72  ? -10.077 7.052   4.091   1.000 26.680 0 69  ALA A N   1 ? 
ATOM   436  C CA  . ALA A 1 72  ? -9.513  7.765   2.929   1.000 26.059 0 69  ALA A CA  1 ? 
ATOM   437  C C   . ALA A 1 72  ? -9.846  6.956   1.672   1.000 25.857 0 69  ALA A C   1 ? 
ATOM   438  O O   . ALA A 1 72  ? -8.930  6.361   1.018   1.000 26.313 0 69  ALA A O   1 ? 
ATOM   439  C CB  . ALA A 1 72  ? -8.039  8.006   3.117   1.000 28.176 0 69  ALA A CB  1 ? 
ATOM   440  N N   . PHE A 1 73  ? -11.118 6.853   1.323   1.000 27.325 0 70  PHE A N   1 ? 
ATOM   441  C CA  . PHE A 1 73  ? -11.566 5.994   0.201   1.000 28.353 0 70  PHE A CA  1 ? 
ATOM   442  C C   . PHE A 1 73  ? -10.974 6.488   -1.116  1.000 27.090 0 70  PHE A C   1 ? 
ATOM   443  O O   . PHE A 1 73  ? -10.612 5.641   -1.962  1.000 25.554 0 70  PHE A O   1 ? 
ATOM   444  C CB  . PHE A 1 73  ? -13.088 5.927   0.115   1.000 30.382 0 70  PHE A CB  1 ? 
ATOM   445  C CG  . PHE A 1 73  ? -13.771 5.461   1.372   1.000 33.932 0 70  PHE A CG  1 ? 
ATOM   446  C CD1 . PHE A 1 73  ? -13.121 4.690   2.316   1.000 33.061 0 70  PHE A CD1 1 ? 
ATOM   447  C CD2 . PHE A 1 73  ? -15.084 5.822   1.608   1.000 36.372 0 70  PHE A CD2 1 ? 
ATOM   448  C CE1 . PHE A 1 73  ? -13.781 4.258   3.453   1.000 35.966 0 70  PHE A CE1 1 ? 
ATOM   449  C CE2 . PHE A 1 73  ? -15.737 5.391   2.748   1.000 37.508 0 70  PHE A CE2 1 ? 
ATOM   450  C CZ  . PHE A 1 73  ? -15.083 4.619   3.670   1.000 33.989 0 70  PHE A CZ  1 ? 
ATOM   451  N N   . PHE A 1 74  ? -10.832 7.806   -1.283  1.000 27.128 0 71  PHE A N   1 ? 
ATOM   452  C CA  . PHE A 1 74  ? -10.453 8.429   -2.573  1.000 26.535 0 71  PHE A CA  1 ? 
ATOM   453  C C   . PHE A 1 74  ? -9.228  9.329   -2.422  1.000 24.842 0 71  PHE A C   1 ? 
ATOM   454  O O   . PHE A 1 74  ? -8.348  9.292   -3.297  1.000 24.506 0 71  PHE A O   1 ? 
ATOM   455  C CB  . PHE A 1 74  ? -11.649 9.213   -3.121  1.000 28.088 0 71  PHE A CB  1 ? 
ATOM   456  C CG  . PHE A 1 74  ? -12.888 8.377   -3.307  1.000 29.067 0 71  PHE A CG  1 ? 
ATOM   457  C CD1 . PHE A 1 74  ? -12.997 7.516   -4.381  1.000 30.245 0 71  PHE A CD1 1 ? 
ATOM   458  C CD2 . PHE A 1 74  ? -13.922 8.394   -2.378  1.000 30.827 0 71  PHE A CD2 1 ? 
ATOM   459  C CE1 . PHE A 1 74  ? -14.128 6.733   -4.560  1.000 33.403 0 71  PHE A CE1 1 ? 
ATOM   460  C CE2 . PHE A 1 74  ? -15.049 7.599   -2.549  1.000 31.658 0 71  PHE A CE2 1 ? 
ATOM   461  C CZ  . PHE A 1 74  ? -15.158 6.774   -3.646  1.000 33.349 0 71  PHE A CZ  1 ? 
ATOM   462  N N   . ASP A 1 75  ? -9.204  10.202  -1.413  1.000 25.093 0 72  ASP A N   1 ? 
ATOM   463  C CA  . ASP A 1 75  ? -8.142  11.226  -1.244  1.000 27.000 0 72  ASP A CA  1 ? 
ATOM   464  C C   . ASP A 1 75  ? -7.000  10.674  -0.404  1.000 23.228 0 72  ASP A C   1 ? 
ATOM   465  O O   . ASP A 1 75  ? -6.662  11.278  0.619   1.000 24.519 0 72  ASP A O   1 ? 
ATOM   466  C CB  . ASP A 1 75  ? -8.706  12.478  -0.582  1.000 30.327 0 72  ASP A CB  1 ? 
ATOM   467  C CG  . ASP A 1 75  ? -9.685  13.193  -1.489  1.000 34.215 0 72  ASP A CG  1 ? 
ATOM   468  O OD1 . ASP A 1 75  ? -9.967  12.668  -2.601  1.000 35.468 0 72  ASP A OD1 1 ? 
ATOM   469  O OD2 . ASP A 1 75  ? -10.197 14.248  -1.056  1.000 36.308 0 72  ASP A OD2 1 ? 
ATOM   470  N N   . LEU A 1 76  ? -6.373  9.580   -0.861  1.000 20.553 0 73  LEU A N   1 ? 
ATOM   471  C CA  . LEU A 1 76  ? -5.360  8.908   -0.021  1.000 21.266 0 73  LEU A CA  1 ? 
ATOM   472  C C   . LEU A 1 76  ? -4.147  9.818   0.206   1.000 21.073 0 73  LEU A C   1 ? 
ATOM   473  O O   . LEU A 1 76  ? -3.685  9.959   1.317   1.000 20.957 0 73  LEU A O   1 ? 
ATOM   474  C CB  . LEU A 1 76  ? -4.952  7.614   -0.725  1.000 19.475 0 73  LEU A CB  1 ? 
ATOM   475  C CG  . LEU A 1 76  ? -3.781  6.883   -0.070  1.000 20.590 0 73  LEU A CG  1 ? 
ATOM   476  C CD1 . LEU A 1 76  ? -4.096  6.560   1.399   1.000 22.359 0 73  LEU A CD1 1 ? 
ATOM   477  C CD2 . LEU A 1 76  ? -3.488  5.594   -0.836  1.000 18.481 0 73  LEU A CD2 1 ? 
ATOM   478  N N   . GLY A 1 77  ? -3.556  10.374  -0.843  1.000 20.554 0 74  GLY A N   1 ? 
ATOM   479  C CA  . GLY A 1 77  ? -2.314  11.164  -0.712  1.000 20.066 0 74  GLY A CA  1 ? 
ATOM   480  C C   . GLY A 1 77  ? -2.529  12.397  0.161   1.000 19.441 0 74  GLY A C   1 ? 
ATOM   481  O O   . GLY A 1 77  ? -1.653  12.655  0.977   1.000 20.783 0 74  GLY A O   1 ? 
ATOM   482  N N   . GLN A 1 78  ? -3.645  13.076  -0.049  1.000 25.288 0 75  GLN A N   1 ? 
ATOM   483  C CA  . GLN A 1 78  ? -3.952  14.318  0.699   1.000 23.576 0 75  GLN A CA  1 ? 
ATOM   484  C C   . GLN A 1 78  ? -4.160  13.931  2.155   1.000 23.730 0 75  GLN A C   1 ? 
ATOM   485  O O   . GLN A 1 78  ? -3.704  14.639  3.027   1.000 25.231 0 75  GLN A O   1 ? 
ATOM   486  C CB  . GLN A 1 78  ? -5.174  15.025  0.106   1.000 29.142 0 75  GLN A CB  1 ? 
ATOM   487  C CG  . GLN A 1 78  ? -5.025  15.318  -1.387  1.000 35.522 0 75  GLN A CG  1 ? 
ATOM   488  C CD  . GLN A 1 78  ? -5.408  14.239  -2.388  1.000 42.663 0 75  GLN A CD  1 ? 
ATOM   489  O OE1 . GLN A 1 78  ? -5.281  13.013  -2.187  1.000 34.445 0 75  GLN A OE1 1 ? 
ATOM   490  N NE2 . GLN A 1 78  ? -5.867  14.691  -3.549  1.000 44.197 0 75  GLN A NE2 1 ? 
ATOM   491  N N   . THR A 1 79  ? -4.807  12.799  2.381   1.000 23.793 0 76  THR A N   1 ? 
ATOM   492  C CA  . THR A 1 79  ? -4.983  12.308  3.767   1.000 23.049 0 76  THR A CA  1 ? 
ATOM   493  C C   . THR A 1 79  ? -3.609  12.023  4.377   1.000 24.819 0 76  THR A C   1 ? 
ATOM   494  O O   . THR A 1 79  ? -3.358  12.398  5.519   1.000 20.045 0 76  THR A O   1 ? 
ATOM   495  C CB  . THR A 1 79  ? -5.862  11.071  3.845   1.000 23.826 0 76  THR A CB  1 ? 
ATOM   496  O OG1 . THR A 1 79  ? -7.137  11.404  3.326   1.000 25.184 0 76  THR A OG1 1 ? 
ATOM   497  C CG2 . THR A 1 79  ? -5.953  10.520  5.250   1.000 25.540 0 76  THR A CG2 1 ? 
ATOM   498  N N   . LEU A 1 80  ? -2.703  11.340  3.657   1.000 20.518 0 77  LEU A N   1 ? 
ATOM   499  C CA  . LEU A 1 80  ? -1.360  11.089  4.237   1.000 20.656 0 77  LEU A CA  1 ? 
ATOM   500  C C   . LEU A 1 80  ? -0.688  12.407  4.602   1.000 21.745 0 77  LEU A C   1 ? 
ATOM   501  O O   . LEU A 1 80  ? -0.091  12.483  5.672   1.000 22.581 0 77  LEU A O   1 ? 
ATOM   502  C CB  . LEU A 1 80  ? -0.490  10.289  3.282   1.000 22.124 0 77  LEU A CB  1 ? 
ATOM   503  C CG  . LEU A 1 80  ? -1.030  8.895   2.972   1.000 21.684 0 77  LEU A CG  1 ? 
ATOM   504  C CD1 . LEU A 1 80  ? -0.122  8.275   1.907   1.000 20.514 0 77  LEU A CD1 1 ? 
ATOM   505  C CD2 . LEU A 1 80  ? -1.083  8.024   4.229   1.000 22.848 0 77  LEU A CD2 1 ? 
ATOM   506  N N   . ARG A 1 81  ? -0.673  13.362  3.680   1.000 23.116 0 78  ARG A N   1 ? 
ATOM   507  C CA  . ARG A 1 81  ? 0.066   14.627  3.958   1.000 24.923 0 78  ARG A CA  1 ? 
ATOM   508  C C   . ARG A 1 81  ? -0.488  15.308  5.213   1.000 24.842 0 78  ARG A C   1 ? 
ATOM   509  O O   . ARG A 1 81  ? 0.335   15.823  6.004   1.000 25.104 0 78  ARG A O   1 ? 
ATOM   510  C CB  . ARG A 1 81  ? 0.055   15.519  2.714   1.000 29.158 0 78  ARG A CB  1 ? 
ATOM   511  C CG  . ARG A 1 81  ? 0.892   14.935  1.589   1.000 34.764 0 78  ARG A CG  1 ? 
ATOM   512  C CD  . ARG A 1 81  ? 1.078   15.818  0.372   1.000 40.128 0 78  ARG A CD  1 ? 
ATOM   513  N NE  . ARG A 1 81  ? -0.154  16.301  -0.249  1.000 44.180 0 78  ARG A NE  1 ? 
ATOM   514  C CZ  . ARG A 1 81  ? -0.774  15.747  -1.296  1.000 47.670 0 78  ARG A CZ  1 ? 
ATOM   515  N NH1 . ARG A 1 81  ? -0.287  14.659  -1.871  1.000 49.833 0 78  ARG A NH1 1 ? 
ATOM   516  N NH2 . ARG A 1 81  ? -1.891  16.285  -1.768  1.000 48.670 0 78  ARG A NH2 1 ? 
ATOM   517  N N   . ARG A 1 82  ? -1.782  15.278  5.433   1.000 23.219 0 79  ARG A N   1 ? 
ATOM   518  C CA  . ARG A 1 82  ? -2.320  16.068  6.571   1.000 25.054 0 79  ARG A CA  1 ? 
ATOM   519  C C   . ARG A 1 82  ? -2.473  15.211  7.826   1.000 26.726 0 79  ARG A C   1 ? 
ATOM   520  O O   . ARG A 1 82  ? -2.888  15.760  8.855   1.000 29.444 0 79  ARG A O   1 ? 
ATOM   521  C CB  . ARG A 1 82  ? -3.626  16.709  6.159   1.000 27.675 0 79  ARG A CB  1 ? 
ATOM   522  C CG  . ARG A 1 82  ? -4.778  15.734  6.114   1.000 24.976 0 79  ARG A CG  1 ? 
ATOM   523  C CD  . ARG A 1 82  ? -5.827  16.321  5.199   1.000 27.576 0 79  ARG A CD  1 ? 
ATOM   524  N NE  . ARG A 1 82  ? -6.883  15.384  4.924   1.000 30.987 0 79  ARG A NE  1 ? 
ATOM   525  C CZ  . ARG A 1 82  ? -7.630  15.355  3.828   1.000 30.721 0 79  ARG A CZ  1 ? 
ATOM   526  N NH1 . ARG A 1 82  ? -7.481  16.252  2.865   1.000 34.374 0 79  ARG A NH1 1 ? 
ATOM   527  N NH2 . ARG A 1 82  ? -8.527  14.402  3.696   1.000 31.116 0 79  ARG A NH2 1 ? 
ATOM   528  N N   . GLU A 1 83  ? -2.187  13.911  7.775   1.000 24.194 0 80  GLU A N   1 ? 
ATOM   529  C CA  . GLU A 1 83  ? -2.256  13.091  9.008   1.000 24.232 0 80  GLU A CA  1 ? 
ATOM   530  C C   . GLU A 1 83  ? -0.860  12.722  9.483   1.000 23.659 0 80  GLU A C   1 ? 
ATOM   531  O O   . GLU A 1 83  ? -0.720  12.388  10.675  1.000 24.514 0 80  GLU A O   1 ? 
ATOM   532  C CB  . GLU A 1 83  ? -3.130  11.870  8.776   1.000 25.596 0 80  GLU A CB  1 ? 
ATOM   533  C CG  . GLU A 1 83  ? -4.549  12.208  8.420   1.000 27.199 0 80  GLU A CG  1 ? 
ATOM   534  C CD  . GLU A 1 83  ? -5.450  12.720  9.542   1.000 27.947 0 80  GLU A CD  1 ? 
ATOM   535  O OE1 . GLU A 1 83  ? -6.670  12.969  9.273   1.000 31.724 0 80  GLU A OE1 1 ? 
ATOM   536  O OE2 . GLU A 1 83  ? -4.949  12.807  10.688  1.000 31.006 0 80  GLU A OE2 1 ? 
ATOM   537  N N   . ALA A 1 84  ? 0.167   12.793  8.639   1.000 22.652 0 81  ALA A N   1 ? 
ATOM   538  C CA  . ALA A 1 84  ? 1.526   12.356  9.000   1.000 23.435 0 81  ALA A CA  1 ? 
ATOM   539  C C   . ALA A 1 84  ? 2.144   13.317  10.021  1.000 28.701 0 81  ALA A C   1 ? 
ATOM   540  O O   . ALA A 1 84  ? 2.019   14.555  9.862   1.000 29.797 0 81  ALA A O   1 ? 
ATOM   541  C CB  . ALA A 1 84  ? 2.401   12.237  7.780   1.000 26.152 0 81  ALA A CB  1 ? 
ATOM   542  N N   . GLN A 1 85  ? 2.765   12.741  11.042  1.000 28.930 0 82  GLN A N   1 ? 
ATOM   543  C CA  . GLN A 1 85  ? 3.446   13.466  12.144  1.000 29.565 0 82  GLN A CA  1 ? 
ATOM   544  C C   . GLN A 1 85  ? 4.660   12.637  12.544  1.000 30.131 0 82  GLN A C   1 ? 
ATOM   545  O O   . GLN A 1 85  ? 4.654   11.403  12.465  1.000 26.075 0 82  GLN A O   1 ? 
ATOM   546  C CB  . GLN A 1 85  ? 2.514   13.692  13.337  1.000 30.407 0 82  GLN A CB  1 ? 
ATOM   547  C CG  . GLN A 1 85  ? 1.208   14.422  13.047  1.000 32.683 0 82  GLN A CG  1 ? 
ATOM   548  C CD  . GLN A 1 85  ? 1.398   15.872  12.664  1.000 37.127 0 82  GLN A CD  1 ? 
ATOM   549  O OE1 . GLN A 1 85  ? 2.484   16.428  12.802  1.000 40.035 0 82  GLN A OE1 1 ? 
ATOM   550  N NE2 . GLN A 1 85  ? 0.346   16.506  12.157  1.000 38.978 0 82  GLN A NE2 1 ? 
ATOM   551  N N   . PRO A 1 86  ? 5.763   13.265  12.998  1.000 30.842 0 83  PRO A N   1 ? 
ATOM   552  C CA  . PRO A 1 86  ? 6.926   12.509  13.463  1.000 30.874 0 83  PRO A CA  1 ? 
ATOM   553  C C   . PRO A 1 86  ? 6.568   11.409  14.483  1.000 31.080 0 83  PRO A C   1 ? 
ATOM   554  O O   . PRO A 1 86  ? 7.173   10.366  14.473  1.000 29.292 0 83  PRO A O   1 ? 
ATOM   555  C CB  . PRO A 1 86  ? 7.810   13.560  14.166  1.000 33.213 0 83  PRO A CB  1 ? 
ATOM   556  C CG  . PRO A 1 86  ? 7.306   14.916  13.690  1.000 34.324 0 83  PRO A CG  1 ? 
ATOM   557  C CD  . PRO A 1 86  ? 5.948   14.724  13.056  1.000 32.918 0 83  PRO A CD  1 ? 
ATOM   558  N N   . GLU A 1 87  ? 5.593   11.676  15.342  1.000 31.083 0 84  GLU A N   1 ? 
ATOM   559  C CA  . GLU A 1 87  ? 5.245   10.810  16.499  1.000 31.045 0 84  GLU A CA  1 ? 
ATOM   560  C C   . GLU A 1 87  ? 4.257   9.722   16.045  1.000 29.198 0 84  GLU A C   1 ? 
ATOM   561  O O   . GLU A 1 87  ? 3.934   8.830   16.826  1.000 26.372 0 84  GLU A O   1 ? 
ATOM   562  C CB  . GLU A 1 87  ? 4.737   11.667  17.672  1.000 32.445 0 84  GLU A CB  1 ? 
ATOM   563  C CG  . GLU A 1 87  ? 3.417   12.388  17.423  1.000 39.374 0 84  GLU A CG  1 ? 
ATOM   564  C CD  . GLU A 1 87  ? 3.458   13.772  16.774  1.000 38.673 0 84  GLU A CD  1 ? 
ATOM   565  O OE1 . GLU A 1 87  ? 4.570   14.315  16.505  1.000 37.342 0 84  GLU A OE1 1 ? 
ATOM   566  O OE2 . GLU A 1 87  ? 2.371   14.312  16.520  1.000 48.908 0 84  GLU A OE2 1 ? 
ATOM   567  N N   . ARG A 1 88  ? 3.764   9.791   14.813  1.000 26.951 0 85  ARG A N   1 ? 
ATOM   568  C CA  . ARG A 1 88  ? 2.690   8.915   14.293  1.000 22.694 0 85  ARG A CA  1 ? 
ATOM   569  C C   . ARG A 1 88  ? 3.312   7.948   13.290  1.000 21.650 0 85  ARG A C   1 ? 
ATOM   570  O O   . ARG A 1 88  ? 4.363   8.293   12.692  1.000 22.528 0 85  ARG A O   1 ? 
ATOM   571  C CB  . ARG A 1 88  ? 1.602   9.700   13.573  1.000 25.545 0 85  ARG A CB  1 ? 
ATOM   572  C CG  . ARG A 1 88  ? 0.437   10.099  14.469  1.000 26.312 0 85  ARG A CG  1 ? 
ATOM   573  C CD  . ARG A 1 88  ? -0.471  11.049  13.752  1.000 30.317 0 85  ARG A CD  1 ? 
ATOM   574  N NE  . ARG A 1 88  ? -1.783  11.045  14.338  1.000 31.477 0 85  ARG A NE  1 ? 
ATOM   575  C CZ  . ARG A 1 88  ? -2.892  11.430  13.729  1.000 28.519 0 85  ARG A CZ  1 ? 
ATOM   576  N NH1 . ARG A 1 88  ? -2.873  11.857  12.469  1.000 28.869 0 85  ARG A NH1 1 ? 
ATOM   577  N NH2 . ARG A 1 88  ? -4.036  11.338  14.368  1.000 30.156 0 85  ARG A NH2 1 ? 
ATOM   578  N N   . LEU A 1 89  ? 2.754   6.742   13.247  1.000 21.359 0 86  LEU A N   1 ? 
ATOM   579  C CA  . LEU A 1 89  ? 3.012   5.846   12.089  1.000 19.249 0 86  LEU A CA  1 ? 
ATOM   580  C C   . LEU A 1 89  ? 1.700   5.618   11.375  1.000 19.564 0 86  LEU A C   1 ? 
ATOM   581  O O   . LEU A 1 89  ? 0.773   5.109   11.978  1.000 20.879 0 86  LEU A O   1 ? 
ATOM   582  C CB  . LEU A 1 89  ? 3.586   4.526   12.583  1.000 19.193 0 86  LEU A CB  1 ? 
ATOM   583  C CG  . LEU A 1 89  ? 3.809   3.418   11.535  1.000 18.938 0 86  LEU A CG  1 ? 
ATOM   584  C CD1 . LEU A 1 89  ? 4.667   3.925   10.394  1.000 19.952 0 86  LEU A CD1 1 ? 
ATOM   585  C CD2 . LEU A 1 89  ? 4.471   2.236   12.206  1.000 20.204 0 86  LEU A CD2 1 ? 
ATOM   586  N N   . LEU A 1 90  ? 1.641   5.942   10.074  1.000 18.964 0 87  LEU A N   1 ? 
ATOM   587  C CA  . LEU A 1 90  ? 0.437   5.724   9.260   1.000 19.467 0 87  LEU A CA  1 ? 
ATOM   588  C C   . LEU A 1 90  ? 0.599   4.405   8.506   1.000 17.078 0 87  LEU A C   1 ? 
ATOM   589  O O   . LEU A 1 90  ? 1.690   4.146   8.016   1.000 20.209 0 87  LEU A O   1 ? 
ATOM   590  C CB  . LEU A 1 90  ? 0.236   6.839   8.233   1.000 20.116 0 87  LEU A CB  1 ? 
ATOM   591  C CG  . LEU A 1 90  ? 0.395   8.290   8.709   1.000 22.261 0 87  LEU A CG  1 ? 
ATOM   592  C CD1 . LEU A 1 90  ? -0.139  9.226   7.601   1.000 20.822 0 87  LEU A CD1 1 ? 
ATOM   593  C CD2 . LEU A 1 90  ? -0.301  8.549   10.036  1.000 24.681 0 87  LEU A CD2 1 ? 
ATOM   594  N N   . VAL A 1 91  ? -0.436  3.625   8.562   1.000 16.713 0 88  VAL A N   1 ? 
ATOM   595  C CA  . VAL A 1 91  ? -0.482  2.343   7.799   1.000 16.708 0 88  VAL A CA  1 ? 
ATOM   596  C C   . VAL A 1 91  ? -1.603  2.468   6.792   1.000 17.514 0 88  VAL A C   1 ? 
ATOM   597  O O   . VAL A 1 91  ? -2.768  2.600   7.159   1.000 16.314 0 88  VAL A O   1 ? 
ATOM   598  C CB  . VAL A 1 91  ? -0.619  1.132   8.719   1.000 17.163 0 88  VAL A CB  1 ? 
ATOM   599  C CG1 . VAL A 1 91  ? -0.689  -0.120  7.855   1.000 18.516 0 88  VAL A CG1 1 ? 
ATOM   600  C CG2 . VAL A 1 91  ? 0.517   1.087   9.722   1.000 18.803 0 88  VAL A CG2 1 ? 
ATOM   601  N N   . VAL A 1 92  ? -1.277  2.335   5.505   1.000 15.527 0 89  VAL A N   1 ? 
ATOM   602  C CA  . VAL A 1 92  ? -2.323  2.339   4.470   1.000 16.559 0 89  VAL A CA  1 ? 
ATOM   603  C C   . VAL A 1 92  ? -2.851  0.928   4.288   1.000 17.892 0 89  VAL A C   1 ? 
ATOM   604  O O   . VAL A 1 92  ? -2.131  0.080   3.733   1.000 17.299 0 89  VAL A O   1 ? 
ATOM   605  C CB  . VAL A 1 92  ? -1.797  2.934   3.159   1.000 16.605 0 89  VAL A CB  1 ? 
ATOM   606  C CG1 . VAL A 1 92  ? -2.878  2.884   2.086   1.000 17.063 0 89  VAL A CG1 1 ? 
ATOM   607  C CG2 . VAL A 1 92  ? -1.270  4.332   3.364   1.000 17.086 0 89  VAL A CG2 1 ? 
ATOM   608  N N   . ASP A 1 93  ? -4.119  0.722   4.641   1.000 17.818 0 90  ASP A N   1 ? 
ATOM   609  C CA  . ASP A 1 93  ? -4.639  -0.645  4.835   1.000 22.768 0 90  ASP A CA  1 ? 
ATOM   610  C C   . ASP A 1 93  ? -4.614  -1.335  3.484   1.000 23.194 0 90  ASP A C   1 ? 
ATOM   611  O O   . ASP A 1 93  ? -4.160  -2.506  3.441   1.000 23.550 0 90  ASP A O   1 ? 
ATOM   612  C CB  . ASP A 1 93  ? -5.987  -0.663  5.563   1.000 28.395 0 90  ASP A CB  1 ? 
ATOM   613  C CG  . ASP A 1 93  ? -6.727  -1.987  5.497   1.000 34.234 0 90  ASP A CG  1 ? 
ATOM   614  O OD1 . ASP A 1 93  ? -6.363  -2.904  6.255   1.000 36.796 0 90  ASP A OD1 1 ? 
ATOM   615  O OD2 . ASP A 1 93  ? -7.687  -2.076  4.705   1.000 40.858 0 90  ASP A OD2 1 ? 
ATOM   616  N N   . SER A 1 94  ? -4.952  -0.614  2.409   1.000 24.166 0 91  SER A N   1 ? 
ATOM   617  C CA  . SER A 1 94  ? -4.864  -1.185  1.051   1.000 19.220 0 91  SER A CA  1 ? 
ATOM   618  C C   . SER A 1 94  ? -4.692  -0.110  -0.016  1.000 15.398 0 91  SER A C   1 ? 
ATOM   619  O O   . SER A 1 94  ? -5.664  0.612   -0.366  1.000 15.707 0 91  SER A O   1 ? 
ATOM   620  C CB  . SER A 1 94  ? -6.059  -2.036  0.798   1.000 21.214 0 91  SER A CB  1 ? 
ATOM   621  O OG  . SER A 1 94  ? -6.023  -2.576  -0.481  1.000 17.893 0 91  SER A OG  1 ? 
ATOM   622  N N   . VAL A 1 95  ? -3.518  -0.060  -0.635  1.000 12.736 0 92  VAL A N   1 ? 
ATOM   623  C CA  . VAL A 1 95  ? -3.351  0.722   -1.866  1.000 13.615 0 92  VAL A CA  1 ? 
ATOM   624  C C   . VAL A 1 95  ? -4.295  0.177   -2.905  1.000 13.591 0 92  VAL A C   1 ? 
ATOM   625  O O   . VAL A 1 95  ? -4.876  0.951   -3.701  1.000 15.077 0 92  VAL A O   1 ? 
ATOM   626  C CB  . VAL A 1 95  ? -1.883  0.642   -2.310  1.000 12.682 0 92  VAL A CB  1 ? 
ATOM   627  C CG1 . VAL A 1 95  ? -1.747  1.227   -3.706  1.000 14.464 0 92  VAL A CG1 1 ? 
ATOM   628  C CG2 . VAL A 1 95  ? -0.956  1.307   -1.305  1.000 13.849 0 92  VAL A CG2 1 ? 
ATOM   629  N N   . THR A 1 96  ? -4.435  -1.133  -2.979  1.000 13.335 0 93  THR A N   1 ? 
ATOM   630  C CA  . THR A 1 96  ? -5.239  -1.794  -4.023  1.000 13.697 0 93  THR A CA  1 ? 
ATOM   631  C C   . THR A 1 96  ? -6.702  -1.364  -3.962  1.000 15.929 0 93  THR A C   1 ? 
ATOM   632  O O   . THR A 1 96  ? -7.279  -1.075  -5.029  1.000 14.971 0 93  THR A O   1 ? 
ATOM   633  C CB  . THR A 1 96  ? -5.075  -3.306  -3.892  1.000 14.308 0 93  THR A CB  1 ? 
ATOM   634  O OG1 . THR A 1 96  ? -3.654  -3.526  -3.821  1.000 14.921 0 93  THR A OG1 1 ? 
ATOM   635  C CG2 . THR A 1 96  ? -5.640  -4.048  -5.071  1.000 16.094 0 93  THR A CG2 1 ? 
ATOM   636  N N   . LEU A 1 97  ? -7.294  -1.348  -2.778  1.000 16.823 0 94  LEU A N   1 ? 
ATOM   637  C CA  . LEU A 1 97  ? -8.731  -0.973  -2.680  1.000 16.991 0 94  LEU A CA  1 ? 
ATOM   638  C C   . LEU A 1 97  ? -8.910  0.510   -2.982  1.000 17.989 0 94  LEU A C   1 ? 
ATOM   639  O O   . LEU A 1 97  ? -9.895  0.837   -3.682  1.000 17.250 0 94  LEU A O   1 ? 
ATOM   640  C CB  . LEU A 1 97  ? -9.268  -1.349  -1.315  1.000 18.255 0 94  LEU A CB  1 ? 
ATOM   641  C CG  . LEU A 1 97  ? -9.362  -2.870  -1.125  1.000 20.490 0 94  LEU A CG  1 ? 
ATOM   642  C CD1 . LEU A 1 97  ? -9.798  -3.216  0.286   1.000 22.791 0 94  LEU A CD1 1 ? 
ATOM   643  C CD2 . LEU A 1 97  ? -10.291 -3.490  -2.130  1.000 23.252 0 94  LEU A CD2 1 ? 
ATOM   644  N N   . TRP A 1 98  ? -7.915  1.331   -2.712  1.000 15.397 0 95  TRP A N   1 ? 
ATOM   645  C CA  . TRP A 1 98  ? -7.972  2.757   -3.133  1.000 16.627 0 95  TRP A CA  1 ? 
ATOM   646  C C   . TRP A 1 98  ? -7.973  2.860   -4.642  1.000 18.590 0 95  TRP A C   1 ? 
ATOM   647  O O   . TRP A 1 98  ? -8.830  3.564   -5.274  1.000 19.331 0 95  TRP A O   1 ? 
ATOM   648  C CB  . TRP A 1 98  ? -6.797  3.496   -2.531  1.000 17.946 0 95  TRP A CB  1 ? 
ATOM   649  C CG  . TRP A 1 98  ? -6.489  4.807   -3.170  1.000 16.243 0 95  TRP A CG  1 ? 
ATOM   650  C CD1 . TRP A 1 98  ? -7.254  5.948   -3.112  1.000 18.433 0 95  TRP A CD1 1 ? 
ATOM   651  C CD2 . TRP A 1 98  ? -5.329  5.147   -3.934  1.000 17.514 0 95  TRP A CD2 1 ? 
ATOM   652  N NE1 . TRP A 1 98  ? -6.642  6.948   -3.807  1.000 19.788 0 95  TRP A NE1 1 ? 
ATOM   653  C CE2 . TRP A 1 98  ? -5.465  6.505   -4.344  1.000 18.388 0 95  TRP A CE2 1 ? 
ATOM   654  C CE3 . TRP A 1 98  ? -4.245  4.422   -4.439  1.000 17.636 0 95  TRP A CE3 1 ? 
ATOM   655  C CZ2 . TRP A 1 98  ? -4.520  7.154   -5.145  1.000 19.090 0 95  TRP A CZ2 1 ? 
ATOM   656  C CZ3 . TRP A 1 98  ? -3.310  5.066   -5.213  1.000 19.386 0 95  TRP A CZ3 1 ? 
ATOM   657  C CH2 . TRP A 1 98  ? -3.445  6.417   -5.567  1.000 18.670 0 95  TRP A CH2 1 ? 
ATOM   658  N N   . LEU A 1 99  ? -7.040  2.218   -5.301  1.000 16.908 0 96  LEU A N   1 ? 
ATOM   659  C CA  . LEU A 1 99  ? -7.049  2.225   -6.781  1.000 18.317 0 96  LEU A CA  1 ? 
ATOM   660  C C   . LEU A 1 99  ? -8.373  1.706   -7.331  1.000 20.253 0 96  LEU A C   1 ? 
ATOM   661  O O   . LEU A 1 99  ? -8.859  2.247   -8.341  1.000 22.096 0 96  LEU A O   1 ? 
ATOM   662  C CB  . LEU A 1 99  ? -5.922  1.319   -7.213  1.000 18.232 0 96  LEU A CB  1 ? 
ATOM   663  C CG  . LEU A 1 99  ? -4.552  1.912   -7.144  1.000 18.902 0 96  LEU A CG  1 ? 
ATOM   664  C CD1 . LEU A 1 99  ? -3.601  0.876   -7.701  1.000 18.783 0 96  LEU A CD1 1 ? 
ATOM   665  C CD2 . LEU A 1 99  ? -4.420  3.218   -7.951  1.000 22.116 0 96  LEU A CD2 1 ? 
ATOM   666  N N   . SER A 1 100 ? -8.907  0.643   -6.775  1.000 18.288 0 97  SER A N   1 ? 
ATOM   667  C CA  . SER A 1 100 ? -10.203 0.057   -7.206  1.000 20.660 0 97  SER A CA  1 ? 
ATOM   668  C C   . SER A 1 100 ? -11.280 1.140   -7.151  1.000 24.264 0 97  SER A C   1 ? 
ATOM   669  O O   . SER A 1 100 ? -12.058 1.239   -8.109  1.000 23.405 0 97  SER A O   1 ? 
ATOM   670  C CB  . SER A 1 100 ? -10.611 -1.087  -6.344  1.000 21.555 0 97  SER A CB  1 ? 
ATOM   671  O OG  . SER A 1 100 ? -11.826 -1.695  -6.813  1.000 26.478 0 97  SER A OG  1 ? 
ATOM   672  N N   . ASN A 1 101 ? -11.311 1.887   -6.056  1.000 21.134 0 98  ASN A N   1 ? 
ATOM   673  C CA  . ASN A 1 101 ? -12.315 2.959   -5.832  1.000 25.284 0 98  ASN A CA  1 ? 
ATOM   674  C C   . ASN A 1 101 ? -12.164 3.980   -6.957  1.000 27.133 0 98  ASN A C   1 ? 
ATOM   675  O O   . ASN A 1 101 ? -13.193 4.352   -7.578  1.000 26.076 0 98  ASN A O   1 ? 
ATOM   676  C CB  . ASN A 1 101 ? -12.139 3.616   -4.476  1.000 24.470 0 98  ASN A CB  1 ? 
ATOM   677  C CG  . ASN A 1 101 ? -12.321 2.698   -3.286  1.000 23.600 0 98  ASN A CG  1 ? 
ATOM   678  O OD1 . ASN A 1 101 ? -12.993 1.667   -3.380  1.000 24.734 0 98  ASN A OD1 1 ? 
ATOM   679  N ND2 . ASN A 1 101 ? -11.796 3.102   -2.149  1.000 22.342 0 98  ASN A ND2 1 ? 
ATOM   680  N N   . LEU A 1 102 ? -10.951 4.427   -7.250  1.000 23.047 0 99  LEU A N   1 ? 
ATOM   681  C CA  . LEU A 1 102 ? -10.735 5.431   -8.320  1.000 25.549 0 99  LEU A CA  1 ? 
ATOM   682  C C   . LEU A 1 102 ? -11.168 4.834   -9.660  1.000 32.021 0 99  LEU A C   1 ? 
ATOM   683  O O   . LEU A 1 102 ? -11.901 5.509   -10.417 1.000 30.936 0 99  LEU A O   1 ? 
ATOM   684  C CB  . LEU A 1 102 ? -9.280  5.901   -8.345  1.000 27.635 0 99  LEU A CB  1 ? 
ATOM   685  C CG  . LEU A 1 102 ? -8.779  6.607   -7.088  1.000 27.330 0 99  LEU A CG  1 ? 
ATOM   686  C CD1 . LEU A 1 102 ? -7.343  7.082   -7.286  1.000 29.142 0 99  LEU A CD1 1 ? 
ATOM   687  C CD2 . LEU A 1 102 ? -9.673  7.781   -6.716  1.000 30.886 0 99  LEU A CD2 1 ? 
ATOM   688  N N   . LEU A 1 103 ? -10.758 3.603   -9.965  1.000 27.741 0 100 LEU A N   1 ? 
ATOM   689  C CA  . LEU A 1 103 ? -11.061 2.966   -11.274 1.000 30.435 0 100 LEU A CA  1 ? 
ATOM   690  C C   . LEU A 1 103 ? -12.574 2.887   -11.503 1.000 31.600 0 100 LEU A C   1 ? 
ATOM   691  O O   . LEU A 1 103 ? -13.039 3.207   -12.642 1.000 32.189 0 100 LEU A O   1 ? 
ATOM   692  C CB  . LEU A 1 103 ? -10.464 1.565   -11.248 1.000 29.113 0 100 LEU A CB  1 ? 
ATOM   693  C CG  . LEU A 1 103 ? -10.747 0.724   -12.489 1.000 29.209 0 100 LEU A CG  1 ? 
ATOM   694  C CD1 . LEU A 1 103 ? -9.800  1.088   -13.603 1.000 34.695 0 100 LEU A CD1 1 ? 
ATOM   695  C CD2 . LEU A 1 103 ? -10.639 -0.751  -12.145 1.000 29.985 0 100 LEU A CD2 1 ? 
ATOM   696  N N   . LEU A 1 104 ? -13.306 2.372   -10.519 1.000 30.504 0 101 LEU A N   1 ? 
ATOM   697  C CA  . LEU A 1 104 ? -14.743 2.045   -10.707 1.000 34.145 0 101 LEU A CA  1 ? 
ATOM   698  C C   . LEU A 1 104 ? -15.485 3.351   -11.015 1.000 37.727 0 101 LEU A C   1 ? 
ATOM   699  O O   . LEU A 1 104 ? -16.365 3.319   -11.906 1.000 34.664 0 101 LEU A O   1 ? 
ATOM   700  C CB  . LEU A 1 104 ? -15.304 1.312   -9.484  1.000 33.976 0 101 LEU A CB  1 ? 
ATOM   701  C CG  . LEU A 1 104 ? -14.872 -0.155  -9.346  1.000 37.642 0 101 LEU A CG  1 ? 
ATOM   702  C CD1 . LEU A 1 104 ? -15.526 -0.795  -8.128  1.000 36.146 0 101 LEU A CD1 1 ? 
ATOM   703  C CD2 . LEU A 1 104 ? -15.186 -0.968  -10.601 1.000 37.709 0 101 LEU A CD2 1 ? 
ATOM   704  N N   . ARG A 1 105 ? -15.081 4.454   -10.367 1.000 35.541 0 102 ARG A N   1 ? 
ATOM   705  C CA  . ARG A 1 105 ? -15.716 5.792   -10.529 1.000 41.671 0 102 ARG A CA  1 ? 
ATOM   706  C C   . ARG A 1 105 ? -15.548 6.319   -11.957 1.000 42.264 0 102 ARG A C   1 ? 
ATOM   707  O O   . ARG A 1 105 ? -16.418 7.120   -12.369 1.000 45.366 0 102 ARG A O   1 ? 
ATOM   708  C CB  . ARG A 1 105 ? -15.104 6.810   -9.566  1.000 41.188 0 102 ARG A CB  1 ? 
ATOM   709  C CG  . ARG A 1 105 ? -15.763 8.181   -9.618  1.000 45.287 0 102 ARG A CG  1 ? 
ATOM   710  C CD  . ARG A 1 105 ? -15.500 8.919   -8.326  1.000 40.520 0 102 ARG A CD  1 ? 
ATOM   711  N NE  . ARG A 1 105 ? -14.164 9.506   -8.288  1.000 44.283 0 102 ARG A NE  1 ? 
ATOM   712  C CZ  . ARG A 1 105 ? -13.596 10.001  -7.193  1.000 36.322 0 102 ARG A CZ  1 ? 
ATOM   713  N NH1 . ARG A 1 105 ? -14.244 9.946   -6.044  1.000 39.466 0 102 ARG A NH1 1 ? 
ATOM   714  N NH2 . ARG A 1 105 ? -12.386 10.535  -7.251  1.000 35.836 0 102 ARG A NH2 1 ? 
ATOM   715  N N   . GLY A 1 106 ? -14.469 5.925   -12.644 1.000 34.033 0 103 GLY A N   1 ? 
ATOM   716  C CA  . GLY A 1 106 ? -14.101 6.361   -14.001 1.000 38.101 0 103 GLY A CA  1 ? 
ATOM   717  C C   . GLY A 1 106 ? -12.921 7.306   -13.992 1.000 36.862 0 103 GLY A C   1 ? 
ATOM   718  O O   . GLY A 1 106 ? -12.576 7.811   -15.064 1.000 40.869 0 103 GLY A O   1 ? 
ATOM   719  N N   . ASP A 1 107 ? -12.270 7.495   -12.842 1.000 38.409 0 104 ASP A N   1 ? 
ATOM   720  C CA  . ASP A 1 107 ? -11.074 8.369   -12.730 1.000 35.521 0 104 ASP A CA  1 ? 
ATOM   721  C C   . ASP A 1 107 ? -9.926  7.827   -13.573 1.000 37.009 0 104 ASP A C   1 ? 
ATOM   722  O O   . ASP A 1 107 ? -9.754  6.600   -13.615 1.000 40.583 0 104 ASP A O   1 ? 
ATOM   723  C CB  . ASP A 1 107 ? -10.573 8.473   -11.294 1.000 38.783 0 104 ASP A CB  1 ? 
ATOM   724  C CG  . ASP A 1 107 ? -11.538 9.196   -10.391 1.000 41.352 0 104 ASP A CG  1 ? 
ATOM   725  O OD1 . ASP A 1 107 ? -12.720 9.235   -10.729 1.000 45.251 0 104 ASP A OD1 1 ? 
ATOM   726  O OD2 . ASP A 1 107 ? -11.091 9.719   -9.371  1.000 49.173 0 104 ASP A OD2 1 ? 
ATOM   727  N N   . ASP A 1 108 ? -9.134  8.726   -14.149 1.000 35.653 0 105 ASP A N   1 ? 
ATOM   728  C CA  . ASP A 1 108 ? -7.805  8.396   -14.707 1.000 36.802 0 105 ASP A CA  1 ? 
ATOM   729  C C   . ASP A 1 108 ? -6.898  8.093   -13.518 1.000 34.211 0 105 ASP A C   1 ? 
ATOM   730  O O   . ASP A 1 108 ? -6.923  8.873   -12.531 1.000 32.903 0 105 ASP A O   1 ? 
ATOM   731  C CB  . ASP A 1 108 ? -7.202  9.539   -15.518 1.000 39.673 0 105 ASP A CB  1 ? 
ATOM   732  C CG  . ASP A 1 108 ? -5.863  9.179   -16.130 1.000 43.961 0 105 ASP A CG  1 ? 
ATOM   733  O OD1 . ASP A 1 108 ? -5.383  8.047   -15.883 1.000 48.783 0 105 ASP A OD1 1 ? 
ATOM   734  O OD2 . ASP A 1 108 ? -5.290  10.039  -16.826 1.000 41.162 0 105 ASP A OD2 1 ? 
ATOM   735  N N   . LEU A 1 109 ? -6.127  7.009   -13.618 1.000 31.730 0 106 LEU A N   1 ? 
ATOM   736  C CA  . LEU A 1 109 ? -5.329  6.490   -12.478 1.000 29.965 0 106 LEU A CA  1 ? 
ATOM   737  C C   . LEU A 1 109 ? -3.890  6.997   -12.517 1.000 26.866 0 106 LEU A C   1 ? 
ATOM   738  O O   . LEU A 1 109 ? -3.252  6.989   -11.452 1.000 24.429 0 106 LEU A O   1 ? 
ATOM   739  C CB  . LEU A 1 109 ? -5.382  4.964   -12.533 1.000 30.830 0 106 LEU A CB  1 ? 
ATOM   740  C CG  . LEU A 1 109 ? -6.793  4.384   -12.512 1.000 31.000 0 106 LEU A CG  1 ? 
ATOM   741  C CD1 . LEU A 1 109 ? -6.755  2.861   -12.534 1.000 34.025 0 106 LEU A CD1 1 ? 
ATOM   742  C CD2 . LEU A 1 109 ? -7.559  4.841   -11.284 1.000 30.097 0 106 LEU A CD2 1 ? 
ATOM   743  N N   . SER A 1 110 ? -3.352  7.416   -13.652 1.000 29.106 0 107 SER A N   1 ? 
ATOM   744  C CA  . SER A 1 110 ? -1.925  7.821   -13.742 1.000 28.443 0 107 SER A CA  1 ? 
ATOM   745  C C   . SER A 1 110 ? -1.586  8.983   -12.787 1.000 27.179 0 107 SER A C   1 ? 
ATOM   746  O O   . SER A 1 110 ? -0.620  8.919   -12.012 1.000 24.871 0 107 SER A O   1 ? 
ATOM   747  C CB  . SER A 1 110 ? -1.543  8.065   -15.181 1.000 32.086 0 107 SER A CB  1 ? 
ATOM   748  O OG  . SER A 1 110 ? -0.148  8.080   -15.314 1.000 34.062 0 107 SER A OG  1 ? 
ATOM   749  N N   . PRO A 1 111 ? -2.289  10.138  -12.845 1.000 25.633 0 108 PRO A N   1 ? 
ATOM   750  C CA  . PRO A 1 111 ? -1.918  11.271  -11.999 1.000 23.658 0 108 PRO A CA  1 ? 
ATOM   751  C C   . PRO A 1 111 ? -1.955  10.965  -10.502 1.000 21.759 0 108 PRO A C   1 ? 
ATOM   752  O O   . PRO A 1 111 ? -0.992  11.261  -9.822  1.000 21.466 0 108 PRO A O   1 ? 
ATOM   753  C CB  . PRO A 1 111 ? -2.961  12.346  -12.396 1.000 24.951 0 108 PRO A CB  1 ? 
ATOM   754  C CG  . PRO A 1 111 ? -3.323  11.975  -13.808 1.000 27.672 0 108 PRO A CG  1 ? 
ATOM   755  C CD  . PRO A 1 111 ? -3.333  10.453  -13.832 1.000 26.870 0 108 PRO A CD  1 ? 
ATOM   756  N N   . PRO A 1 112 ? -3.033  10.359  -9.961  1.000 22.167 0 109 PRO A N   1 ? 
ATOM   757  C CA  . PRO A 1 112 ? -3.078  10.054  -8.523  1.000 20.506 0 109 PRO A CA  1 ? 
ATOM   758  C C   . PRO A 1 112 ? -1.952  9.096   -8.095  1.000 20.315 0 109 PRO A C   1 ? 
ATOM   759  O O   . PRO A 1 112 ? -1.383  9.222   -6.979  1.000 18.120 0 109 PRO A O   1 ? 
ATOM   760  C CB  . PRO A 1 112 ? -4.442  9.407   -8.274  1.000 22.422 0 109 PRO A CB  1 ? 
ATOM   761  C CG  . PRO A 1 112 ? -5.065  9.201   -9.646  1.000 26.475 0 109 PRO A CG  1 ? 
ATOM   762  C CD  . PRO A 1 112 ? -4.272  10.009  -10.645 1.000 21.482 0 109 PRO A CD  1 ? 
ATOM   763  N N   . ILE A 1 113 ? -1.630  8.153   -8.973  1.000 19.515 0 110 ILE A N   1 ? 
ATOM   764  C CA  . ILE A 1 113 ? -0.496  7.240   -8.663  1.000 17.386 0 110 ILE A CA  1 ? 
ATOM   765  C C   . ILE A 1 113 ? 0.790   8.050   -8.541  1.000 16.913 0 110 ILE A C   1 ? 
ATOM   766  O O   . ILE A 1 113 ? 1.542   7.866   -7.603  1.000 17.101 0 110 ILE A O   1 ? 
ATOM   767  C CB  . ILE A 1 113 ? -0.393  6.093   -9.696  1.000 17.483 0 110 ILE A CB  1 ? 
ATOM   768  C CG1 . ILE A 1 113 ? -1.531  5.092   -9.484  1.000 18.283 0 110 ILE A CG1 1 ? 
ATOM   769  C CG2 . ILE A 1 113 ? 0.954   5.392   -9.611  1.000 18.311 0 110 ILE A CG2 1 ? 
ATOM   770  C CD1 . ILE A 1 113 ? -1.778  4.198   -10.668 1.000 18.260 0 110 ILE A CD1 1 ? 
ATOM   771  N N   . LYS A 1 114 ? 1.088   8.911   -9.528  1.000 18.185 0 111 LYS A N   1 ? 
ATOM   772  C CA  . LYS A 1 114 ? 2.371   9.649   -9.483  1.000 18.111 0 111 LYS A CA  1 ? 
ATOM   773  C C   . LYS A 1 114 ? 2.328   10.656  -8.318  1.000 16.630 0 111 LYS A C   1 ? 
ATOM   774  O O   . LYS A 1 114 ? 3.355   10.872  -7.701  1.000 17.259 0 111 LYS A O   1 ? 
ATOM   775  C CB  . LYS A 1 114 ? 2.534   10.402  -10.812 1.000 20.888 0 111 LYS A CB  1 ? 
ATOM   776  C CG  . LYS A 1 114 ? 2.621   9.467   -12.017 1.000 21.959 0 111 LYS A CG  1 ? 
ATOM   777  C CD  . LYS A 1 114 ? 2.428   10.185  -13.354 1.000 26.657 0 111 LYS A CD  1 ? 
ATOM   778  C CE  . LYS A 1 114 ? 2.674   9.300   -14.567 1.000 31.230 0 111 LYS A CE  1 ? 
ATOM   779  N NZ  . LYS A 1 114 ? 3.278   10.045  -15.703 1.000 34.561 0 111 LYS A NZ  1 ? 
ATOM   780  N N   . ASP A 1 115 ? 1.151   11.219  -8.053  1.000 19.221 0 112 ASP A N   1 ? 
ATOM   781  C CA  . ASP A 1 115 ? 0.963   12.157  -6.913  1.000 21.264 0 112 ASP A CA  1 ? 
ATOM   782  C C   . ASP A 1 115 ? 1.270   11.366  -5.630  1.000 20.663 0 112 ASP A C   1 ? 
ATOM   783  O O   . ASP A 1 115 ? 1.983   11.853  -4.766  1.000 21.538 0 112 ASP A O   1 ? 
ATOM   784  C CB  . ASP A 1 115 ? -0.455  12.737  -6.875  1.000 23.405 0 112 ASP A CB  1 ? 
ATOM   785  C CG  . ASP A 1 115 ? -0.862  13.821  -7.872  1.000 27.318 0 112 ASP A CG  1 ? 
ATOM   786  O OD1 . ASP A 1 115 ? 0.003   14.361  -8.515  1.000 29.050 0 112 ASP A OD1 1 ? 
ATOM   787  O OD2 . ASP A 1 115 ? -2.088  14.040  -8.017  1.000 28.949 0 112 ASP A OD2 1 ? 
ATOM   788  N N   . LEU A 1 116 ? 0.810   10.118  -5.530  1.000 19.557 0 113 LEU A N   1 ? 
ATOM   789  C CA  . LEU A 1 116 ? 1.008   9.363   -4.274  1.000 18.017 0 113 LEU A CA  1 ? 
ATOM   790  C C   . LEU A 1 116 ? 2.491   9.046   -4.083  1.000 17.409 0 113 LEU A C   1 ? 
ATOM   791  O O   . LEU A 1 116 ? 2.988   9.046   -2.979  1.000 17.970 0 113 LEU A O   1 ? 
ATOM   792  C CB  . LEU A 1 116 ? 0.174   8.086   -4.343  1.000 16.516 0 113 LEU A CB  1 ? 
ATOM   793  C CG  . LEU A 1 116 ? 0.282   7.235   -3.079  1.000 17.088 0 113 LEU A CG  1 ? 
ATOM   794  C CD1 . LEU A 1 116 ? -0.395  7.912   -1.906  1.000 18.179 0 113 LEU A CD1 1 ? 
ATOM   795  C CD2 . LEU A 1 116 ? -0.306  5.878   -3.318  1.000 17.491 0 113 LEU A CD2 1 ? 
ATOM   796  N N   . ALA A 1 117 ? 3.212   8.676   -5.140  1.000 16.793 0 114 ALA A N   1 ? 
ATOM   797  C CA  . ALA A 1 117 ? 4.646   8.379   -5.012  1.000 17.942 0 114 ALA A CA  1 ? 
ATOM   798  C C   . ALA A 1 117 ? 5.404   9.618   -4.535  1.000 16.255 0 114 ALA A C   1 ? 
ATOM   799  O O   . ALA A 1 117 ? 6.329   9.473   -3.771  1.000 19.373 0 114 ALA A O   1 ? 
ATOM   800  C CB  . ALA A 1 117 ? 5.158   7.844   -6.321  1.000 19.096 0 114 ALA A CB  1 ? 
ATOM   801  N N   . ARG A 1 118 ? 5.023   10.787  -5.057  1.000 20.618 0 115 ARG A N   1 ? 
ATOM   802  C CA  . ARG A 1 118 ? 5.688   12.035  -4.646  1.000 24.597 0 115 ARG A CA  1 ? 
ATOM   803  C C   . ARG A 1 118 ? 5.373   12.266  -3.176  1.000 23.082 0 115 ARG A C   1 ? 
ATOM   804  O O   . ARG A 1 118 ? 6.323   12.552  -2.400  1.000 24.230 0 115 ARG A O   1 ? 
ATOM   805  C CB  . ARG A 1 118 ? 5.215   13.105  -5.621  1.000 26.064 0 115 ARG A CB  1 ? 
ATOM   806  C CG  . ARG A 1 118 ? 5.836   14.475  -5.438  1.000 38.517 0 115 ARG A CG  1 ? 
ATOM   807  C CD  . ARG A 1 118 ? 4.928   15.251  -4.534  1.000 44.466 0 115 ARG A CD  1 ? 
ATOM   808  N NE  . ARG A 1 118 ? 3.540   15.155  -4.981  1.000 52.142 0 115 ARG A NE  1 ? 
ATOM   809  C CZ  . ARG A 1 118 ? 2.489   15.398  -4.210  1.000 52.668 0 115 ARG A CZ  1 ? 
ATOM   810  N NH1 . ARG A 1 118 ? 2.659   15.806  -2.959  1.000 52.887 0 115 ARG A NH1 1 ? 
ATOM   811  N NH2 . ARG A 1 118 ? 1.276   15.231  -4.703  1.000 53.023 0 115 ARG A NH2 1 ? 
ATOM   812  N N   . THR A 1 119 ? 4.134   12.057  -2.783  1.000 21.937 0 116 THR A N   1 ? 
ATOM   813  C CA  . THR A 1 119 ? 3.727   12.190  -1.357  1.000 22.726 0 116 THR A CA  1 ? 
ATOM   814  C C   . THR A 1 119 ? 4.548   11.242  -0.481  1.000 24.767 0 116 THR A C   1 ? 
ATOM   815  O O   . THR A 1 119 ? 5.021   11.666  0.604   1.000 24.446 0 116 THR A O   1 ? 
ATOM   816  C CB  . THR A 1 119 ? 2.231   11.944  -1.229  1.000 22.659 0 116 THR A CB  1 ? 
ATOM   817  O OG1 . THR A 1 119 ? 1.591   13.014  -1.918  1.000 26.991 0 116 THR A OG1 1 ? 
ATOM   818  C CG2 . THR A 1 119 ? 1.795   11.814  0.217   1.000 23.753 0 116 THR A CG2 1 ? 
ATOM   819  N N   . ALA A 1 120 ? 4.685   9.988   -0.895  1.000 22.416 0 117 ALA A N   1 ? 
ATOM   820  C CA  . ALA A 1 120 ? 5.438   8.952   -0.167  1.000 23.017 0 117 ALA A CA  1 ? 
ATOM   821  C C   . ALA A 1 120 ? 6.871   9.452   0.080   1.000 28.522 0 117 ALA A C   1 ? 
ATOM   822  O O   . ALA A 1 120 ? 7.495   9.074   1.108   1.000 31.415 0 117 ALA A O   1 ? 
ATOM   823  C CB  . ALA A 1 120 ? 5.367   7.631   -0.919  1.000 22.379 0 117 ALA A CB  1 ? 
ATOM   824  N N   . ALA A 1 121 ? 7.361   10.366  -0.755  1.000 32.471 0 118 ALA A N   1 ? 
ATOM   825  C CA  . ALA A 1 121 ? 8.740   10.908  -0.648  1.000 35.284 0 118 ALA A CA  1 ? 
ATOM   826  C C   . ALA A 1 121 ? 8.859   12.071  0.352   1.000 35.610 0 118 ALA A C   1 ? 
ATOM   827  O O   . ALA A 1 121 ? 10.005  12.367  0.722   1.000 40.315 0 118 ALA A O   1 ? 
ATOM   828  C CB  . ALA A 1 121 ? 9.224   11.282  -2.027  1.000 35.874 0 118 ALA A CB  1 ? 
ATOM   829  N N   . ARG A 1 122 ? 7.785   12.714  0.831   1.000 37.722 0 119 ARG A N   1 ? 
ATOM   830  C CA  . ARG A 1 122 ? 7.932   13.974  1.622   1.000 42.234 0 119 ARG A CA  1 ? 
ATOM   831  C C   . ARG A 1 122 ? 7.067   14.042  2.882   1.000 39.994 0 119 ARG A C   1 ? 
ATOM   832  O O   . ARG A 1 122 ? 6.795   15.180  3.333   1.000 36.815 0 119 ARG A O   1 ? 
ATOM   833  C CB  . ARG A 1 122 ? 7.564   15.201  0.780   1.000 49.002 0 119 ARG A CB  1 ? 
ATOM   834  C CG  . ARG A 1 122 ? 6.079   15.370  0.479   1.000 55.746 0 119 ARG A CG  1 ? 
ATOM   835  C CD  . ARG A 1 122 ? 5.873   16.683  -0.268  1.000 63.671 0 119 ARG A CD  1 ? 
ATOM   836  N NE  . ARG A 1 122 ? 4.488   17.020  -0.595  1.000 68.517 0 119 ARG A NE  1 ? 
ATOM   837  C CZ  . ARG A 1 122 ? 4.111   18.150  -1.198  1.000 68.192 0 119 ARG A CZ  1 ? 
ATOM   838  N NH1 . ARG A 1 122 ? 2.832   18.379  -1.454  1.000 70.103 0 119 ARG A NH1 1 ? 
ATOM   839  N NH2 . ARG A 1 122 ? 5.010   19.057  -1.536  1.000 67.704 0 119 ARG A NH2 1 ? 
ATOM   840  N N   . LEU A 1 123 ? 6.631   12.925  3.464   1.000 34.503 0 120 LEU A N   1 ? 
ATOM   841  C CA  . LEU A 1 123 ? 5.715   13.024  4.626   1.000 32.776 0 120 LEU A CA  1 ? 
ATOM   842  C C   . LEU A 1 123 ? 6.434   13.585  5.845   1.000 30.338 0 120 LEU A C   1 ? 
ATOM   843  O O   . LEU A 1 123 ? 7.669   13.385  5.984   1.000 28.581 0 120 LEU A O   1 ? 
ATOM   844  C CB  . LEU A 1 123 ? 5.112   11.656  4.940   1.000 30.563 0 120 LEU A CB  1 ? 
ATOM   845  C CG  . LEU A 1 123 ? 4.031   11.221  3.970   1.000 32.273 0 120 LEU A CG  1 ? 
ATOM   846  C CD1 . LEU A 1 123 ? 3.477   9.887   4.377   1.000 28.913 0 120 LEU A CD1 1 ? 
ATOM   847  C CD2 . LEU A 1 123 ? 2.909   12.222  3.880   1.000 28.645 0 120 LEU A CD2 1 ? 
ATOM   848  N N   . GLU A 1 124 ? 5.654   14.180  6.749   1.000 31.413 0 121 GLU A N   1 ? 
ATOM   849  C CA  . GLU A 1 124 ? 6.151   14.765  8.021   1.000 36.194 0 121 GLU A CA  1 ? 
ATOM   850  C C   . GLU A 1 124 ? 6.382   13.642  9.026   1.000 38.165 0 121 GLU A C   1 ? 
ATOM   851  O O   . GLU A 1 124 ? 6.876   13.926  10.124  1.000 37.915 0 121 GLU A O   1 ? 
ATOM   852  C CB  . GLU A 1 124 ? 5.151   15.781  8.577   1.000 39.099 0 121 GLU A CB  1 ? 
ATOM   853  C CG  . GLU A 1 124 ? 5.298   17.160  7.953   1.000 39.529 0 121 GLU A CG  1 ? 
ATOM   854  C CD  . GLU A 1 124 ? 6.681   17.755  8.148   1.000 38.137 0 121 GLU A CD  1 ? 
ATOM   855  O OE1 . GLU A 1 124 ? 7.014   18.070  9.290   1.000 44.658 0 121 GLU A OE1 1 ? 
ATOM   856  O OE2 . GLU A 1 124 ? 7.430   17.843  7.173   1.000 45.384 0 121 GLU A OE2 1 ? 
ATOM   857  N N   . GLY A 1 125 ? 6.023   12.410  8.662   1.000 33.870 0 122 GLY A N   1 ? 
ATOM   858  C CA  . GLY A 1 125 ? 6.182   11.258  9.558   1.000 27.800 0 122 GLY A CA  1 ? 
ATOM   859  C C   . GLY A 1 125 ? 6.107   9.955   8.775   1.000 24.834 0 122 GLY A C   1 ? 
ATOM   860  O O   . GLY A 1 125 ? 5.831   9.946   7.578   1.000 24.766 0 122 GLY A O   1 ? 
ATOM   861  N N   . PRO A 1 126 ? 6.425   8.839   9.431   1.000 23.728 0 123 PRO A N   1 ? 
ATOM   862  C CA  . PRO A 1 126 ? 6.549   7.547   8.751   1.000 23.010 0 123 PRO A CA  1 ? 
ATOM   863  C C   . PRO A 1 126 ? 5.234   6.886   8.335   1.000 19.810 0 123 PRO A C   1 ? 
ATOM   864  O O   . PRO A 1 126 ? 4.178   7.214   8.806   1.000 20.386 0 123 PRO A O   1 ? 
ATOM   865  C CB  . PRO A 1 126 ? 7.232   6.660   9.770   1.000 22.562 0 123 PRO A CB  1 ? 
ATOM   866  C CG  . PRO A 1 126 ? 6.767   7.251   11.082  1.000 24.389 0 123 PRO A CG  1 ? 
ATOM   867  C CD  . PRO A 1 126 ? 6.769   8.758   10.859  1.000 24.455 0 123 PRO A CD  1 ? 
ATOM   868  N N   . VAL A 1 127 ? 5.356   6.022   7.306   1.000 19.414 0 124 VAL A N   1 ? 
ATOM   869  C CA  . VAL A 1 127 ? 4.196   5.401   6.622   1.000 18.186 0 124 VAL A CA  1 ? 
ATOM   870  C C   . VAL A 1 127 ? 4.588   3.985   6.164   1.000 17.647 0 124 VAL A C   1 ? 
ATOM   871  O O   . VAL A 1 127 ? 5.720   3.744   5.689   1.000 16.763 0 124 VAL A O   1 ? 
ATOM   872  C CB  . VAL A 1 127 ? 3.733   6.271   5.435   1.000 16.973 0 124 VAL A CB  1 ? 
ATOM   873  C CG1 . VAL A 1 127 ? 4.859   6.458   4.395   1.000 21.234 0 124 VAL A CG1 1 ? 
ATOM   874  C CG2 . VAL A 1 127 ? 2.479   5.742   4.783   1.000 17.115 0 124 VAL A CG2 1 ? 
ATOM   875  N N   . ILE A 1 128 ? 3.652   3.077   6.345   1.000 15.604 0 125 ILE A N   1 ? 
ATOM   876  C CA  . ILE A 1 128 ? 3.719   1.734   5.713   1.000 14.934 0 125 ILE A CA  1 ? 
ATOM   877  C C   . ILE A 1 128 ? 2.571   1.678   4.726   1.000 13.906 0 125 ILE A C   1 ? 
ATOM   878  O O   . ILE A 1 128 ? 1.386   1.955   5.069   1.000 15.613 0 125 ILE A O   1 ? 
ATOM   879  C CB  . ILE A 1 128 ? 3.619   0.585   6.731   1.000 14.311 0 125 ILE A CB  1 ? 
ATOM   880  C CG1 . ILE A 1 128 ? 4.687   0.690   7.802   1.000 14.628 0 125 ILE A CG1 1 ? 
ATOM   881  C CG2 . ILE A 1 128 ? 3.692   -0.741  5.986   1.000 14.410 0 125 ILE A CG2 1 ? 
ATOM   882  C CD1 . ILE A 1 128 ? 4.453   -0.271  8.961   1.000 14.955 0 125 ILE A CD1 1 ? 
ATOM   883  N N   . PHE A 1 129 ? 2.893   1.331   3.470   1.000 13.465 0 126 PHE A N   1 ? 
ATOM   884  C CA  . PHE A 1 129 ? 1.890   1.062   2.425   1.000 12.694 0 126 PHE A CA  1 ? 
ATOM   885  C C   . PHE A 1 129 ? 1.737   -0.429  2.238   1.000 13.808 0 126 PHE A C   1 ? 
ATOM   886  O O   . PHE A 1 129 ? 2.733   -1.112  2.068   1.000 14.401 0 126 PHE A O   1 ? 
ATOM   887  C CB  . PHE A 1 129 ? 2.314   1.627   1.077   1.000 14.595 0 126 PHE A CB  1 ? 
ATOM   888  C CG  . PHE A 1 129 ? 2.514   3.115   0.991   1.000 15.139 0 126 PHE A CG  1 ? 
ATOM   889  C CD1 . PHE A 1 129 ? 1.436   3.905   0.652   1.000 16.139 0 126 PHE A CD1 1 ? 
ATOM   890  C CD2 . PHE A 1 129 ? 3.742   3.676   1.277   1.000 16.772 0 126 PHE A CD2 1 ? 
ATOM   891  C CE1 . PHE A 1 129 ? 1.606   5.287   0.560   1.000 15.833 0 126 PHE A CE1 1 ? 
ATOM   892  C CE2 . PHE A 1 129 ? 3.888   5.056   1.219   1.000 16.568 0 126 PHE A CE2 1 ? 
ATOM   893  C CZ  . PHE A 1 129 ? 2.814   5.822   0.829   1.000 16.691 0 126 PHE A CZ  1 ? 
ATOM   894  N N   . VAL A 1 130 ? 0.534   -0.926  2.346   1.000 11.359 0 127 VAL A N   1 ? 
ATOM   895  C CA  . VAL A 1 130 ? 0.193   -2.339  2.120   1.000 12.371 0 127 VAL A CA  1 ? 
ATOM   896  C C   . VAL A 1 130 ? -0.506  -2.414  0.763   1.000 11.814 0 127 VAL A C   1 ? 
ATOM   897  O O   . VAL A 1 130 ? -1.427  -1.652  0.498   1.000 12.083 0 127 VAL A O   1 ? 
ATOM   898  C CB  . VAL A 1 130 ? -0.687  -2.903  3.247   1.000 13.013 0 127 VAL A CB  1 ? 
ATOM   899  C CG1 . VAL A 1 130 ? -0.937  -4.381  2.983   1.000 15.360 0 127 VAL A CG1 1 ? 
ATOM   900  C CG2 . VAL A 1 130 ? -0.027  -2.691  4.606   1.000 14.045 0 127 VAL A CG2 1 ? 
ATOM   901  N N   . SER A 1 131 ? 0.033   -3.206  -0.167  1.000 11.363 0 128 SER A N   1 ? 
ATOM   902  C CA  . SER A 1 131 ? -0.431  -3.250  -1.561  1.000 11.435 0 128 SER A CA  1 ? 
ATOM   903  C C   . SER A 1 131 ? -0.413  -4.678  -2.093  1.000 10.792 0 128 SER A C   1 ? 
ATOM   904  O O   . SER A 1 131 ? 0.448   -5.483  -1.721  1.000 12.354 0 128 SER A O   1 ? 
ATOM   905  C CB  . SER A 1 131 ? 0.372   -2.319  -2.349  1.000 11.787 0 128 SER A CB  1 ? 
ATOM   906  O OG  . SER A 1 131 ? -0.196  -2.156  -3.625  1.000 11.525 0 128 SER A OG  1 ? 
ATOM   907  N N   . ASN A 1 132 ? -1.334  -5.007  -2.959  1.000 10.904 0 129 ASN A N   1 ? 
ATOM   908  C CA  . ASN A 1 132 ? -1.359  -6.339  -3.582  1.000 10.297 0 129 ASN A CA  1 ? 
ATOM   909  C C   . ASN A 1 132 ? -0.511  -6.401  -4.829  1.000 10.283 0 129 ASN A C   1 ? 
ATOM   910  O O   . ASN A 1 132 ? -0.447  -5.454  -5.630  1.000 11.032 0 129 ASN A O   1 ? 
ATOM   911  C CB  . ASN A 1 132 ? -2.770  -6.701  -4.050  1.000 11.047 0 129 ASN A CB  1 ? 
ATOM   912  C CG  . ASN A 1 132 ? -3.616  -7.077  -2.871  1.000 12.784 0 129 ASN A CG  1 ? 
ATOM   913  O OD1 . ASN A 1 132 ? -3.935  -6.266  -2.011  1.000 15.770 0 129 ASN A OD1 1 ? 
ATOM   914  N ND2 . ASN A 1 132 ? -4.113  -8.281  -2.865  1.000 13.649 0 129 ASN A ND2 1 ? 
ATOM   915  N N   . GLU A 1 133 ? 0.110   -7.555  -5.040  1.000 10.037 0 130 GLU A N   1 ? 
ATOM   916  C CA  . GLU A 1 133 ? 0.520   -8.013  -6.367  1.000 10.246 0 130 GLU A CA  1 ? 
ATOM   917  C C   . GLU A 1 133 ? -0.704  -8.573  -7.073  1.000 11.148 0 130 GLU A C   1 ? 
ATOM   918  O O   . GLU A 1 133 ? -1.357  -9.490  -6.537  1.000 11.563 0 130 GLU A O   1 ? 
ATOM   919  C CB  . GLU A 1 133 ? 1.607   -9.086  -6.253  1.000 10.369 0 130 GLU A CB  1 ? 
ATOM   920  C CG  . GLU A 1 133 ? 2.002   -9.633  -7.600  1.000 11.043 0 130 GLU A CG  1 ? 
ATOM   921  C CD  . GLU A 1 133 ? 2.628   -8.616  -8.504  1.000 12.266 0 130 GLU A CD  1 ? 
ATOM   922  O OE1 . GLU A 1 133 ? 2.207   -8.403  -9.681  1.000 12.824 0 130 GLU A OE1 1 ? 
ATOM   923  O OE2 . GLU A 1 133 ? 3.672   -8.032  -8.011  1.000 12.928 0 130 GLU A OE2 1 ? 
ATOM   924  N N   . VAL A 1 134 ? -0.998  -8.020  -8.265  1.000 10.922 0 131 VAL A N   1 ? 
ATOM   925  C CA  . VAL A 1 134 ? -2.126  -8.555  -9.046  1.000 10.990 0 131 VAL A CA  1 ? 
ATOM   926  C C   . VAL A 1 134 ? -1.723  -8.990  -10.430 1.000 11.388 0 131 VAL A C   1 ? 
ATOM   927  O O   . VAL A 1 134 ? -2.608  -9.270  -11.230 1.000 11.353 0 131 VAL A O   1 ? 
ATOM   928  C CB  . VAL A 1 134 ? -3.287  -7.554  -9.091  1.000 11.741 0 131 VAL A CB  1 ? 
ATOM   929  C CG1 . VAL A 1 134 ? -3.705  -7.120  -7.701  1.000 13.326 0 131 VAL A CG1 1 ? 
ATOM   930  C CG2 . VAL A 1 134 ? -2.946  -6.357  -9.953  1.000 12.123 0 131 VAL A CG2 1 ? 
ATOM   931  N N   . GLY A 1 135 ? -0.448  -8.970  -10.767 1.000 11.969 0 132 GLY A N   1 ? 
ATOM   932  C CA  . GLY A 1 135 ? 0.018   -9.069  -12.142 1.000 12.032 0 132 GLY A CA  1 ? 
ATOM   933  C C   . GLY A 1 135 ? 0.491   -10.444 -12.521 1.000 11.448 0 132 GLY A C   1 ? 
ATOM   934  O O   . GLY A 1 135 ? 0.934   -10.576 -13.694 1.000 12.220 0 132 GLY A O   1 ? 
ATOM   935  N N   . ALA A 1 136 ? 0.424   -11.460 -11.661 1.000 10.951 0 133 ALA A N   1 ? 
ATOM   936  C CA  . ALA A 1 136 ? 1.124   -12.732 -11.965 1.000 11.312 0 133 ALA A CA  1 ? 
ATOM   937  C C   . ALA A 1 136 ? 0.149   -13.861 -12.270 1.000 11.857 0 133 ALA A C   1 ? 
ATOM   938  O O   . ALA A 1 136 ? 0.524   -15.033 -12.230 1.000 11.428 0 133 ALA A O   1 ? 
ATOM   939  C CB  . ALA A 1 136 ? 1.985   -13.067 -10.789 1.000 12.097 0 133 ALA A CB  1 ? 
ATOM   940  N N   . GLY A 1 137 ? -1.030  -13.482 -12.748 1.000 12.941 0 134 GLY A N   1 ? 
ATOM   941  C CA  . GLY A 1 137 ? -1.956  -14.397 -13.388 1.000 13.339 0 134 GLY A CA  1 ? 
ATOM   942  C C   . GLY A 1 137 ? -2.096  -14.134 -14.850 1.000 13.726 0 134 GLY A C   1 ? 
ATOM   943  O O   . GLY A 1 137 ? -1.302  -13.430 -15.483 1.000 15.818 0 134 GLY A O   1 ? 
ATOM   944  N N   . ILE A 1 138 ? -3.196  -14.660 -15.419 1.000 15.602 0 135 ILE A N   1 ? 
ATOM   945  C CA  . ILE A 1 138 ? -3.428  -14.524 -16.883 1.000 17.475 0 135 ILE A CA  1 ? 
ATOM   946  C C   . ILE A 1 138 ? -4.004  -13.147 -17.241 1.000 18.040 0 135 ILE A C   1 ? 
ATOM   947  O O   . ILE A 1 138 ? -4.510  -12.455 -16.390 1.000 19.976 0 135 ILE A O   1 ? 
ATOM   948  C CB  . ILE A 1 138 ? -4.324  -15.696 -17.326 1.000 19.251 0 135 ILE A CB  1 ? 
ATOM   949  C CG1 . ILE A 1 138 ? -5.762  -15.525 -16.831 1.000 24.082 0 135 ILE A CG1 1 ? 
ATOM   950  C CG2 . ILE A 1 138 ? -3.709  -17.023 -16.917 1.000 19.596 0 135 ILE A CG2 1 ? 
ATOM   951  C CD1 . ILE A 1 138 ? -6.752  -16.409 -17.561 1.000 23.965 0 135 ILE A CD1 1 ? 
ATOM   952  N N   . VAL A 1 139 ? -3.975  -12.806 -18.518 1.000 20.643 0 136 VAL A N   1 ? 
ATOM   953  C CA  . VAL A 1 139 ? -4.562  -11.514 -18.965 1.000 20.611 0 136 VAL A CA  1 ? 
ATOM   954  C C   . VAL A 1 139 ? -6.065  -11.555 -18.717 1.000 21.406 0 136 VAL A C   1 ? 
ATOM   955  O O   . VAL A 1 139 ? -6.723  -12.486 -19.171 1.000 21.639 0 136 VAL A O   1 ? 
ATOM   956  C CB  . VAL A 1 139 ? -4.280  -11.227 -20.449 1.000 23.654 0 136 VAL A CB  1 ? 
ATOM   957  C CG1 . VAL A 1 139 ? -4.811  -9.876  -20.851 1.000 24.729 0 136 VAL A CG1 1 ? 
ATOM   958  C CG2 . VAL A 1 139 ? -2.817  -11.306 -20.798 1.000 24.681 0 136 VAL A CG2 1 ? 
ATOM   959  N N   . PRO A 1 140 ? -6.616  -10.544 -18.005 1.000 20.033 0 137 PRO A N   1 ? 
ATOM   960  C CA  . PRO A 1 140 ? -8.049  -10.407 -17.772 1.000 21.301 0 137 PRO A CA  1 ? 
ATOM   961  C C   . PRO A 1 140 ? -8.799  -10.317 -19.109 1.000 21.397 0 137 PRO A C   1 ? 
ATOM   962  O O   . PRO A 1 140 ? -8.285  -9.847  -20.069 1.000 21.858 0 137 PRO A O   1 ? 
ATOM   963  C CB  . PRO A 1 140 ? -8.206  -9.143  -16.927 1.000 21.685 0 137 PRO A CB  1 ? 
ATOM   964  C CG  . PRO A 1 140 ? -6.862  -9.028  -16.227 1.000 20.276 0 137 PRO A CG  1 ? 
ATOM   965  C CD  . PRO A 1 140 ? -5.855  -9.549  -17.231 1.000 19.398 0 137 PRO A CD  1 ? 
ATOM   966  N N   . ASP A 1 141 ? -10.036 -10.813 -19.079 1.000 27.311 0 138 ASP A N   1 ? 
ATOM   967  C CA  . ASP A 1 141 ? -10.882 -10.900 -20.289 1.000 28.137 0 138 ASP A CA  1 ? 
ATOM   968  C C   . ASP A 1 141 ? -11.645 -9.594  -20.529 1.000 30.602 0 138 ASP A C   1 ? 
ATOM   969  O O   . ASP A 1 141 ? -12.512 -9.588  -21.413 1.000 29.120 0 138 ASP A O   1 ? 
ATOM   970  C CB  . ASP A 1 141 ? -11.854 -12.077 -20.180 1.000 33.422 0 138 ASP A CB  1 ? 
ATOM   971  C CG  . ASP A 1 141 ? -12.882 -12.016 -19.054 1.000 34.227 0 138 ASP A CG  1 ? 
ATOM   972  O OD1 . ASP A 1 141 ? -13.138 -10.938 -18.502 1.000 35.611 0 138 ASP A OD1 1 ? 
ATOM   973  O OD2 . ASP A 1 141 ? -13.469 -13.076 -18.741 1.000 44.118 0 138 ASP A OD2 1 ? 
ATOM   974  N N   . ASN A 1 142 ? -11.369 -8.530  -19.782 1.000 23.326 0 139 ASN A N   1 ? 
ATOM   975  C CA  . ASN A 1 142 ? -12.124 -7.258  -19.887 1.000 21.615 0 139 ASN A CA  1 ? 
ATOM   976  C C   . ASN A 1 142 ? -11.197 -6.084  -19.597 1.000 21.257 0 139 ASN A C   1 ? 
ATOM   977  O O   . ASN A 1 142 ? -10.204 -6.204  -18.821 1.000 20.010 0 139 ASN A O   1 ? 
ATOM   978  C CB  . ASN A 1 142 ? -13.386 -7.241  -19.034 1.000 21.256 0 139 ASN A CB  1 ? 
ATOM   979  C CG  . ASN A 1 142 ? -13.092 -7.105  -17.553 1.000 23.474 0 139 ASN A CG  1 ? 
ATOM   980  O OD1 . ASN A 1 142 ? -12.930 -5.987  -17.071 1.000 24.429 0 139 ASN A OD1 1 ? 
ATOM   981  N ND2 . ASN A 1 142 ? -12.980 -8.239  -16.884 1.000 28.549 0 139 ASN A ND2 1 ? 
ATOM   982  N N   . ALA A 1 143 ? -11.511 -4.948  -20.182 1.000 20.813 0 140 ALA A N   1 ? 
ATOM   983  C CA  . ALA A 1 143 ? -10.604 -3.786  -20.231 1.000 20.733 0 140 ALA A CA  1 ? 
ATOM   984  C C   . ALA A 1 143 ? -10.481 -3.135  -18.846 1.000 17.630 0 140 ALA A C   1 ? 
ATOM   985  O O   . ALA A 1 143 ? -9.398  -2.588  -18.549 1.000 19.666 0 140 ALA A O   1 ? 
ATOM   986  C CB  . ALA A 1 143 ? -11.096 -2.841  -21.315 1.000 22.033 0 140 ALA A CB  1 ? 
ATOM   987  N N   . LEU A 1 144 ? -11.506 -3.179  -18.038 1.000 20.002 0 141 LEU A N   1 ? 
ATOM   988  C CA  . LEU A 1 144 ? -11.511 -2.574  -16.693 1.000 18.624 0 141 LEU A CA  1 ? 
ATOM   989  C C   . LEU A 1 144 ? -10.476 -3.350  -15.867 1.000 17.665 0 141 LEU A C   1 ? 
ATOM   990  O O   . LEU A 1 144 ? -9.631  -2.707  -15.200 1.000 18.184 0 141 LEU A O   1 ? 
ATOM   991  C CB  . LEU A 1 144 ? -12.918 -2.708  -16.113 1.000 23.276 0 141 LEU A CB  1 ? 
ATOM   992  C CG  . LEU A 1 144 ? -13.283 -1.751  -15.007 1.000 25.670 0 141 LEU A CG  1 ? 
ATOM   993  C CD1 . LEU A 1 144 ? -13.021 -0.297  -15.394 1.000 23.518 0 141 LEU A CD1 1 ? 
ATOM   994  C CD2 . LEU A 1 144 ? -14.740 -1.945  -14.647 1.000 27.300 0 141 LEU A CD2 1 ? 
ATOM   995  N N   . ALA A 1 145 ? -10.545 -4.667  -15.916 1.000 17.362 0 142 ALA A N   1 ? 
ATOM   996  C CA  . ALA A 1 145 ? -9.625  -5.499  -15.108 1.000 17.892 0 142 ALA A CA  1 ? 
ATOM   997  C C   . ALA A 1 145 ? -8.218  -5.347  -15.686 1.000 16.873 0 142 ALA A C   1 ? 
ATOM   998  O O   . ALA A 1 145 ? -7.196  -5.309  -14.919 1.000 16.594 0 142 ALA A O   1 ? 
ATOM   999  C CB  . ALA A 1 145 ? -10.082 -6.923  -15.081 1.000 19.445 0 142 ALA A CB  1 ? 
ATOM   1000 N N   . ARG A 1 146 ? -8.064  -5.245  -17.002 1.000 16.480 0 143 ARG A N   1 ? 
ATOM   1001 C CA  . ARG A 1 146 ? -6.715  -5.078  -17.578 1.000 16.466 0 143 ARG A CA  1 ? 
ATOM   1002 C C   . ARG A 1 146 ? -6.140  -3.748  -17.123 1.000 16.802 0 143 ARG A C   1 ? 
ATOM   1003 O O   . ARG A 1 146 ? -4.921  -3.662  -16.832 1.000 17.737 0 143 ARG A O   1 ? 
ATOM   1004 C CB  . ARG A 1 146 ? -6.701  -5.161  -19.116 1.000 17.895 0 143 ARG A CB  1 ? 
ATOM   1005 C CG  . ARG A 1 146 ? -6.902  -6.564  -19.678 1.000 22.212 0 143 ARG A CG  1 ? 
ATOM   1006 C CD  . ARG A 1 146 ? -6.297  -6.691  -21.096 1.000 23.805 0 143 ARG A CD  1 ? 
ATOM   1007 N NE  . ARG A 1 146 ? -7.063  -5.897  -22.043 1.000 31.744 0 143 ARG A NE  1 ? 
ATOM   1008 C CZ  . ARG A 1 146 ? -8.274  -6.229  -22.487 1.000 32.848 0 143 ARG A CZ  1 ? 
ATOM   1009 N NH1 . ARG A 1 146 ? -8.874  -7.331  -22.064 1.000 34.722 0 143 ARG A NH1 1 ? 
ATOM   1010 N NH2 . ARG A 1 146 ? -8.899  -5.460  -23.370 1.000 36.131 0 143 ARG A NH2 1 ? 
ATOM   1011 N N   . ALA A 1 147 ? -6.934  -2.680  -17.115 1.000 16.822 0 144 ALA A N   1 ? 
ATOM   1012 C CA  . ALA A 1 147 ? -6.463  -1.351  -16.727 1.000 16.496 0 144 ALA A CA  1 ? 
ATOM   1013 C C   . ALA A 1 147 ? -6.061  -1.391  -15.263 1.000 17.057 0 144 ALA A C   1 ? 
ATOM   1014 O O   . ALA A 1 147 ? -5.093  -0.724  -14.881 1.000 16.772 0 144 ALA A O   1 ? 
ATOM   1015 C CB  . ALA A 1 147 ? -7.535  -0.312  -16.975 1.000 17.802 0 144 ALA A CB  1 ? 
ATOM   1016 N N   . PHE A 1 148 ? -6.877  -2.048  -14.482 1.000 16.587 0 145 PHE A N   1 ? 
ATOM   1017 C CA  . PHE A 1 148 ? -6.611  -2.094  -13.033 1.000 17.070 0 145 PHE A CA  1 ? 
ATOM   1018 C C   . PHE A 1 148 ? -5.283  -2.821  -12.811 1.000 18.112 0 145 PHE A C   1 ? 
ATOM   1019 O O   . PHE A 1 148 ? -4.422  -2.363  -11.976 1.000 15.756 0 145 PHE A O   1 ? 
ATOM   1020 C CB  . PHE A 1 148 ? -7.731  -2.793  -12.283 1.000 17.450 0 145 PHE A CB  1 ? 
ATOM   1021 C CG  . PHE A 1 148 ? -7.418  -2.858  -10.810 1.000 21.397 0 145 PHE A CG  1 ? 
ATOM   1022 C CD1 . PHE A 1 148 ? -7.606  -1.749  -10.026 1.000 25.424 0 145 PHE A CD1 1 ? 
ATOM   1023 C CD2 . PHE A 1 148 ? -6.882  -3.998  -10.262 1.000 24.721 0 145 PHE A CD2 1 ? 
ATOM   1024 C CE1 . PHE A 1 148 ? -7.308  -1.786  -8.678  1.000 27.271 0 145 PHE A CE1 1 ? 
ATOM   1025 C CE2 . PHE A 1 148 ? -6.588  -4.036  -8.909  1.000 26.110 0 145 PHE A CE2 1 ? 
ATOM   1026 C CZ  . PHE A 1 148 ? -6.826  -2.932  -8.131  1.000 24.666 0 145 PHE A CZ  1 ? 
ATOM   1027 N N   . ARG A 1 149 ? -5.125  -3.971  -13.425 1.000 15.376 0 146 ARG A N   1 ? 
ATOM   1028 C CA  . ARG A 1 149 ? -3.881  -4.762  -13.322 1.000 15.366 0 146 ARG A CA  1 ? 
ATOM   1029 C C   . ARG A 1 149 ? -2.677  -3.897  -13.703 1.000 15.066 0 146 ARG A C   1 ? 
ATOM   1030 O O   . ARG A 1 149 ? -1.615  -3.868  -13.011 1.000 15.381 0 146 ARG A O   1 ? 
ATOM   1031 C CB  . ARG A 1 149 ? -4.074  -6.005  -14.193 1.000 15.635 0 146 ARG A CB  1 ? 
ATOM   1032 C CG  . ARG A 1 149 ? -2.937  -6.988  -14.182 1.000 18.407 0 146 ARG A CG  1 ? 
ATOM   1033 C CD  . ARG A 1 149 ? -3.615  -8.129  -14.893 1.000 20.593 0 146 ARG A CD  1 ? 
ATOM   1034 N NE  . ARG A 1 149 ? -2.806  -9.263  -15.178 1.000 26.245 0 146 ARG A NE  1 ? 
ATOM   1035 C CZ  . ARG A 1 149 ? -2.249  -9.558  -16.331 1.000 18.751 0 146 ARG A CZ  1 ? 
ATOM   1036 N NH1 . ARG A 1 149 ? -1.597  -10.680 -16.360 1.000 21.227 0 146 ARG A NH1 1 ? 
ATOM   1037 N NH2 . ARG A 1 149 ? -2.233  -8.763  -17.406 1.000 22.572 0 146 ARG A NH2 1 ? 
ATOM   1038 N N   . ASP A 1 150 ? -2.733  -3.161  -14.823 1.000 14.501 0 147 ASP A N   1 ? 
ATOM   1039 C CA  . ASP A 1 150 ? -1.652  -2.302  -15.282 1.000 15.004 0 147 ASP A CA  1 ? 
ATOM   1040 C C   . ASP A 1 150 ? -1.397  -1.220  -14.226 1.000 13.927 0 147 ASP A C   1 ? 
ATOM   1041 O O   . ASP A 1 150 ? -0.257  -0.945  -13.886 1.000 14.733 0 147 ASP A O   1 ? 
ATOM   1042 C CB  . ASP A 1 150 ? -2.025  -1.652  -16.630 1.000 17.603 0 147 ASP A CB  1 ? 
ATOM   1043 C CG  . ASP A 1 150 ? -0.824  -1.086  -17.344 1.000 23.397 0 147 ASP A CG  1 ? 
ATOM   1044 O OD1 . ASP A 1 150 ? -0.473  0.051   -17.058 1.000 30.140 0 147 ASP A OD1 1 ? 
ATOM   1045 O OD2 . ASP A 1 150 ? -0.204  -1.822  -18.142 1.000 33.867 0 147 ASP A OD2 1 ? 
ATOM   1046 N N   . ALA A 1 151 ? -2.440  -0.535  -13.772 1.000 13.929 0 148 ALA A N   1 ? 
ATOM   1047 C CA  . ALA A 1 151 ? -2.293  0.621   -12.875 1.000 14.627 0 148 ALA A CA  1 ? 
ATOM   1048 C C   . ALA A 1 151 ? -1.692  0.149   -11.543 1.000 14.470 0 148 ALA A C   1 ? 
ATOM   1049 O O   . ALA A 1 151 ? -0.779  0.799   -11.007 1.000 14.817 0 148 ALA A O   1 ? 
ATOM   1050 C CB  . ALA A 1 151 ? -3.619  1.268   -12.618 1.000 15.307 0 148 ALA A CB  1 ? 
ATOM   1051 N N   . GLN A 1 152 ? -2.105  -1.002  -11.061 1.000 13.113 0 149 GLN A N   1 ? 
ATOM   1052 C CA  . GLN A 1 152 ? -1.584  -1.512  -9.772  1.000 12.589 0 149 GLN A CA  1 ? 
ATOM   1053 C C   . GLN A 1 152 ? -0.113  -1.884  -9.931  1.000 12.306 0 149 GLN A C   1 ? 
ATOM   1054 O O   . GLN A 1 152 ? 0.692   -1.578  -9.051  1.000 12.215 0 149 GLN A O   1 ? 
ATOM   1055 C CB  . GLN A 1 152 ? -2.374  -2.727  -9.314  1.000 12.386 0 149 GLN A CB  1 ? 
ATOM   1056 C CG  . GLN A 1 152 ? -1.850  -3.343  -8.012  1.000 13.707 0 149 GLN A CG  1 ? 
ATOM   1057 C CD  . GLN A 1 152 ? -2.000  -2.441  -6.826  1.000 16.364 0 149 GLN A CD  1 ? 
ATOM   1058 O OE1 . GLN A 1 152 ? -3.077  -2.400  -6.229  1.000 19.121 0 149 GLN A OE1 1 ? 
ATOM   1059 N NE2 . GLN A 1 152 ? -0.993  -1.647  -6.538  1.000 14.990 0 149 GLN A NE2 1 ? 
ATOM   1060 N N   . GLY A 1 153 ? 0.261   -2.502  -11.045 1.000 12.064 0 150 GLY A N   1 ? 
ATOM   1061 C CA  . GLY A 1 153 ? 1.662   -2.805  -11.313 1.000 11.936 0 150 GLY A CA  1 ? 
ATOM   1062 C C   . GLY A 1 153 ? 2.500   -1.539  -11.341 1.000 12.163 0 150 GLY A C   1 ? 
ATOM   1063 O O   . GLY A 1 153 ? 3.595   -1.456  -10.744 1.000 12.005 0 150 GLY A O   1 ? 
ATOM   1064 N N   . MET A 1 154 ? 2.071   -0.554  -12.092 1.000 12.378 0 151 MET A N   1 ? 
ATOM   1065 C CA  . MET A 1 154 ? 2.791   0.747   -12.179 1.000 13.519 0 151 MET A CA  1 ? 
ATOM   1066 C C   . MET A 1 154 ? 2.878   1.354   -10.780 1.000 13.482 0 151 MET A C   1 ? 
ATOM   1067 O O   . MET A 1 154 ? 3.951   1.810   -10.381 1.000 13.637 0 151 MET A O   1 ? 
ATOM   1068 C CB  . MET A 1 154 ? 2.064   1.657   -13.176 1.000 17.528 0 151 MET A CB  1 ? 
ATOM   1069 C CG  . MET A 1 154 ? 2.866   2.886   -13.522 1.000 20.347 0 151 MET A CG  1 ? 
ATOM   1070 S SD  . MET A 1 154 ? 1.914   4.068   -14.561 1.000 33.726 0 151 MET A SD  1 ? 
ATOM   1071 C CE  . MET A 1 154 ? 0.710   4.710   -13.410 1.000 30.867 0 151 MET A CE  1 ? 
ATOM   1072 N N   . CYS A 1 155 ? 1.784   1.375   -10.055 1.000 12.315 0 152 CYS A N   1 ? 
ATOM   1073 C CA  . CYS A 1 155 ? 1.716   2.023   -8.733  1.000 13.374 0 152 CYS A CA  1 ? 
ATOM   1074 C C   . CYS A 1 155 ? 2.754   1.377   -7.815  1.000 13.078 0 152 CYS A C   1 ? 
ATOM   1075 O O   . CYS A 1 155 ? 3.468   2.065   -7.093  1.000 13.149 0 152 CYS A O   1 ? 
ATOM   1076 C CB  . CYS A 1 155 ? 0.328   1.862   -8.150  1.000 12.848 0 152 CYS A CB  1 ? 
ATOM   1077 S SG  . CYS A 1 155 ? 0.123   2.798   -6.612  1.000 15.134 0 152 CYS A SG  1 ? 
ATOM   1078 N N   . ASN A 1 156 ? 2.798   0.040   -7.786  1.000 12.470 0 153 ASN A N   1 ? 
ATOM   1079 C CA  . ASN A 1 156 ? 3.783   -0.634  -6.904  1.000 13.100 0 153 ASN A CA  1 ? 
ATOM   1080 C C   . ASN A 1 156 ? 5.205   -0.300  -7.333  1.000 11.299 0 153 ASN A C   1 ? 
ATOM   1081 O O   . ASN A 1 156 ? 6.062   -0.162  -6.464  1.000 11.927 0 153 ASN A O   1 ? 
ATOM   1082 C CB  . ASN A 1 156 ? 3.558   -2.129  -6.873  1.000 11.981 0 153 ASN A CB  1 ? 
ATOM   1083 C CG  . ASN A 1 156 ? 2.318   -2.451  -6.076  1.000 12.592 0 153 ASN A CG  1 ? 
ATOM   1084 O OD1 . ASN A 1 156 ? 1.881   -1.615  -5.296  1.000 12.944 0 153 ASN A OD1 1 ? 
ATOM   1085 N ND2 . ASN A 1 156 ? 1.748   -3.636  -6.257  1.000 13.664 0 153 ASN A ND2 1 ? 
ATOM   1086 N N   . GLN A 1 157 ? 5.462   -0.187  -8.630  1.000 11.746 0 154 GLN A N   1 ? 
ATOM   1087 C CA  . GLN A 1 157 ? 6.814   0.251   -9.094  1.000 12.338 0 154 GLN A CA  1 ? 
ATOM   1088 C C   . GLN A 1 157 ? 7.117   1.649   -8.542  1.000 12.677 0 154 GLN A C   1 ? 
ATOM   1089 O O   . GLN A 1 157 ? 8.237   1.864   -8.076  1.000 13.793 0 154 GLN A O   1 ? 
ATOM   1090 C CB  . GLN A 1 157 ? 6.976   0.263   -10.604 1.000 12.608 0 154 GLN A CB  1 ? 
ATOM   1091 C CG  . GLN A 1 157 ? 6.973   -1.117  -11.233 1.000 14.203 0 154 GLN A CG  1 ? 
ATOM   1092 C CD  . GLN A 1 157 ? 7.018   -0.911  -12.717 1.000 15.190 0 154 GLN A CD  1 ? 
ATOM   1093 O OE1 . GLN A 1 157 ? 8.013   -0.414  -13.245 1.000 15.220 0 154 GLN A OE1 1 ? 
ATOM   1094 N NE2 . GLN A 1 157 ? 5.938   -1.222  -13.405 1.000 13.989 0 154 GLN A NE2 1 ? 
ATOM   1095 N N   . ARG A 1 158 ? 6.191   2.570   -8.704  1.000 14.163 0 155 ARG A N   1 ? 
ATOM   1096 C CA  . ARG A 1 158 ? 6.463   3.967   -8.283  1.000 14.615 0 155 ARG A CA  1 ? 
ATOM   1097 C C   . ARG A 1 158 ? 6.584   4.072   -6.772  1.000 15.501 0 155 ARG A C   1 ? 
ATOM   1098 O O   . ARG A 1 158 ? 7.465   4.803   -6.275  1.000 17.257 0 155 ARG A O   1 ? 
ATOM   1099 C CB  . ARG A 1 158 ? 5.420   4.900   -8.854  1.000 15.181 0 155 ARG A CB  1 ? 
ATOM   1100 C CG  . ARG A 1 158 ? 5.268   4.825   -10.368 1.000 17.282 0 155 ARG A CG  1 ? 
ATOM   1101 C CD  . ARG A 1 158 ? 6.386   5.303   -11.257 1.000 23.516 0 155 ARG A CD  1 ? 
ATOM   1102 N NE  . ARG A 1 158 ? 7.661   4.710   -10.991 1.000 31.721 0 155 ARG A NE  1 ? 
ATOM   1103 C CZ  . ARG A 1 158 ? 8.254   3.740   -11.683 1.000 34.179 0 155 ARG A CZ  1 ? 
ATOM   1104 N NH1 . ARG A 1 158 ? 7.704   3.198   -12.770 1.000 30.811 0 155 ARG A NH1 1 ? 
ATOM   1105 N NH2 . ARG A 1 158 ? 9.416   3.320   -11.214 1.000 33.848 0 155 ARG A NH2 1 ? 
ATOM   1106 N N   . LEU A 1 159 ? 5.779   3.317   -6.047  1.000 14.369 0 156 LEU A N   1 ? 
ATOM   1107 C CA  . LEU A 1 159 ? 5.934   3.349   -4.584  1.000 13.797 0 156 LEU A CA  1 ? 
ATOM   1108 C C   . LEU A 1 159 ? 7.244   2.682   -4.180  1.000 14.939 0 156 LEU A C   1 ? 
ATOM   1109 O O   . LEU A 1 159 ? 7.872   3.106   -3.190  1.000 15.300 0 156 LEU A O   1 ? 
ATOM   1110 C CB  . LEU A 1 159 ? 4.766   2.670   -3.882  1.000 14.037 0 156 LEU A CB  1 ? 
ATOM   1111 C CG  . LEU A 1 159 ? 3.447   3.413   -3.917  1.000 13.685 0 156 LEU A CG  1 ? 
ATOM   1112 C CD1 . LEU A 1 159 ? 2.326   2.543   -3.369  1.000 14.906 0 156 LEU A CD1 1 ? 
ATOM   1113 C CD2 . LEU A 1 159 ? 3.541   4.695   -3.106  1.000 16.423 0 156 LEU A CD2 1 ? 
ATOM   1114 N N   . ALA A 1 160 ? 7.660   1.596   -4.824  1.000 13.480 0 157 ALA A N   1 ? 
ATOM   1115 C CA  . ALA A 1 160 ? 8.915   0.921   -4.451  1.000 13.594 0 157 ALA A CA  1 ? 
ATOM   1116 C C   . ALA A 1 160 ? 10.082  1.882   -4.686  1.000 15.504 0 157 ALA A C   1 ? 
ATOM   1117 O O   . ALA A 1 160 ? 11.009  1.893   -3.878  1.000 16.647 0 157 ALA A O   1 ? 
ATOM   1118 C CB  . ALA A 1 160 ? 9.075   -0.338  -5.232  1.000 14.538 0 157 ALA A CB  1 ? 
ATOM   1119 N N   . GLU A 1 161 ? 10.030  2.651   -5.753  1.000 17.077 0 158 GLU A N   1 ? 
ATOM   1120 C CA  . GLU A 1 161 ? 11.097  3.648   -6.062  1.000 17.575 0 158 GLU A CA  1 ? 
ATOM   1121 C C   . GLU A 1 161 ? 11.100  4.705   -4.967  1.000 18.199 0 158 GLU A C   1 ? 
ATOM   1122 O O   . GLU A 1 161 ? 12.206  5.094   -4.521  1.000 19.728 0 158 GLU A O   1 ? 
ATOM   1123 C CB  . GLU A 1 161 ? 10.792  4.227   -7.442  1.000 20.993 0 158 GLU A CB  1 ? 
ATOM   1124 C CG  . GLU A 1 161 ? 11.808  5.228   -7.972  1.000 26.104 0 158 GLU A CG  1 ? 
ATOM   1125 C CD  . GLU A 1 161 ? 11.449  5.624   -9.406  1.000 32.334 0 158 GLU A CD  1 ? 
ATOM   1126 O OE1 . GLU A 1 161 ? 12.385  5.965   -10.160 1.000 44.937 0 158 GLU A OE1 1 ? 
ATOM   1127 O OE2 . GLU A 1 161 ? 10.216  5.554   -9.810  1.000 32.815 0 158 GLU A OE2 1 ? 
ATOM   1128 N N   . ALA A 1 162 ? 9.926   5.119   -4.498  1.000 16.822 0 159 ALA A N   1 ? 
ATOM   1129 C CA  . ALA A 1 162 ? 9.802   6.249   -3.535  1.000 15.948 0 159 ALA A CA  1 ? 
ATOM   1130 C C   . ALA A 1 162 ? 10.158  5.792   -2.142  1.000 18.774 0 159 ALA A C   1 ? 
ATOM   1131 O O   . ALA A 1 162 ? 10.724  6.630   -1.361  1.000 21.120 0 159 ALA A O   1 ? 
ATOM   1132 C CB  . ALA A 1 162 ? 8.451   6.874   -3.588  1.000 16.534 0 159 ALA A CB  1 ? 
ATOM   1133 N N   . CYS A 1 163 ? 9.839   4.570   -1.761  1.000 17.219 0 160 CYS A N   1 ? 
ATOM   1134 C CA  . CYS A 1 163 ? 9.957   4.162   -0.346  1.000 15.783 0 160 CYS A CA  1 ? 
ATOM   1135 C C   . CYS A 1 163 ? 11.406  3.800   0.040   1.000 16.468 0 160 CYS A C   1 ? 
ATOM   1136 O O   . CYS A 1 163 ? 12.163  3.221   -0.772  1.000 17.653 0 160 CYS A O   1 ? 
ATOM   1137 C CB  . CYS A 1 163 ? 9.009   2.996   -0.099  1.000 17.280 0 160 CYS A CB  1 ? 
ATOM   1138 S SG  . CYS A 1 163 ? 7.274   3.457   0.034   1.000 17.011 0 160 CYS A SG  1 ? 
ATOM   1139 N N   . ASP A 1 164 ? 11.753  3.973   1.330   1.000 16.550 0 161 ASP A N   1 ? 
ATOM   1140 C CA  . ASP A 1 164 ? 13.078  3.574   1.853   1.000 18.612 0 161 ASP A CA  1 ? 
ATOM   1141 C C   . ASP A 1 164 ? 13.264  2.074   1.765   1.000 16.146 0 161 ASP A C   1 ? 
ATOM   1142 O O   . ASP A 1 164 ? 14.341  1.631   1.453   1.000 19.672 0 161 ASP A O   1 ? 
ATOM   1143 C CB  . ASP A 1 164 ? 13.279  4.003   3.299   1.000 18.684 0 161 ASP A CB  1 ? 
ATOM   1144 C CG  . ASP A 1 164 ? 13.330  5.512   3.474   1.000 22.232 0 161 ASP A CG  1 ? 
ATOM   1145 O OD1 . ASP A 1 164 ? 13.734  6.216   2.525   1.000 21.249 0 161 ASP A OD1 1 ? 
ATOM   1146 O OD2 . ASP A 1 164 ? 13.029  5.961   4.582   1.000 26.253 0 161 ASP A OD2 1 ? 
ATOM   1147 N N   . ALA A 1 165 ? 12.202  1.283   1.973   1.000 15.973 0 162 ALA A N   1 ? 
ATOM   1148 C CA  . ALA A 1 165 ? 12.319  -0.176  2.095   1.000 15.999 0 162 ALA A CA  1 ? 
ATOM   1149 C C   . ALA A 1 165 ? 11.085  -0.798  1.423   1.000 14.314 0 162 ALA A C   1 ? 
ATOM   1150 O O   . ALA A 1 165 ? 10.006  -0.170  1.410   1.000 14.889 0 162 ALA A O   1 ? 
ATOM   1151 C CB  . ALA A 1 165 ? 12.398  -0.608  3.542   1.000 17.571 0 162 ALA A CB  1 ? 
ATOM   1152 N N   . VAL A 1 166 ? 11.297  -2.000  0.918   1.000 14.764 0 163 VAL A N   1 ? 
ATOM   1153 C CA  . VAL A 1 166 ? 10.226  -2.798  0.243   1.000 14.109 0 163 VAL A CA  1 ? 
ATOM   1154 C C   . VAL A 1 166 ? 10.381  -4.228  0.721   1.000 13.764 0 163 VAL A C   1 ? 
ATOM   1155 O O   . VAL A 1 166 ? 11.486  -4.797  0.643   1.000 13.543 0 163 VAL A O   1 ? 
ATOM   1156 C CB  . VAL A 1 166 ? 10.340  -2.712  -1.276  1.000 13.055 0 163 VAL A CB  1 ? 
ATOM   1157 C CG1 . VAL A 1 166 ? 9.237   -3.524  -1.922  1.000 12.724 0 163 VAL A CG1 1 ? 
ATOM   1158 C CG2 . VAL A 1 166 ? 10.301  -1.299  -1.784  1.000 13.330 0 163 VAL A CG2 1 ? 
ATOM   1159 N N   . THR A 1 167 ? 9.293   -4.840  1.157   1.000 12.750 0 164 THR A N   1 ? 
ATOM   1160 C CA  . THR A 1 167 ? 9.241   -6.230  1.583   1.000 12.734 0 164 THR A CA  1 ? 
ATOM   1161 C C   . THR A 1 167 ? 8.177   -6.925  0.734   1.000 12.784 0 164 THR A C   1 ? 
ATOM   1162 O O   . THR A 1 167 ? 7.045   -6.345  0.588   1.000 14.712 0 164 THR A O   1 ? 
ATOM   1163 C CB  . THR A 1 167 ? 8.947   -6.395  3.059   1.000 15.114 0 164 THR A CB  1 ? 
ATOM   1164 O OG1 . THR A 1 167 ? 7.689   -5.831  3.391   1.000 19.607 0 164 THR A OG1 1 ? 
ATOM   1165 C CG2 . THR A 1 167 ? 9.989   -5.729  3.912   1.000 13.949 0 164 THR A CG2 1 ? 
ATOM   1166 N N   . LEU A 1 168 ? 8.510   -8.096  0.264   1.000 12.842 0 165 LEU A N   1 ? 
ATOM   1167 C CA  . LEU A 1 168 ? 7.532   -9.000  -0.367  1.000 13.855 0 165 LEU A CA  1 ? 
ATOM   1168 C C   . LEU A 1 168 ? 7.104   -10.007 0.689   1.000 14.495 0 165 LEU A C   1 ? 
ATOM   1169 O O   . LEU A 1 168 ? 7.973   -10.631 1.299   1.000 16.582 0 165 LEU A O   1 ? 
ATOM   1170 C CB  . LEU A 1 168 ? 8.156   -9.714  -1.579  1.000 15.163 0 165 LEU A CB  1 ? 
ATOM   1171 C CG  . LEU A 1 168 ? 7.276   -10.703 -2.327  1.000 21.956 0 165 LEU A CG  1 ? 
ATOM   1172 C CD1 . LEU A 1 168 ? 6.067   -9.984  -2.874  1.000 25.788 0 165 LEU A CD1 1 ? 
ATOM   1173 C CD2 . LEU A 1 168 ? 8.044   -11.374 -3.452  1.000 23.974 0 165 LEU A CD2 1 ? 
ATOM   1174 N N   . VAL A 1 169 ? 5.808   -10.245 0.871   1.000 12.050 0 166 VAL A N   1 ? 
ATOM   1175 C CA  . VAL A 1 169 ? 5.278   -11.215 1.846   1.000 12.928 0 166 VAL A CA  1 ? 
ATOM   1176 C C   . VAL A 1 169 ? 4.659   -12.355 1.034   1.000 12.588 0 166 VAL A C   1 ? 
ATOM   1177 O O   . VAL A 1 169 ? 3.773   -12.115 0.219   1.000 14.255 0 166 VAL A O   1 ? 
ATOM   1178 C CB  . VAL A 1 169 ? 4.303   -10.598 2.829   1.000 13.714 0 166 VAL A CB  1 ? 
ATOM   1179 C CG1 . VAL A 1 169 ? 3.808   -11.658 3.817   1.000 14.457 0 166 VAL A CG1 1 ? 
ATOM   1180 C CG2 . VAL A 1 169 ? 4.951   -9.412  3.567   1.000 12.936 0 166 VAL A CG2 1 ? 
ATOM   1181 N N   . THR A 1 170 ? 5.170   -13.568 1.205   1.000 11.841 0 167 THR A N   1 ? 
ATOM   1182 C CA  . THR A 1 170 ? 4.731   -14.792 0.530   1.000 12.520 0 167 THR A CA  1 ? 
ATOM   1183 C C   . THR A 1 170 ? 4.400   -15.817 1.609   1.000 12.988 0 167 THR A C   1 ? 
ATOM   1184 O O   . THR A 1 170 ? 5.301   -16.190 2.438   1.000 12.356 0 167 THR A O   1 ? 
ATOM   1185 C CB  . THR A 1 170 ? 5.849   -15.313 -0.346  1.000 15.177 0 167 THR A CB  1 ? 
ATOM   1186 O OG1 . THR A 1 170 ? 7.008   -15.569 0.427   1.000 20.267 0 167 THR A OG1 1 ? 
ATOM   1187 C CG2 . THR A 1 170 ? 6.275   -14.289 -1.322  1.000 12.349 0 167 THR A CG2 1 ? 
ATOM   1188 N N   . ALA A 1 171 ? 3.178   -16.289 1.673   1.000 11.995 0 168 ALA A N   1 ? 
ATOM   1189 C CA  . ALA A 1 171 ? 2.770   -17.342 2.611   1.000 12.972 0 168 ALA A CA  1 ? 
ATOM   1190 C C   . ALA A 1 171 ? 3.118   -16.876 4.020   1.000 14.022 0 168 ALA A C   1 ? 
ATOM   1191 O O   . ALA A 1 171 ? 3.572   -17.692 4.880   1.000 13.670 0 168 ALA A O   1 ? 
ATOM   1192 C CB  . ALA A 1 171 ? 3.419   -18.666 2.275   1.000 12.935 0 168 ALA A CB  1 ? 
ATOM   1193 N N   . GLY A 1 172 ? 2.929   -15.602 4.302   1.000 12.403 0 169 GLY A N   1 ? 
ATOM   1194 C CA  . GLY A 1 172 ? 3.124   -15.049 5.656   1.000 12.917 0 169 GLY A CA  1 ? 
ATOM   1195 C C   . GLY A 1 172 ? 4.551   -14.784 6.004   1.000 15.031 0 169 GLY A C   1 ? 
ATOM   1196 O O   . GLY A 1 172 ? 4.800   -14.337 7.165   1.000 17.517 0 169 GLY A O   1 ? 
ATOM   1197 N N   . ILE A 1 173 ? 5.478   -14.997 5.083   1.000 13.620 0 170 ILE A N   1 ? 
ATOM   1198 C CA  . ILE A 1 173 ? 6.919   -14.778 5.348   1.000 13.938 0 170 ILE A CA  1 ? 
ATOM   1199 C C   . ILE A 1 173 ? 7.386   -13.568 4.575   1.000 14.308 0 170 ILE A C   1 ? 
ATOM   1200 O O   . ILE A 1 173 ? 7.236   -13.517 3.330   1.000 13.913 0 170 ILE A O   1 ? 
ATOM   1201 C CB  . ILE A 1 173 ? 7.734   -16.039 5.024   1.000 15.469 0 170 ILE A CB  1 ? 
ATOM   1202 C CG1 . ILE A 1 173 ? 7.344   -17.191 5.946   1.000 19.016 0 170 ILE A CG1 1 ? 
ATOM   1203 C CG2 . ILE A 1 173 ? 9.219   -15.718 5.117   1.000 15.926 0 170 ILE A CG2 1 ? 
ATOM   1204 C CD1 . ILE A 1 173 ? 7.963   -18.490 5.550   1.000 21.484 0 170 ILE A CD1 1 ? 
ATOM   1205 N N   . ALA A 1 174 ? 8.033   -12.620 5.252   1.000 14.333 0 171 ALA A N   1 ? 
ATOM   1206 C CA  . ALA A 1 174 ? 8.465   -11.355 4.657   1.000 15.392 0 171 ALA A CA  1 ? 
ATOM   1207 C C   . ALA A 1 174 ? 9.906   -11.477 4.195   1.000 14.416 0 171 ALA A C   1 ? 
ATOM   1208 O O   . ALA A 1 174 ? 10.744  -12.001 4.961   1.000 16.954 0 171 ALA A O   1 ? 
ATOM   1209 C CB  . ALA A 1 174 ? 8.291   -10.276 5.684   1.000 15.755 0 171 ALA A CB  1 ? 
ATOM   1210 N N   . THR A 1 175 ? 10.161  -11.083 2.975   1.000 15.899 0 172 THR A N   1 ? 
ATOM   1211 C CA  . THR A 1 175 ? 11.521  -11.010 2.408   1.000 16.679 0 172 THR A CA  1 ? 
ATOM   1212 C C   . THR A 1 175 ? 11.771  -9.558  2.032   1.000 16.544 0 172 THR A C   1 ? 
ATOM   1213 O O   . THR A 1 175 ? 11.019  -8.981  1.240   1.000 16.650 0 172 THR A O   1 ? 
ATOM   1214 C CB  . THR A 1 175 ? 11.665  -11.951 1.235   1.000 18.886 0 172 THR A CB  1 ? 
ATOM   1215 O OG1 . THR A 1 175 ? 11.469  -13.293 1.666   1.000 21.734 0 172 THR A OG1 1 ? 
ATOM   1216 C CG2 . THR A 1 175 ? 13.014  -11.768 0.578   1.000 20.476 0 172 THR A CG2 1 ? 
ATOM   1217 N N   . GLN A 1 176 ? 12.882  -8.972  2.491   1.000 16.454 0 173 GLN A N   1 ? 
ATOM   1218 C CA  . GLN A 1 176 ? 13.290  -7.601  2.117   1.000 15.870 0 173 GLN A CA  1 ? 
ATOM   1219 C C   . GLN A 1 176 ? 13.911  -7.616  0.737   1.000 16.488 0 173 GLN A C   1 ? 
ATOM   1220 O O   . GLN A 1 176 ? 14.857  -8.396  0.507   1.000 18.590 0 173 GLN A O   1 ? 
ATOM   1221 C CB  . GLN A 1 176 ? 14.308  -7.043  3.120   1.000 18.033 0 173 GLN A CB  1 ? 
ATOM   1222 C CG  . GLN A 1 176 ? 14.751  -5.634  2.783   1.000 19.302 0 173 GLN A CG  1 ? 
ATOM   1223 C CD  . GLN A 1 176 ? 15.832  -5.181  3.743   1.000 24.388 0 173 GLN A CD  1 ? 
ATOM   1224 O OE1 . GLN A 1 176 ? 16.927  -4.786  3.324   1.000 27.980 0 173 GLN A OE1 1 ? 
ATOM   1225 N NE2 . GLN A 1 176 ? 15.496  -5.236  5.011   1.000 23.166 0 173 GLN A NE2 1 ? 
ATOM   1226 N N   . ILE A 1 177 ? 13.414  -6.774  -0.151  1.000 15.546 0 174 ILE A N   1 ? 
ATOM   1227 C CA  . ILE A 1 177 ? 13.997  -6.633  -1.497  1.000 16.362 0 174 ILE A CA  1 ? 
ATOM   1228 C C   . ILE A 1 177 ? 14.569  -5.219  -1.695  1.000 15.801 0 174 ILE A C   1 ? 
ATOM   1229 O O   . ILE A 1 177 ? 15.289  -5.039  -2.684  1.000 16.753 0 174 ILE A O   1 ? 
ATOM   1230 C CB  . ILE A 1 177 ? 12.996  -7.032  -2.591  1.000 15.425 0 174 ILE A CB  1 ? 
ATOM   1231 C CG1 . ILE A 1 177 ? 11.762  -6.129  -2.650  1.000 15.719 0 174 ILE A CG1 1 ? 
ATOM   1232 C CG2 . ILE A 1 177 ? 12.642  -8.494  -2.451  1.000 16.318 0 174 ILE A CG2 1 ? 
ATOM   1233 C CD1 . ILE A 1 177 ? 10.923  -6.337  -3.925  1.000 16.313 0 174 ILE A CD1 1 ? 
ATOM   1234 N N   . LYS A 1 178 ? 14.273  -4.272  -0.818  1.000 15.354 0 175 LYS A N   1 ? 
ATOM   1235 C CA  . LYS A 1 178 ? 14.885  -2.931  -0.835  1.000 16.069 0 175 LYS A CA  1 ? 
ATOM   1236 C C   . LYS A 1 178 ? 15.022  -2.503  0.605   1.000 17.488 0 175 LYS A C   1 ? 
ATOM   1237 O O   . LYS A 1 178 ? 14.093  -2.672  1.356   1.000 18.579 0 175 LYS A O   1 ? 
ATOM   1238 C CB  . LYS A 1 178 ? 14.073  -1.922  -1.632  1.000 16.329 0 175 LYS A CB  1 ? 
ATOM   1239 C CG  . LYS A 1 178 ? 14.656  -0.514  -1.669  1.000 17.097 0 175 LYS A CG  1 ? 
ATOM   1240 C CD  . LYS A 1 178 ? 13.803  0.484   -2.336  1.000 17.189 0 175 LYS A CD  1 ? 
ATOM   1241 C CE  . LYS A 1 178 ? 14.450  1.849   -2.465  1.000 17.360 0 175 LYS A CE  1 ? 
ATOM   1242 N NZ  . LYS A 1 178 ? 13.621  2.867   -3.088  1.000 18.922 0 175 LYS A NZ  1 ? 
ATOM   1243 N N   . PRO A 1 179 ? 16.174  -1.969  1.057   1.000 20.948 0 176 PRO A N   1 ? 
ATOM   1244 C CA  . PRO A 1 179 ? 17.398  -1.871  0.264   1.000 21.373 0 176 PRO A CA  1 ? 
ATOM   1245 C C   . PRO A 1 179 ? 17.983  -3.225  -0.155  1.000 23.689 0 176 PRO A C   1 ? 
ATOM   1246 O O   . PRO A 1 179 ? 17.744  -4.235  0.465   1.000 26.349 0 176 PRO A O   1 ? 
ATOM   1247 C CB  . PRO A 1 179 ? 18.360  -1.144  1.234   1.000 24.038 0 176 PRO A CB  1 ? 
ATOM   1248 C CG  . PRO A 1 179 ? 17.801  -1.369  2.582   1.000 24.534 0 176 PRO A CG  1 ? 
ATOM   1249 C CD  . PRO A 1 179 ? 16.298  -1.459  2.424   1.000 21.305 0 176 PRO A CD  1 ? 
ATOM   1250 N N   . GLY A 1 180 ? 18.739  -3.224  -1.243  1.000 26.078 0 177 GLY A N   1 ? 
ATOM   1251 C CA  . GLY A 1 180 ? 19.393  -4.435  -1.762  1.000 28.152 0 177 GLY A CA  1 ? 
ATOM   1252 C C   . GLY A 1 180 ? 20.050  -4.090  -3.080  1.000 25.828 0 177 GLY A C   1 ? 
ATOM   1253 O O   . GLY A 1 180 ? 19.529  -3.288  -3.828  1.000 26.540 0 177 GLY A O   1 ? 
ATOM   1254 N N   . PRO A 1 181 ? 21.255  -4.610  -3.357  1.000 25.245 0 178 PRO A N   1 ? 
ATOM   1255 C CA  . PRO A 1 181 ? 21.882  -4.284  -4.617  1.000 26.779 0 178 PRO A CA  1 ? 
ATOM   1256 C C   . PRO A 1 181 ? 21.139  -5.015  -5.727  1.000 24.671 0 178 PRO A C   1 ? 
ATOM   1257 O O   . PRO A 1 181 ? 20.973  -6.197  -5.635  1.000 28.191 0 178 PRO A O   1 ? 
ATOM   1258 C CB  . PRO A 1 181 ? 23.339  -4.755  -4.469  1.000 27.224 0 178 PRO A CB  1 ? 
ATOM   1259 C CG  . PRO A 1 181 ? 23.397  -5.551  -3.177  1.000 29.191 0 178 PRO A CG  1 ? 
ATOM   1260 C CD  . PRO A 1 181 ? 22.069  -5.441  -2.460  1.000 30.063 0 178 PRO A CD  1 ? 
ATOM   1261 N N   . GLU A 1 182 ? 20.793  -4.291  -6.764  1.000 22.368 0 179 GLU A N   1 ? 
ATOM   1262 C CA  . GLU A 1 182 ? 20.139  -4.949  -7.925  1.000 25.168 0 179 GLU A CA  1 ? 
ATOM   1263 C C   . GLU A 1 182 ? 21.215  -5.521  -8.846  1.000 24.463 0 179 GLU A C   1 ? 
ATOM   1264 O O   . GLU A 1 182 ? 22.316  -4.988  -8.978  1.000 24.202 0 179 GLU A O   1 ? 
ATOM   1265 C CB  . GLU A 1 182 ? 19.109  -4.037  -8.563  1.000 27.417 0 179 GLU A CB  1 ? 
ATOM   1266 C CG  . GLU A 1 182 ? 17.818  -3.945  -7.746  1.000 27.014 0 179 GLU A CG  1 ? 
ATOM   1267 C CD  . GLU A 1 182 ? 16.745  -3.103  -8.405  1.000 27.542 0 179 GLU A CD  1 ? 
ATOM   1268 O OE1 . GLU A 1 182 ? 16.556  -1.928  -7.991  1.000 33.531 0 179 GLU A OE1 1 ? 
ATOM   1269 O OE2 . GLU A 1 182 ? 16.288  -3.528  -9.437  1.000 22.299 0 179 GLU A OE2 1 ? 
ATOM   1270 N N   . PRO A 1 183 ? 20.930  -6.650  -9.518  1.000 22.696 0 180 PRO A N   1 ? 
ATOM   1271 C CA  . PRO A 1 183 ? 21.898  -7.338  -10.337 1.000 21.920 0 180 PRO A CA  1 ? 
ATOM   1272 C C   . PRO A 1 183 ? 22.279  -6.531  -11.579 1.000 23.436 0 180 PRO A C   1 ? 
ATOM   1273 O O   . PRO A 1 183 ? 21.468  -5.751  -12.091 1.000 27.288 0 180 PRO A O   1 ? 
ATOM   1274 C CB  . PRO A 1 183 ? 21.245  -8.684  -10.731 1.000 24.020 0 180 PRO A CB  1 ? 
ATOM   1275 C CG  . PRO A 1 183 ? 19.799  -8.563  -10.371 1.000 24.649 0 180 PRO A CG  1 ? 
ATOM   1276 C CD  . PRO A 1 183 ? 19.642  -7.374  -9.460  1.000 24.800 0 180 PRO A CD  1 ? 
ATOM   1277 N N   . VAL A 1 184 ? 23.521  -6.710  -12.009 1.000 24.554 0 181 VAL A N   1 ? 
ATOM   1278 C CA  . VAL A 1 184 ? 24.090  -6.093  -13.231 1.000 25.237 0 181 VAL A CA  1 ? 
ATOM   1279 C C   . VAL A 1 184 ? 24.707  -7.230  -14.030 1.000 28.739 0 181 VAL A C   1 ? 
ATOM   1280 O O   . VAL A 1 184 ? 25.369  -8.106  -13.429 1.000 30.139 0 181 VAL A O   1 ? 
ATOM   1281 C CB  . VAL A 1 184 ? 25.143  -5.009  -12.884 1.000 26.623 0 181 VAL A CB  1 ? 
ATOM   1282 C CG1 . VAL A 1 184 ? 25.575  -4.230  -14.108 1.000 29.703 0 181 VAL A CG1 1 ? 
ATOM   1283 C CG2 . VAL A 1 184 ? 24.629  -4.053  -11.848 1.000 28.809 0 181 VAL A CG2 1 ? 
ATOM   1284 N N   . PHE A 1 185 ? 24.519  -7.193  -15.335 1.000 26.519 0 182 PHE A N   1 ? 
ATOM   1285 C CA  . PHE A 1 185 ? 25.093  -8.177  -16.278 1.000 26.629 0 182 PHE A CA  1 ? 
ATOM   1286 C C   . PHE A 1 185 ? 25.831  -7.433  -17.387 1.000 28.595 0 182 PHE A C   1 ? 
ATOM   1287 O O   . PHE A 1 185 ? 25.303  -6.405  -17.922 1.000 30.424 0 182 PHE A O   1 ? 
ATOM   1288 C CB  . PHE A 1 185 ? 23.992  -9.126  -16.750 1.000 31.064 0 182 PHE A CB  1 ? 
ATOM   1289 C CG  . PHE A 1 185 ? 23.297  -9.851  -15.627 1.000 29.226 0 182 PHE A CG  1 ? 
ATOM   1290 C CD1 . PHE A 1 185 ? 23.913  -10.880 -14.943 1.000 29.033 0 182 PHE A CD1 1 ? 
ATOM   1291 C CD2 . PHE A 1 185 ? 22.035  -9.457  -15.231 1.000 30.142 0 182 PHE A CD2 1 ? 
ATOM   1292 C CE1 . PHE A 1 185 ? 23.256  -11.536 -13.910 1.000 29.189 0 182 PHE A CE1 1 ? 
ATOM   1293 C CE2 . PHE A 1 185 ? 21.391  -10.095 -14.194 1.000 26.310 0 182 PHE A CE2 1 ? 
ATOM   1294 C CZ  . PHE A 1 185 ? 21.983  -11.150 -13.547 1.000 27.232 0 182 PHE A CZ  1 ? 
ATOM   1295 N N   . ARG A 1 186 ? 27.009  -7.951  -17.736 1.000 29.657 0 183 ARG A N   1 ? 
ATOM   1296 C CA  . ARG A 1 186 ? 27.740  -7.577  -18.973 1.000 33.102 0 183 ARG A CA  1 ? 
ATOM   1297 C C   . ARG A 1 186 ? 27.491  -8.648  -20.038 1.000 30.881 0 183 ARG A C   1 ? 
ATOM   1298 O O   . ARG A 1 186 ? 27.428  -9.848  -19.678 1.000 32.220 0 183 ARG A O   1 ? 
ATOM   1299 C CB  . ARG A 1 186 ? 29.262  -7.502  -18.822 1.000 33.768 0 183 ARG A CB  1 ? 
ATOM   1300 C CG  . ARG A 1 186 ? 29.886  -6.878  -20.068 1.000 41.610 0 183 ARG A CG  1 ? 
ATOM   1301 C CD  . ARG A 1 186 ? 31.384  -6.735  -20.191 1.000 39.982 0 183 ARG A CD  1 ? 
ATOM   1302 N NE  . ARG A 1 186 ? 32.087  -7.983  -20.410 1.000 39.151 0 183 ARG A NE  1 ? 
ATOM   1303 C CZ  . ARG A 1 186 ? 32.934  -8.554  -19.577 1.000 45.265 0 183 ARG A CZ  1 ? 
ATOM   1304 N NH1 . ARG A 1 186 ? 33.200  -8.024  -18.393 1.000 48.681 0 183 ARG A NH1 1 ? 
ATOM   1305 N NH2 . ARG A 1 186 ? 33.517  -9.683  -19.936 1.000 55.667 0 183 ARG A NH2 1 ? 
ATOM   1306 N N   . PHE A 1 187 ? 27.375  -8.232  -21.300 1.000 25.984 0 184 PHE A N   1 ? 
ATOM   1307 C CA  . PHE A 1 187 ? 27.150  -9.109  -22.474 1.000 24.293 0 184 PHE A CA  1 ? 
ATOM   1308 C C   . PHE A 1 187 ? 28.259  -8.941  -23.530 1.000 29.541 0 184 PHE A C   1 ? 
ATOM   1309 O O   . PHE A 1 187 ? 28.759  -7.817  -23.559 1.000 32.436 0 184 PHE A O   1 ? 
ATOM   1310 C CB  . PHE A 1 187 ? 25.784  -8.808  -23.075 1.000 26.283 0 184 PHE A CB  1 ? 
ATOM   1311 C CG  . PHE A 1 187 ? 24.663  -9.023  -22.089 1.000 24.225 0 184 PHE A CG  1 ? 
ATOM   1312 C CD1 . PHE A 1 187 ? 24.145  -10.288 -21.897 1.000 24.205 0 184 PHE A CD1 1 ? 
ATOM   1313 C CD2 . PHE A 1 187 ? 24.073  -7.948  -21.451 1.000 23.610 0 184 PHE A CD2 1 ? 
ATOM   1314 C CE1 . PHE A 1 187 ? 23.092  -10.477 -21.020 1.000 24.410 0 184 PHE A CE1 1 ? 
ATOM   1315 C CE2 . PHE A 1 187 ? 23.015  -8.137  -20.582 1.000 23.267 0 184 PHE A CE2 1 ? 
ATOM   1316 C CZ  . PHE A 1 187 ? 22.548  -9.402  -20.364 1.000 22.506 0 184 PHE A CZ  1 ? 
HETATM 1317 P P   . PO4 B 2 .   ? -3.819  -13.629 8.355   1.000 25.483 0 201 PO4 A P   1 ? 
HETATM 1318 O O1  . PO4 B 2 .   ? -4.101  -13.775 6.832   1.000 24.525 0 201 PO4 A O1  1 ? 
HETATM 1319 O O2  . PO4 B 2 .   ? -4.962  -14.265 9.208   1.000 29.445 0 201 PO4 A O2  1 ? 
HETATM 1320 O O3  . PO4 B 2 .   ? -3.707  -12.129 8.728   1.000 26.877 0 201 PO4 A O3  1 ? 
HETATM 1321 O O4  . PO4 B 2 .   ? -2.514  -14.313 8.661   1.000 26.565 0 201 PO4 A O4  1 ? 
HETATM 1322 P P   . PO4 C 2 .   ? -3.669  -10.513 5.694   1.000 19.358 0 202 PO4 A P   1 ? 
HETATM 1323 O O1  . PO4 C 2 .   ? -2.904  -9.586  4.723   1.000 22.632 0 202 PO4 A O1  1 ? 
HETATM 1324 O O2  . PO4 C 2 .   ? -5.114  -10.120 5.820   1.000 19.615 0 202 PO4 A O2  1 ? 
HETATM 1325 O O3  . PO4 C 2 .   ? -3.488  -11.898 5.149   1.000 19.832 0 202 PO4 A O3  1 ? 
HETATM 1326 O O4  . PO4 C 2 .   ? -2.923  -10.477 7.078   1.000 18.425 0 202 PO4 A O4  1 ? 
HETATM 1327 P P   . PO4 D 2 .   ? -6.809  -9.796  2.477   1.000 25.284 0 203 PO4 A P   1 ? 
HETATM 1328 O O1  . PO4 D 2 .   ? -5.783  -10.253 1.419   1.000 20.658 0 203 PO4 A O1  1 ? 
HETATM 1329 O O2  . PO4 D 2 .   ? -6.700  -8.308  2.811   1.000 27.255 0 203 PO4 A O2  1 ? 
HETATM 1330 O O3  . PO4 D 2 .   ? -8.184  -10.067 1.889   1.000 26.280 0 203 PO4 A O3  1 ? 
HETATM 1331 O O4  . PO4 D 2 .   ? -6.661  -10.671 3.762   1.000 26.364 0 203 PO4 A O4  1 ? 
HETATM 1332 O O   . HOH E 3 .   ? 2.748   -16.462 9.541   1.000 34.578 0 301 HOH A O   1 ? 
HETATM 1333 O O   . HOH E 3 .   ? -7.224  0.129   3.690   1.000 36.505 0 302 HOH A O   1 ? 
HETATM 1334 O O   . HOH E 3 .   ? 13.038  -2.025  15.455  1.000 36.665 0 303 HOH A O   1 ? 
HETATM 1335 O O   . HOH E 3 .   ? -5.516  -8.592  -0.428  1.000 27.903 0 304 HOH A O   1 ? 
HETATM 1336 O O   . HOH E 3 .   ? -7.576  13.429  6.963   1.000 34.628 0 305 HOH A O   1 ? 
HETATM 1337 O O   . HOH E 3 .   ? 16.383  -10.332 1.095   1.000 44.939 0 306 HOH A O   1 ? 
HETATM 1338 O O   . HOH E 3 .   ? -2.935  6.756   17.629  1.000 31.023 0 307 HOH A O   1 ? 
HETATM 1339 O O   . HOH E 3 .   ? -13.623 -0.216  -5.045  1.000 36.470 0 308 HOH A O   1 ? 
HETATM 1340 O O   . HOH E 3 .   ? -10.333 9.023   13.500  1.000 36.514 0 309 HOH A O   1 ? 
HETATM 1341 O O   . HOH E 3 .   ? -3.096  -10.300 2.238   1.000 14.508 0 310 HOH A O   1 ? 
HETATM 1342 O O   . HOH E 3 .   ? -15.028 -9.653  -22.036 1.000 34.733 0 311 HOH A O   1 ? 
HETATM 1343 O O   . HOH E 3 .   ? 13.116  -13.039 5.156   1.000 29.794 0 312 HOH A O   1 ? 
HETATM 1344 O O   . HOH E 3 .   ? 0.694   16.423  8.633   1.000 32.281 0 313 HOH A O   1 ? 
HETATM 1345 O O   . HOH E 3 .   ? -6.911  -14.506 -20.827 1.000 33.578 0 314 HOH A O   1 ? 
HETATM 1346 O O   . HOH E 3 .   ? -4.251  -7.264  2.911   1.000 24.042 0 315 HOH A O   1 ? 
HETATM 1347 O O   . HOH E 3 .   ? 16.531  2.838   0.656   1.000 31.772 0 316 HOH A O   1 ? 
HETATM 1348 O O   . HOH E 3 .   ? 14.416  6.519   -4.719  1.000 24.405 0 317 HOH A O   1 ? 
HETATM 1349 O O   . HOH E 3 .   ? 5.982   -14.973 9.454   1.000 25.024 0 318 HOH A O   1 ? 
HETATM 1350 O O   . HOH E 3 .   ? -3.702  -3.895  -0.838  1.000 21.218 0 319 HOH A O   1 ? 
HETATM 1351 O O   . HOH E 3 .   ? 5.292   -11.782 7.705   1.000 30.730 0 320 HOH A O   1 ? 
HETATM 1352 O O   . HOH E 3 .   ? 5.831   10.890  -8.683  1.000 25.764 0 321 HOH A O   1 ? 
HETATM 1353 O O   . HOH E 3 .   ? 10.120  8.264   2.141   1.000 32.930 0 322 HOH A O   1 ? 
HETATM 1354 O O   . HOH E 3 .   ? -13.206 -0.414  -1.075  1.000 29.175 0 323 HOH A O   1 ? 
HETATM 1355 O O   . HOH E 3 .   ? -1.137  -4.251  -17.531 1.000 34.423 0 324 HOH A O   1 ? 
HETATM 1356 O O   . HOH E 3 .   ? -6.218  12.793  13.041  1.000 33.735 0 325 HOH A O   1 ? 
HETATM 1357 O O   . HOH E 3 .   ? 2.427   -13.049 -1.912  1.000 14.171 0 326 HOH A O   1 ? 
HETATM 1358 O O   . HOH E 3 .   ? 28.335  -5.496  -22.269 1.000 32.267 0 327 HOH A O   1 ? 
HETATM 1359 O O   . HOH E 3 .   ? 5.542   -7.214  -9.766  1.000 13.268 0 328 HOH A O   1 ? 
HETATM 1360 O O   . HOH E 3 .   ? -15.755 3.838   -6.910  1.000 34.764 0 329 HOH A O   1 ? 
HETATM 1361 O O   . HOH E 3 .   ? -3.706  -9.917  -5.276  1.000 13.261 0 330 HOH A O   1 ? 
HETATM 1362 O O   . HOH E 3 .   ? 16.103  7.513   2.471   1.000 44.617 0 331 HOH A O   1 ? 
HETATM 1363 O O   . HOH E 3 .   ? 10.735  7.652   10.507  1.000 35.197 0 332 HOH A O   1 ? 
HETATM 1364 O O   . HOH E 3 .   ? -0.944  12.472  -3.354  1.000 24.210 0 333 HOH A O   1 ? 
HETATM 1365 O O   . HOH E 3 .   ? -2.732  -11.159 -13.196 1.000 12.241 0 334 HOH A O   1 ? 
HETATM 1366 O O   . HOH E 3 .   ? 13.250  6.538   -0.148  1.000 28.763 0 335 HOH A O   1 ? 
HETATM 1367 O O   . HOH E 3 .   ? 10.358  0.266   -8.764  1.000 21.822 0 336 HOH A O   1 ? 
HETATM 1368 O O   . HOH E 3 .   ? 3.011   -5.355  -8.163  1.000 12.781 0 337 HOH A O   1 ? 
HETATM 1369 O O   . HOH E 3 .   ? -1.193  -15.414 -0.895  1.000 15.913 0 338 HOH A O   1 ? 
HETATM 1370 O O   . HOH E 3 .   ? 16.628  -2.909  -3.845  1.000 24.986 0 339 HOH A O   1 ? 
HETATM 1371 O O   . HOH E 3 .   ? 16.115  -0.849  -5.472  1.000 27.457 0 340 HOH A O   1 ? 
HETATM 1372 O O   . HOH E 3 .   ? -2.453  10.839  -4.994  1.000 25.280 0 341 HOH A O   1 ? 
HETATM 1373 O O   . HOH E 3 .   ? -6.812  -12.124 -14.855 1.000 26.461 0 342 HOH A O   1 ? 
HETATM 1374 O O   . HOH E 3 .   ? 0.154   -5.858  -12.169 1.000 12.621 0 343 HOH A O   1 ? 
HETATM 1375 O O   . HOH E 3 .   ? 8.506   6.905   -7.804  1.000 23.875 0 344 HOH A O   1 ? 
HETATM 1376 O O   . HOH E 3 .   ? 8.038   10.464  3.481   1.000 34.454 0 345 HOH A O   1 ? 
HETATM 1377 O O   . HOH E 3 .   ? 15.458  6.790   5.725   1.000 41.087 0 346 HOH A O   1 ? 
HETATM 1378 O O   . HOH E 3 .   ? -4.191  -4.768  1.757   1.000 25.227 0 347 HOH A O   1 ? 
HETATM 1379 O O   . HOH E 3 .   ? 3.091   15.236  5.888   1.000 37.418 0 348 HOH A O   1 ? 
HETATM 1380 O O   . HOH E 3 .   ? 2.541   -12.087 8.133   1.000 20.830 0 349 HOH A O   1 ? 
HETATM 1381 O O   . HOH E 3 .   ? 5.149   -9.732  -6.305  1.000 27.539 0 350 HOH A O   1 ? 
HETATM 1382 O O   . HOH E 3 .   ? 8.709   -13.319 0.610   1.000 21.273 0 351 HOH A O   1 ? 
HETATM 1383 O O   . HOH E 3 .   ? 3.821   -6.448  17.365  1.000 29.520 0 352 HOH A O   1 ? 
HETATM 1384 O O   . HOH E 3 .   ? 6.564   8.821   19.268  1.000 33.470 0 353 HOH A O   1 ? 
HETATM 1385 O O   . HOH E 3 .   ? 0.433   -5.763  -9.318  1.000 12.349 0 354 HOH A O   1 ? 
HETATM 1386 O O   . HOH E 3 .   ? 4.572   -4.091  -10.118 1.000 12.920 0 355 HOH A O   1 ? 
HETATM 1387 O O   . HOH E 3 .   ? -3.235  -5.889  -17.548 1.000 23.675 0 356 HOH A O   1 ? 
HETATM 1388 O O   . HOH E 3 .   ? -13.280 -6.440  15.083  1.000 38.173 0 357 HOH A O   1 ? 
HETATM 1389 O O   . HOH E 3 .   ? 24.861  -3.850  -19.209 1.000 22.597 0 358 HOH A O   1 ? 
HETATM 1390 O O   . HOH E 3 .   ? 14.816  -10.447 4.067   1.000 25.574 0 359 HOH A O   1 ? 
HETATM 1391 O O   . HOH E 3 .   ? -4.003  1.425   -16.513 1.000 26.551 0 360 HOH A O   1 ? 
HETATM 1392 O O   . HOH E 3 .   ? 3.294   1.330   18.257  1.000 29.713 0 361 HOH A O   1 ? 
HETATM 1393 O O   . HOH E 3 .   ? -1.357  4.110   19.029  1.000 34.827 0 362 HOH A O   1 ? 
HETATM 1394 O O   . HOH E 3 .   ? -10.464 5.840   15.570  1.000 33.992 0 363 HOH A O   1 ? 
HETATM 1395 O O   . HOH E 3 .   ? -4.842  10.425  -3.514  1.000 22.792 0 364 HOH A O   1 ? 
HETATM 1396 O O   . HOH E 3 .   ? -11.615 10.347  0.289   1.000 31.182 0 365 HOH A O   1 ? 
HETATM 1397 O O   . HOH E 3 .   ? -3.193  17.416  2.139   1.000 35.451 0 366 HOH A O   1 ? 
HETATM 1398 O O   . HOH E 3 .   ? -3.412  -14.556 -20.841 1.000 35.827 0 367 HOH A O   1 ? 
HETATM 1399 O O   . HOH E 3 .   ? 3.386   9.713   10.270  1.000 22.196 0 368 HOH A O   1 ? 
HETATM 1400 O O   . HOH E 3 .   ? -0.025  -11.939 -18.563 1.000 22.757 0 369 HOH A O   1 ? 
HETATM 1401 O O   . HOH E 3 .   ? 14.790  -1.105  17.899  1.000 39.194 0 370 HOH A O   1 ? 
HETATM 1402 O O   . HOH E 3 .   ? -13.741 -6.251  -14.159 1.000 40.053 0 371 HOH A O   1 ? 
HETATM 1403 O O   . HOH E 3 .   ? -3.533  9.774   17.208  1.000 40.089 0 372 HOH A O   1 ? 
HETATM 1404 O O   . HOH E 3 .   ? 14.362  1.386   -5.688  1.000 27.342 0 373 HOH A O   1 ? 
HETATM 1405 O O   . HOH E 3 .   ? -13.367 8.432   2.718   1.000 35.363 0 374 HOH A O   1 ? 
HETATM 1406 O O   . HOH E 3 .   ? 9.751   9.487   12.993  1.000 43.649 0 375 HOH A O   1 ? 
HETATM 1407 O O   . HOH E 3 .   ? 15.198  -10.970 -1.282  1.000 36.278 0 376 HOH A O   1 ? 
HETATM 1408 O O   . HOH E 3 .   ? 19.059  -0.340  -2.492  1.000 30.132 0 377 HOH A O   1 ? 
HETATM 1409 O O   . HOH E 3 .   ? 9.915   14.861  10.234  1.000 42.440 0 378 HOH A O   1 ? 
HETATM 1410 O O   . HOH E 3 .   ? -12.740 -8.807  -13.761 1.000 35.965 0 379 HOH A O   1 ? 
HETATM 1411 O O   . HOH E 3 .   ? 0.087   -9.426  -19.532 1.000 32.301 0 380 HOH A O   1 ? 
HETATM 1412 O O   . HOH E 3 .   ? -0.385  18.791  9.993   1.000 51.171 0 381 HOH A O   1 ? 
HETATM 1413 O O   . HOH E 3 .   ? 17.775  -8.333  2.326   1.000 44.521 0 382 HOH A O   1 ? 
HETATM 1414 O O   . HOH E 3 .   ? -0.975  -13.911 -20.197 1.000 30.337 0 383 HOH A O   1 ? 
HETATM 1415 O O   . HOH E 3 .   ? 17.171  -0.703  18.061  1.000 35.562 0 384 HOH A O   1 ? 
HETATM 1416 O O   . HOH E 3 .   ? 12.924  0.992   -8.078  1.000 27.545 0 385 HOH A O   1 ? 
HETATM 1417 O O   . HOH E 3 .   ? -9.056  -5.286  -5.338  1.000 32.731 0 386 HOH A O   1 ? 
HETATM 1418 O O   . HOH E 3 .   ? 18.445  2.077   -0.940  1.000 31.939 0 387 HOH A O   1 ? 
# 
